data_3U4J
#
_entry.id   3U4J
#
_cell.length_a   79.108
_cell.length_b   176.660
_cell.length_c   83.662
_cell.angle_alpha   90.00
_cell.angle_beta   98.49
_cell.angle_gamma   90.00
#
_symmetry.space_group_name_H-M   'P 1 21 1'
#
loop_
_entity.id
_entity.type
_entity.pdbx_description
1 polymer 'NAD-dependent aldehyde dehydrogenase'
2 non-polymer 'CALCIUM ION'
3 water water
#
_entity_poly.entity_id   1
_entity_poly.type   'polypeptide(L)'
_entity_poly.pdbx_seq_one_letter_code
;(MSE)V(MSE)LSNFIAPDSNDPRLRIKSRYQ(MSE)LVDGKSVDAASGSTIDRVSPGHAGEVVGTWPEASADDVRKAVA
AARKAFDAGPWPR(MSE)SGAERSRL(MSE)FKVADLILARQEELALIESLEVGKPIAQARGEIGFCADLWSYAAGQARA
LEGQTHNNIGDDRLGLVLREPVGVVGIITPWNFPFIIASERVPWAIGSGCTVVLKPSEFTSGTSIRLAELAREAGIPDGV
FNVVTGYGDPAGQVLAEDPNVD(MSE)VAFTGSVRVGTKLGEIAARTVKRVGLELGGKGPQIVFADADLDAAADGIAYGV
YHNAGQCCISGSRLLVQEGIRDAL(MSE)ERLLDISRKVAFGDPLNERTKIGA(MSE)ISEAHAEKVHSYVTAGITSGAE
LLLGGERIGREAGLYYAPTVFAGVTPD(MSE)SIAREEIFGPVLSTLTFKTADEAVALANATEFGLSASVWSTNLETALQ
TIRRIRAGRCWINSVIDGTPELPIGGYKKSGLGRELGRYGFDEYSQFKGVHVTLGRPAPWFTAENLYFQSHHHHHHWSHP
QFEK
;
_entity_poly.pdbx_strand_id   A,B,C,D
#
loop_
_chem_comp.id
_chem_comp.type
_chem_comp.name
_chem_comp.formula
CA non-polymer 'CALCIUM ION' 'Ca 2'
#
# COMPACT_ATOMS: atom_id res chain seq x y z
N VAL A 2 -45.83 -31.40 16.75
CA VAL A 2 -45.21 -32.60 16.12
C VAL A 2 -43.79 -32.78 16.67
N MSE A 3 -43.39 -34.02 16.93
CA MSE A 3 -42.00 -34.33 17.24
C MSE A 3 -41.22 -34.56 15.94
O MSE A 3 -41.67 -35.32 15.09
CB MSE A 3 -41.89 -35.57 18.13
CG MSE A 3 -40.47 -36.00 18.43
SE MSE A 3 -39.36 -34.49 19.14
CE MSE A 3 -40.46 -34.08 20.73
N LEU A 4 -40.08 -33.90 15.81
CA LEU A 4 -39.17 -34.15 14.70
C LEU A 4 -38.09 -35.12 15.15
N SER A 5 -37.77 -36.08 14.29
CA SER A 5 -36.80 -37.09 14.66
C SER A 5 -35.35 -36.57 14.56
N ASN A 6 -35.17 -35.38 13.98
CA ASN A 6 -33.84 -34.74 13.94
C ASN A 6 -33.61 -33.82 15.16
N PHE A 7 -34.60 -33.72 16.04
CA PHE A 7 -34.49 -32.95 17.27
C PHE A 7 -33.73 -33.75 18.33
N ILE A 8 -32.69 -33.14 18.92
CA ILE A 8 -31.96 -33.79 20.00
C ILE A 8 -32.43 -33.17 21.32
N ALA A 9 -33.19 -33.92 22.11
CA ALA A 9 -33.78 -33.35 23.31
C ALA A 9 -32.65 -33.03 24.31
N PRO A 10 -32.70 -31.87 24.98
CA PRO A 10 -31.71 -31.55 25.99
C PRO A 10 -31.64 -32.67 27.02
N ASP A 11 -30.43 -33.03 27.42
CA ASP A 11 -30.25 -34.02 28.48
C ASP A 11 -29.99 -33.25 29.79
N SER A 12 -31.00 -33.19 30.66
CA SER A 12 -30.84 -32.48 31.93
C SER A 12 -29.92 -33.19 32.95
N ASN A 13 -29.51 -34.41 32.66
CA ASN A 13 -28.51 -35.09 33.47
C ASN A 13 -27.05 -34.80 33.09
N ASP A 14 -26.84 -33.97 32.07
CA ASP A 14 -25.47 -33.64 31.70
C ASP A 14 -24.80 -32.91 32.86
N PRO A 15 -23.69 -33.47 33.37
CA PRO A 15 -22.98 -32.90 34.53
C PRO A 15 -22.51 -31.44 34.33
N ARG A 16 -22.31 -31.03 33.07
CA ARG A 16 -21.91 -29.65 32.79
C ARG A 16 -23.01 -28.65 33.20
N LEU A 17 -24.25 -29.14 33.32
CA LEU A 17 -25.31 -28.26 33.81
C LEU A 17 -25.24 -28.01 35.33
N ARG A 18 -24.33 -28.69 36.03
CA ARG A 18 -24.10 -28.43 37.47
C ARG A 18 -23.36 -27.11 37.68
N ILE A 19 -22.57 -26.71 36.68
CA ILE A 19 -21.66 -25.59 36.85
C ILE A 19 -22.39 -24.27 37.09
N LYS A 20 -22.09 -23.62 38.21
CA LYS A 20 -22.57 -22.26 38.43
C LYS A 20 -21.41 -21.33 38.21
N SER A 21 -21.64 -20.21 37.53
CA SER A 21 -20.57 -19.29 37.21
C SER A 21 -20.92 -17.85 37.60
N ARG A 22 -20.13 -17.27 38.49
CA ARG A 22 -20.35 -15.87 38.92
C ARG A 22 -19.16 -15.09 38.40
N TYR A 23 -19.42 -14.05 37.60
CA TYR A 23 -18.35 -13.27 36.99
C TYR A 23 -18.34 -11.86 37.51
N GLN A 24 -17.17 -11.22 37.43
CA GLN A 24 -17.03 -9.81 37.80
C GLN A 24 -16.59 -8.96 36.61
N MSE A 25 -16.94 -7.67 36.67
CA MSE A 25 -16.42 -6.71 35.71
C MSE A 25 -14.92 -6.60 35.87
O MSE A 25 -14.36 -7.05 36.88
CB MSE A 25 -17.10 -5.34 35.88
CG MSE A 25 -18.59 -5.40 35.57
SE MSE A 25 -19.34 -3.59 35.60
CE MSE A 25 -19.62 -3.33 37.49
N LEU A 26 -14.24 -6.03 34.88
CA LEU A 26 -12.81 -5.88 35.03
C LEU A 26 -12.45 -4.47 34.62
N VAL A 27 -12.01 -3.67 35.59
CA VAL A 27 -11.72 -2.26 35.40
C VAL A 27 -10.38 -1.90 36.02
N ASP A 28 -9.51 -1.31 35.22
CA ASP A 28 -8.17 -0.86 35.66
C ASP A 28 -7.42 -2.03 36.27
N GLY A 29 -7.60 -3.20 35.67
CA GLY A 29 -6.88 -4.39 36.07
C GLY A 29 -7.45 -5.15 37.23
N LYS A 30 -8.58 -4.65 37.80
CA LYS A 30 -9.22 -5.25 39.00
C LYS A 30 -10.57 -5.85 38.68
N SER A 31 -10.83 -7.04 39.21
CA SER A 31 -12.17 -7.62 39.10
C SER A 31 -13.10 -6.98 40.16
N VAL A 32 -14.22 -6.43 39.71
CA VAL A 32 -15.05 -5.62 40.59
C VAL A 32 -16.53 -5.93 40.39
N ASP A 33 -17.32 -5.71 41.44
CA ASP A 33 -18.77 -5.78 41.36
C ASP A 33 -19.28 -4.42 40.93
N ALA A 34 -20.57 -4.34 40.60
CA ALA A 34 -21.22 -3.05 40.53
C ALA A 34 -21.21 -2.45 41.93
N ALA A 35 -21.09 -1.11 42.01
CA ALA A 35 -21.13 -0.45 43.34
C ALA A 35 -22.36 -0.89 44.13
N SER A 36 -23.48 -1.09 43.43
CA SER A 36 -24.75 -1.49 44.06
C SER A 36 -24.81 -2.96 44.48
N GLY A 37 -23.88 -3.77 43.96
CA GLY A 37 -23.94 -5.22 44.15
C GLY A 37 -25.01 -5.89 43.31
N SER A 38 -25.71 -5.12 42.47
CA SER A 38 -26.80 -5.71 41.66
C SER A 38 -26.18 -6.60 40.55
N THR A 39 -26.87 -7.68 40.22
CA THR A 39 -26.38 -8.62 39.21
C THR A 39 -27.51 -9.05 38.28
N ILE A 40 -27.15 -9.73 37.19
CA ILE A 40 -28.08 -10.22 36.18
C ILE A 40 -27.76 -11.69 36.02
N ASP A 41 -28.78 -12.52 35.97
CA ASP A 41 -28.57 -13.94 35.73
C ASP A 41 -28.83 -14.27 34.26
N ARG A 42 -28.15 -15.30 33.77
CA ARG A 42 -28.44 -15.88 32.46
C ARG A 42 -28.90 -17.32 32.63
N VAL A 43 -30.10 -17.61 32.15
CA VAL A 43 -30.63 -18.97 32.13
C VAL A 43 -30.25 -19.53 30.76
N SER A 44 -29.78 -20.78 30.74
CA SER A 44 -29.40 -21.40 29.47
C SER A 44 -30.61 -21.46 28.57
N PRO A 45 -30.48 -20.99 27.32
CA PRO A 45 -31.68 -21.03 26.48
C PRO A 45 -31.96 -22.44 25.98
N GLY A 46 -30.94 -23.31 26.00
CA GLY A 46 -31.09 -24.68 25.55
C GLY A 46 -31.71 -25.60 26.60
N HIS A 47 -31.71 -25.15 27.86
CA HIS A 47 -32.01 -26.01 29.01
C HIS A 47 -32.85 -25.26 30.06
N ALA A 48 -34.17 -25.37 29.96
CA ALA A 48 -35.04 -24.58 30.85
C ALA A 48 -34.61 -24.56 32.32
N GLY A 49 -34.58 -23.38 32.93
CA GLY A 49 -34.35 -23.25 34.38
C GLY A 49 -32.91 -23.41 34.87
N GLU A 50 -31.97 -23.72 33.97
CA GLU A 50 -30.57 -23.84 34.39
C GLU A 50 -29.90 -22.46 34.37
N VAL A 51 -29.43 -22.01 35.53
CA VAL A 51 -28.78 -20.70 35.62
C VAL A 51 -27.28 -20.92 35.37
N VAL A 52 -26.79 -20.36 34.26
CA VAL A 52 -25.42 -20.68 33.80
C VAL A 52 -24.43 -19.56 33.93
N GLY A 53 -24.90 -18.34 34.21
CA GLY A 53 -24.01 -17.26 34.50
C GLY A 53 -24.67 -16.12 35.25
N THR A 54 -23.88 -15.38 36.02
CA THR A 54 -24.32 -14.11 36.57
C THR A 54 -23.19 -13.11 36.60
N TRP A 55 -23.53 -11.86 36.30
CA TRP A 55 -22.56 -10.80 36.22
C TRP A 55 -23.20 -9.51 36.72
N PRO A 56 -22.39 -8.48 36.98
CA PRO A 56 -22.95 -7.27 37.55
C PRO A 56 -23.92 -6.57 36.62
N GLU A 57 -24.84 -5.83 37.24
CA GLU A 57 -25.69 -4.93 36.51
C GLU A 57 -25.07 -3.56 36.72
N ALA A 58 -24.31 -3.07 35.73
CA ALA A 58 -23.57 -1.82 35.94
C ALA A 58 -24.50 -0.62 35.97
N SER A 59 -24.18 0.32 36.84
CA SER A 59 -24.78 1.65 36.87
C SER A 59 -24.00 2.53 35.88
N ALA A 60 -24.58 3.67 35.53
CA ALA A 60 -23.88 4.68 34.72
C ALA A 60 -22.53 5.04 35.31
N ASP A 61 -22.48 5.17 36.64
CA ASP A 61 -21.21 5.49 37.30
C ASP A 61 -20.17 4.37 37.21
N ASP A 62 -20.60 3.12 37.28
CA ASP A 62 -19.68 1.98 37.11
C ASP A 62 -19.01 2.08 35.72
N VAL A 63 -19.80 2.41 34.69
CA VAL A 63 -19.30 2.51 33.32
C VAL A 63 -18.32 3.66 33.15
N ARG A 64 -18.62 4.81 33.77
CA ARG A 64 -17.70 5.95 33.71
C ARG A 64 -16.36 5.64 34.36
N LYS A 65 -16.36 4.86 35.44
CA LYS A 65 -15.12 4.36 36.05
C LYS A 65 -14.25 3.56 35.06
N ALA A 66 -14.87 2.68 34.29
CA ALA A 66 -14.16 1.92 33.25
C ALA A 66 -13.57 2.84 32.18
N VAL A 67 -14.39 3.79 31.71
CA VAL A 67 -13.95 4.84 30.80
C VAL A 67 -12.78 5.61 31.38
N ALA A 68 -12.85 5.97 32.67
CA ALA A 68 -11.75 6.71 33.28
C ALA A 68 -10.48 5.84 33.32
N ALA A 69 -10.61 4.52 33.48
CA ALA A 69 -9.42 3.64 33.50
C ALA A 69 -8.77 3.55 32.11
N ALA A 70 -9.60 3.47 31.07
CA ALA A 70 -9.11 3.47 29.68
C ALA A 70 -8.46 4.79 29.35
N ARG A 71 -9.09 5.88 29.80
CA ARG A 71 -8.54 7.23 29.64
C ARG A 71 -7.14 7.35 30.25
N LYS A 72 -7.00 6.91 31.50
CA LYS A 72 -5.72 6.94 32.19
C LYS A 72 -4.72 6.02 31.48
N ALA A 73 -5.17 4.82 31.09
CA ALA A 73 -4.28 3.88 30.37
C ALA A 73 -3.72 4.48 29.09
N PHE A 74 -4.55 5.21 28.35
CA PHE A 74 -4.14 5.84 27.12
C PHE A 74 -3.29 7.11 27.31
N ASP A 75 -3.74 7.99 28.21
CA ASP A 75 -3.06 9.27 28.44
C ASP A 75 -1.76 9.19 29.24
N ALA A 76 -1.69 8.27 30.19
CA ALA A 76 -0.52 8.23 31.08
C ALA A 76 0.19 6.87 31.09
N GLY A 77 -0.52 5.80 30.69
CA GLY A 77 0.04 4.45 30.83
C GLY A 77 0.98 4.12 29.68
N PRO A 78 1.66 2.97 29.76
CA PRO A 78 2.68 2.65 28.77
C PRO A 78 2.18 2.09 27.41
N TRP A 79 0.94 1.59 27.34
CA TRP A 79 0.48 0.84 26.15
C TRP A 79 0.66 1.58 24.82
N PRO A 80 0.13 2.81 24.68
CA PRO A 80 0.30 3.42 23.37
C PRO A 80 1.72 3.83 23.09
N ARG A 81 2.56 3.97 24.12
CA ARG A 81 3.97 4.36 23.97
C ARG A 81 4.91 3.14 23.72
N MSE A 82 4.38 1.94 23.90
CA MSE A 82 5.11 0.71 23.55
C MSE A 82 5.36 0.56 22.04
O MSE A 82 4.66 1.15 21.24
CB MSE A 82 4.31 -0.49 24.02
CG MSE A 82 4.51 -0.83 25.46
SE MSE A 82 3.33 -2.34 25.87
CE MSE A 82 3.81 -2.58 27.76
N SER A 83 6.36 -0.23 21.64
CA SER A 83 6.53 -0.50 20.20
C SER A 83 5.37 -1.38 19.75
N GLY A 84 5.11 -1.41 18.45
CA GLY A 84 4.20 -2.38 17.87
C GLY A 84 4.60 -3.81 18.26
N ALA A 85 5.90 -4.09 18.21
CA ALA A 85 6.43 -5.40 18.60
C ALA A 85 6.07 -5.79 20.05
N GLU A 86 6.15 -4.83 20.97
CA GLU A 86 5.79 -5.08 22.37
C GLU A 86 4.30 -5.40 22.53
N ARG A 87 3.46 -4.67 21.81
CA ARG A 87 2.03 -4.90 21.87
C ARG A 87 1.72 -6.25 21.26
N SER A 88 2.39 -6.55 20.14
CA SER A 88 2.20 -7.81 19.42
C SER A 88 2.49 -9.04 20.30
N ARG A 89 3.63 -9.02 20.98
CA ARG A 89 4.01 -10.12 21.89
C ARG A 89 2.94 -10.39 22.95
N LEU A 90 2.39 -9.33 23.54
CA LEU A 90 1.34 -9.50 24.54
C LEU A 90 0.07 -10.07 23.93
N MSE A 91 -0.29 -9.61 22.74
CA MSE A 91 -1.47 -10.13 22.03
C MSE A 91 -1.29 -11.58 21.59
O MSE A 91 -2.27 -12.34 21.58
CB MSE A 91 -1.76 -9.26 20.79
CG MSE A 91 -2.11 -7.83 21.17
SE MSE A 91 -2.07 -6.61 19.66
CE MSE A 91 -3.52 -7.40 18.59
N PHE A 92 -0.07 -11.98 21.23
CA PHE A 92 0.16 -13.42 20.90
C PHE A 92 -0.04 -14.29 22.15
N LYS A 93 0.37 -13.77 23.31
CA LYS A 93 0.14 -14.48 24.58
C LYS A 93 -1.34 -14.69 24.84
N VAL A 94 -2.17 -13.69 24.56
CA VAL A 94 -3.63 -13.86 24.62
C VAL A 94 -4.11 -14.96 23.66
N ALA A 95 -3.68 -14.90 22.39
CA ALA A 95 -4.05 -15.94 21.43
C ALA A 95 -3.67 -17.34 21.93
N ASP A 96 -2.46 -17.47 22.49
CA ASP A 96 -2.04 -18.73 23.15
C ASP A 96 -2.94 -19.15 24.29
N LEU A 97 -3.33 -18.20 25.15
CA LEU A 97 -4.25 -18.52 26.26
C LEU A 97 -5.63 -18.97 25.80
N ILE A 98 -6.15 -18.33 24.74
CA ILE A 98 -7.43 -18.74 24.15
C ILE A 98 -7.42 -20.23 23.77
N LEU A 99 -6.37 -20.66 23.09
CA LEU A 99 -6.18 -22.07 22.82
C LEU A 99 -6.04 -22.94 24.05
N ALA A 100 -5.23 -22.49 25.02
CA ALA A 100 -5.06 -23.25 26.26
C ALA A 100 -6.42 -23.40 27.00
N ARG A 101 -7.29 -22.41 26.88
CA ARG A 101 -8.59 -22.47 27.55
C ARG A 101 -9.73 -22.78 26.58
N GLN A 102 -9.41 -23.46 25.47
CA GLN A 102 -10.42 -23.61 24.41
C GLN A 102 -11.70 -24.32 24.87
N GLU A 103 -11.56 -25.44 25.57
CA GLU A 103 -12.75 -26.23 25.98
C GLU A 103 -13.60 -25.49 27.01
N GLU A 104 -12.94 -24.84 27.97
CA GLU A 104 -13.60 -23.95 28.94
C GLU A 104 -14.41 -22.88 28.21
N LEU A 105 -13.80 -22.20 27.26
CA LEU A 105 -14.47 -21.06 26.62
C LEU A 105 -15.63 -21.52 25.74
N ALA A 106 -15.46 -22.68 25.11
CA ALA A 106 -16.45 -23.17 24.16
C ALA A 106 -17.71 -23.51 24.94
N LEU A 107 -17.49 -24.12 26.11
CA LEU A 107 -18.61 -24.49 26.99
C LEU A 107 -19.40 -23.26 27.49
N ILE A 108 -18.70 -22.22 27.93
CA ILE A 108 -19.35 -20.96 28.33
C ILE A 108 -20.26 -20.46 27.18
N GLU A 109 -19.70 -20.35 25.96
CA GLU A 109 -20.43 -19.80 24.82
C GLU A 109 -21.65 -20.64 24.56
N SER A 110 -21.47 -21.96 24.60
CA SER A 110 -22.56 -22.89 24.33
C SER A 110 -23.72 -22.71 25.32
N LEU A 111 -23.36 -22.70 26.60
CA LEU A 111 -24.36 -22.56 27.66
C LEU A 111 -25.09 -21.22 27.62
N GLU A 112 -24.37 -20.13 27.40
CA GLU A 112 -24.97 -18.80 27.47
C GLU A 112 -25.69 -18.43 26.19
N VAL A 113 -25.13 -18.85 25.06
CA VAL A 113 -25.72 -18.45 23.78
C VAL A 113 -26.74 -19.50 23.27
N GLY A 114 -26.60 -20.76 23.66
CA GLY A 114 -27.38 -21.85 23.04
C GLY A 114 -26.76 -22.35 21.74
N LYS A 115 -25.48 -22.05 21.57
CA LYS A 115 -24.71 -22.40 20.39
C LYS A 115 -24.28 -23.85 20.53
N PRO A 116 -24.44 -24.65 19.45
CA PRO A 116 -23.96 -26.03 19.48
C PRO A 116 -22.47 -26.07 19.88
N ILE A 117 -22.11 -27.01 20.76
CA ILE A 117 -20.76 -27.07 21.35
C ILE A 117 -19.64 -27.29 20.30
N ALA A 118 -19.93 -28.06 19.27
CA ALA A 118 -18.95 -28.27 18.21
C ALA A 118 -18.74 -26.97 17.45
N GLN A 119 -19.81 -26.21 17.19
CA GLN A 119 -19.66 -24.90 16.56
C GLN A 119 -18.91 -23.93 17.49
N ALA A 120 -19.30 -23.89 18.77
CA ALA A 120 -18.63 -23.03 19.74
C ALA A 120 -17.15 -23.33 19.77
N ARG A 121 -16.78 -24.60 19.80
CA ARG A 121 -15.37 -24.99 19.87
C ARG A 121 -14.60 -24.46 18.66
N GLY A 122 -15.19 -24.62 17.47
CA GLY A 122 -14.58 -24.06 16.23
C GLY A 122 -14.45 -22.54 16.26
N GLU A 123 -15.48 -21.87 16.79
CA GLU A 123 -15.37 -20.41 16.98
C GLU A 123 -14.25 -19.93 17.89
N ILE A 124 -14.04 -20.61 19.01
CA ILE A 124 -12.97 -20.24 19.94
C ILE A 124 -11.63 -20.36 19.20
N GLY A 125 -11.43 -21.46 18.47
CA GLY A 125 -10.24 -21.64 17.64
C GLY A 125 -10.05 -20.54 16.62
N PHE A 126 -11.13 -20.18 15.95
CA PHE A 126 -11.11 -19.05 15.03
C PHE A 126 -10.73 -17.73 15.73
N CYS A 127 -11.26 -17.51 16.93
CA CYS A 127 -10.90 -16.30 17.69
C CYS A 127 -9.43 -16.28 18.04
N ALA A 128 -8.87 -17.43 18.39
CA ALA A 128 -7.43 -17.46 18.64
C ALA A 128 -6.69 -17.02 17.35
N ASP A 129 -7.20 -17.43 16.19
CA ASP A 129 -6.59 -17.05 14.89
C ASP A 129 -6.76 -15.55 14.61
N LEU A 130 -7.92 -14.98 14.98
CA LEU A 130 -8.12 -13.55 14.86
C LEU A 130 -7.11 -12.77 15.66
N TRP A 131 -6.90 -13.20 16.90
CA TRP A 131 -5.96 -12.53 17.79
C TRP A 131 -4.55 -12.71 17.18
N SER A 132 -4.23 -13.89 16.65
CA SER A 132 -2.89 -14.08 16.07
C SER A 132 -2.65 -13.24 14.83
N TYR A 133 -3.63 -13.23 13.93
CA TYR A 133 -3.53 -12.40 12.73
C TYR A 133 -3.29 -10.92 13.09
N ALA A 134 -4.09 -10.41 14.04
CA ALA A 134 -4.02 -8.98 14.42
C ALA A 134 -2.69 -8.68 15.09
N ALA A 135 -2.25 -9.61 15.94
CA ALA A 135 -0.94 -9.44 16.60
C ALA A 135 0.17 -9.35 15.58
N GLY A 136 0.11 -10.18 14.54
CA GLY A 136 1.14 -10.16 13.46
C GLY A 136 1.17 -8.81 12.77
N GLN A 137 -0.02 -8.28 12.42
CA GLN A 137 -0.13 -7.03 11.68
C GLN A 137 0.14 -5.79 12.51
N ALA A 138 -0.15 -5.85 13.81
CA ALA A 138 -0.05 -4.71 14.70
C ALA A 138 1.34 -4.08 14.68
N ARG A 139 2.38 -4.91 14.56
CA ARG A 139 3.75 -4.37 14.58
C ARG A 139 4.21 -3.73 13.24
N ALA A 140 3.47 -4.00 12.17
CA ALA A 140 3.89 -3.51 10.85
C ALA A 140 3.08 -2.31 10.33
N LEU A 141 2.24 -1.73 11.17
CA LEU A 141 1.37 -0.63 10.76
C LEU A 141 2.21 0.57 10.39
N GLU A 142 1.87 1.22 9.29
CA GLU A 142 2.72 2.28 8.78
C GLU A 142 1.92 3.51 8.37
N GLY A 143 2.63 4.61 8.15
CA GLY A 143 2.12 5.77 7.43
C GLY A 143 3.04 5.97 6.23
N GLN A 144 3.10 7.20 5.71
CA GLN A 144 3.83 7.46 4.49
C GLN A 144 4.79 8.60 4.64
N THR A 145 5.84 8.55 3.81
CA THR A 145 6.75 9.69 3.60
C THR A 145 6.55 10.23 2.18
N HIS A 146 6.68 11.54 2.05
CA HIS A 146 6.60 12.17 0.77
C HIS A 146 7.89 12.96 0.63
N ASN A 147 8.83 12.39 -0.09
CA ASN A 147 10.21 12.87 -0.19
C ASN A 147 10.36 13.70 -1.44
N ASN A 148 9.23 14.01 -2.09
CA ASN A 148 9.24 14.67 -3.38
C ASN A 148 8.36 15.92 -3.43
N ILE A 149 8.22 16.60 -2.29
CA ILE A 149 7.44 17.86 -2.23
C ILE A 149 8.32 19.11 -2.02
N GLY A 150 9.51 19.10 -2.62
CA GLY A 150 10.46 20.23 -2.53
C GLY A 150 11.69 19.87 -1.71
N ASP A 151 12.87 20.27 -2.17
CA ASP A 151 14.12 19.93 -1.44
C ASP A 151 14.13 20.46 0.00
N ASP A 152 13.41 21.55 0.23
CA ASP A 152 13.34 22.19 1.55
C ASP A 152 12.29 21.61 2.49
N ARG A 153 11.46 20.70 2.01
CA ARG A 153 10.40 20.09 2.81
C ARG A 153 10.42 18.55 2.84
N LEU A 154 9.74 18.00 3.84
CA LEU A 154 9.53 16.56 3.90
C LEU A 154 8.09 16.37 4.37
N GLY A 155 7.33 15.54 3.67
CA GLY A 155 5.97 15.24 4.12
C GLY A 155 5.95 13.94 4.91
N LEU A 156 5.28 13.97 6.04
CA LEU A 156 5.11 12.77 6.84
C LEU A 156 3.64 12.59 7.09
N VAL A 157 3.19 11.35 6.99
CA VAL A 157 1.89 10.99 7.47
C VAL A 157 2.13 9.98 8.58
N LEU A 158 1.77 10.37 9.82
CA LEU A 158 1.96 9.50 10.97
C LEU A 158 0.66 8.81 11.38
N ARG A 159 0.73 7.50 11.60
CA ARG A 159 -0.37 6.75 12.13
C ARG A 159 -0.32 6.75 13.66
N GLU A 160 -1.46 7.08 14.27
CA GLU A 160 -1.59 7.18 15.73
C GLU A 160 -2.90 6.51 16.12
N PRO A 161 -3.03 6.11 17.39
CA PRO A 161 -4.29 5.49 17.78
C PRO A 161 -5.41 6.51 17.93
N VAL A 162 -6.66 6.09 17.70
CA VAL A 162 -7.82 6.97 17.94
C VAL A 162 -7.95 7.33 19.46
N GLY A 163 -7.61 6.41 20.35
CA GLY A 163 -7.63 6.68 21.82
C GLY A 163 -8.52 5.70 22.57
N VAL A 164 -9.56 6.19 23.23
CA VAL A 164 -10.45 5.33 24.01
C VAL A 164 -11.63 4.94 23.17
N VAL A 165 -11.84 3.63 23.06
CA VAL A 165 -12.88 3.08 22.23
C VAL A 165 -13.88 2.30 23.09
N GLY A 166 -15.14 2.66 23.00
CA GLY A 166 -16.19 1.81 23.58
C GLY A 166 -16.67 0.77 22.57
N ILE A 167 -16.61 -0.50 22.96
CA ILE A 167 -16.99 -1.60 22.09
C ILE A 167 -18.21 -2.34 22.62
N ILE A 168 -19.32 -2.31 21.89
CA ILE A 168 -20.59 -2.92 22.31
C ILE A 168 -20.86 -4.08 21.40
N THR A 169 -21.04 -5.26 21.99
CA THR A 169 -21.13 -6.50 21.21
C THR A 169 -22.46 -7.22 21.43
N PRO A 170 -22.94 -7.99 20.42
CA PRO A 170 -24.26 -8.64 20.49
C PRO A 170 -24.22 -10.04 21.06
N TRP A 171 -25.40 -10.63 21.28
CA TRP A 171 -25.52 -11.95 21.91
C TRP A 171 -25.32 -13.13 20.96
N ASN A 172 -25.27 -12.87 19.66
CA ASN A 172 -25.22 -14.00 18.73
C ASN A 172 -23.84 -14.61 18.54
N PHE A 173 -22.81 -13.76 18.53
CA PHE A 173 -21.41 -14.23 18.40
C PHE A 173 -20.52 -13.43 19.36
N PRO A 174 -20.70 -13.64 20.67
CA PRO A 174 -20.03 -12.71 21.59
C PRO A 174 -18.52 -12.79 21.49
N PHE A 175 -17.96 -14.01 21.47
CA PHE A 175 -16.51 -14.12 21.52
C PHE A 175 -15.91 -13.66 20.19
N ILE A 176 -16.58 -14.05 19.11
CA ILE A 176 -16.12 -13.69 17.77
C ILE A 176 -16.04 -12.20 17.60
N ILE A 177 -17.12 -11.50 17.94
CA ILE A 177 -17.19 -10.08 17.69
C ILE A 177 -16.19 -9.33 18.56
N ALA A 178 -16.02 -9.77 19.81
CA ALA A 178 -14.98 -9.16 20.66
C ALA A 178 -13.61 -9.32 19.96
N SER A 179 -13.36 -10.53 19.44
CA SER A 179 -12.11 -10.89 18.80
C SER A 179 -11.90 -10.24 17.42
N GLU A 180 -12.99 -9.81 16.77
CA GLU A 180 -12.89 -9.01 15.52
C GLU A 180 -12.69 -7.52 15.79
N ARG A 181 -12.85 -7.08 17.03
CA ARG A 181 -12.80 -5.63 17.35
C ARG A 181 -11.64 -5.29 18.29
N VAL A 182 -11.62 -5.91 19.47
CA VAL A 182 -10.61 -5.59 20.49
C VAL A 182 -9.16 -5.66 19.96
N PRO A 183 -8.78 -6.77 19.29
CA PRO A 183 -7.35 -6.85 18.89
C PRO A 183 -6.92 -5.76 17.89
N TRP A 184 -7.82 -5.38 16.98
CA TRP A 184 -7.54 -4.33 16.04
C TRP A 184 -7.42 -2.97 16.72
N ALA A 185 -8.27 -2.74 17.71
CA ALA A 185 -8.27 -1.50 18.47
C ALA A 185 -7.03 -1.38 19.37
N ILE A 186 -6.79 -2.34 20.25
CA ILE A 186 -5.61 -2.23 21.14
C ILE A 186 -4.31 -2.44 20.37
N GLY A 187 -4.37 -3.20 19.28
CA GLY A 187 -3.22 -3.35 18.36
C GLY A 187 -2.85 -2.03 17.71
N SER A 188 -3.84 -1.17 17.48
CA SER A 188 -3.59 0.19 17.02
C SER A 188 -3.07 1.14 18.11
N GLY A 189 -3.01 0.68 19.36
CA GLY A 189 -2.53 1.51 20.50
C GLY A 189 -3.67 2.11 21.33
N CYS A 190 -4.92 1.73 21.01
CA CYS A 190 -6.10 2.24 21.73
C CYS A 190 -6.26 1.49 23.03
N THR A 191 -7.06 2.05 23.94
CA THR A 191 -7.51 1.32 25.13
C THR A 191 -9.01 1.21 24.95
N VAL A 192 -9.63 0.23 25.60
CA VAL A 192 -11.02 -0.08 25.30
C VAL A 192 -11.88 -0.35 26.53
N VAL A 193 -13.17 -0.09 26.39
CA VAL A 193 -14.16 -0.59 27.31
C VAL A 193 -15.11 -1.44 26.51
N LEU A 194 -15.16 -2.72 26.87
CA LEU A 194 -15.96 -3.73 26.18
C LEU A 194 -17.26 -3.92 26.94
N LYS A 195 -18.38 -3.78 26.24
CA LYS A 195 -19.70 -4.03 26.79
C LYS A 195 -20.42 -5.16 26.04
N PRO A 196 -20.40 -6.39 26.57
CA PRO A 196 -21.12 -7.46 25.86
C PRO A 196 -22.60 -7.47 26.23
N SER A 197 -23.36 -8.30 25.52
CA SER A 197 -24.77 -8.42 25.79
C SER A 197 -25.06 -8.92 27.21
N GLU A 198 -26.13 -8.38 27.79
CA GLU A 198 -26.69 -8.85 29.07
C GLU A 198 -26.94 -10.34 29.11
N PHE A 199 -27.22 -10.95 27.95
CA PHE A 199 -27.38 -12.42 27.89
C PHE A 199 -26.09 -13.25 27.88
N THR A 200 -24.96 -12.65 27.51
CA THR A 200 -23.80 -13.45 27.09
C THR A 200 -22.48 -12.77 27.46
N SER A 201 -22.27 -12.56 28.75
CA SER A 201 -21.11 -11.81 29.15
C SER A 201 -19.91 -12.66 29.57
N GLY A 202 -20.12 -13.96 29.72
CA GLY A 202 -19.11 -14.83 30.31
C GLY A 202 -17.83 -14.92 29.51
N THR A 203 -17.93 -15.22 28.21
CA THR A 203 -16.65 -15.30 27.45
C THR A 203 -15.93 -13.96 27.31
N SER A 204 -16.66 -12.84 27.32
CA SER A 204 -16.03 -11.52 27.20
C SER A 204 -15.27 -11.09 28.44
N ILE A 205 -15.78 -11.45 29.61
CA ILE A 205 -15.11 -11.18 30.86
C ILE A 205 -13.88 -12.10 30.91
N ARG A 206 -14.07 -13.36 30.54
CA ARG A 206 -12.91 -14.26 30.46
C ARG A 206 -11.83 -13.72 29.52
N LEU A 207 -12.24 -13.14 28.38
CA LEU A 207 -11.25 -12.62 27.43
C LEU A 207 -10.43 -11.48 28.06
N ALA A 208 -11.12 -10.60 28.81
CA ALA A 208 -10.42 -9.51 29.51
C ALA A 208 -9.49 -10.07 30.59
N GLU A 209 -9.91 -11.16 31.21
CA GLU A 209 -9.09 -11.82 32.23
C GLU A 209 -7.87 -12.47 31.61
N LEU A 210 -8.03 -13.05 30.41
CA LEU A 210 -6.86 -13.56 29.67
C LEU A 210 -5.88 -12.46 29.29
N ALA A 211 -6.40 -11.31 28.84
CA ALA A 211 -5.51 -10.16 28.58
C ALA A 211 -4.72 -9.77 29.83
N ARG A 212 -5.40 -9.75 30.97
CA ARG A 212 -4.71 -9.44 32.25
C ARG A 212 -3.66 -10.52 32.52
N GLU A 213 -4.05 -11.78 32.34
CA GLU A 213 -3.11 -12.92 32.57
C GLU A 213 -1.86 -12.86 31.67
N ALA A 214 -2.03 -12.40 30.42
CA ALA A 214 -0.93 -12.24 29.46
C ALA A 214 0.02 -11.11 29.84
N GLY A 215 -0.43 -10.20 30.72
CA GLY A 215 0.40 -9.07 31.13
C GLY A 215 0.06 -7.75 30.44
N ILE A 216 -1.10 -7.68 29.80
CA ILE A 216 -1.51 -6.41 29.17
C ILE A 216 -1.75 -5.41 30.31
N PRO A 217 -1.19 -4.19 30.18
CA PRO A 217 -1.25 -3.19 31.25
C PRO A 217 -2.68 -2.88 31.69
N ASP A 218 -2.82 -2.68 32.99
CA ASP A 218 -4.08 -2.31 33.62
C ASP A 218 -4.78 -1.18 32.85
N GLY A 219 -6.07 -1.31 32.61
CA GLY A 219 -6.87 -0.23 32.00
C GLY A 219 -6.88 -0.23 30.47
N VAL A 220 -6.01 -1.05 29.87
CA VAL A 220 -6.01 -1.17 28.38
C VAL A 220 -7.28 -1.88 27.91
N PHE A 221 -7.69 -2.91 28.64
CA PHE A 221 -8.82 -3.73 28.21
C PHE A 221 -9.71 -3.92 29.45
N ASN A 222 -10.82 -3.20 29.47
CA ASN A 222 -11.77 -3.20 30.58
C ASN A 222 -13.07 -3.80 30.08
N VAL A 223 -13.84 -4.43 30.96
CA VAL A 223 -15.13 -4.97 30.55
C VAL A 223 -16.19 -4.58 31.60
N VAL A 224 -17.34 -4.13 31.10
CA VAL A 224 -18.49 -3.79 31.95
C VAL A 224 -19.69 -4.59 31.44
N THR A 225 -20.60 -4.91 32.36
CA THR A 225 -21.76 -5.72 32.03
C THR A 225 -23.03 -5.03 32.55
N GLY A 226 -24.16 -5.36 31.95
CA GLY A 226 -25.38 -4.69 32.32
C GLY A 226 -26.39 -4.72 31.19
N TYR A 227 -27.47 -3.96 31.37
CA TYR A 227 -28.47 -3.90 30.30
C TYR A 227 -27.96 -3.00 29.17
N GLY A 228 -28.76 -2.86 28.10
CA GLY A 228 -28.37 -2.01 26.97
C GLY A 228 -28.02 -0.60 27.43
N ASP A 229 -28.88 -0.02 28.27
CA ASP A 229 -28.58 1.24 28.93
C ASP A 229 -28.52 0.96 30.43
N PRO A 230 -27.78 1.78 31.19
CA PRO A 230 -26.98 2.97 30.88
C PRO A 230 -25.71 2.79 30.04
N ALA A 231 -25.13 1.59 29.98
CA ALA A 231 -23.81 1.42 29.31
C ALA A 231 -23.74 2.10 27.93
N GLY A 232 -24.71 1.81 27.08
CA GLY A 232 -24.74 2.30 25.71
C GLY A 232 -24.77 3.82 25.62
N GLN A 233 -25.69 4.45 26.32
CA GLN A 233 -25.74 5.92 26.42
C GLN A 233 -24.45 6.52 26.96
N VAL A 234 -23.90 5.94 28.03
CA VAL A 234 -22.67 6.47 28.59
C VAL A 234 -21.53 6.42 27.58
N LEU A 235 -21.31 5.27 26.95
CA LEU A 235 -20.24 5.15 25.95
C LEU A 235 -20.41 6.13 24.78
N ALA A 236 -21.66 6.34 24.36
CA ALA A 236 -21.90 7.24 23.24
C ALA A 236 -21.90 8.73 23.61
N GLU A 237 -22.16 9.06 24.88
CA GLU A 237 -22.07 10.48 25.28
C GLU A 237 -20.83 10.93 26.08
N ASP A 238 -20.11 10.01 26.72
CA ASP A 238 -19.03 10.43 27.62
C ASP A 238 -17.92 11.18 26.85
N PRO A 239 -17.52 12.38 27.32
CA PRO A 239 -16.45 13.15 26.65
C PRO A 239 -15.08 12.46 26.60
N ASN A 240 -14.84 11.49 27.46
CA ASN A 240 -13.55 10.82 27.48
C ASN A 240 -13.52 9.57 26.56
N VAL A 241 -14.63 9.28 25.89
CA VAL A 241 -14.66 8.24 24.83
C VAL A 241 -14.40 8.90 23.47
N ASP A 242 -13.51 8.31 22.68
CA ASP A 242 -13.13 8.86 21.37
C ASP A 242 -13.90 8.22 20.21
N MSE A 243 -14.42 7.03 20.44
CA MSE A 243 -15.07 6.25 19.41
C MSE A 243 -15.96 5.21 20.02
O MSE A 243 -15.62 4.61 21.05
CB MSE A 243 -14.00 5.53 18.58
CG MSE A 243 -14.60 4.67 17.48
SE MSE A 243 -13.16 4.08 16.27
CE MSE A 243 -14.34 2.98 15.10
N VAL A 244 -17.09 4.95 19.37
CA VAL A 244 -17.96 3.81 19.71
C VAL A 244 -18.00 2.85 18.54
N ALA A 245 -17.73 1.58 18.82
CA ALA A 245 -17.78 0.52 17.82
C ALA A 245 -18.92 -0.38 18.26
N PHE A 246 -20.03 -0.32 17.55
CA PHE A 246 -21.25 -1.04 17.92
C PHE A 246 -21.56 -2.12 16.90
N THR A 247 -21.98 -3.28 17.39
CA THR A 247 -22.46 -4.34 16.55
C THR A 247 -23.80 -4.82 17.10
N GLY A 248 -24.83 -4.80 16.27
CA GLY A 248 -26.18 -5.22 16.72
C GLY A 248 -27.22 -4.77 15.72
N SER A 249 -28.44 -4.50 16.18
CA SER A 249 -29.52 -4.18 15.26
C SER A 249 -29.39 -2.76 14.73
N VAL A 250 -29.89 -2.56 13.51
CA VAL A 250 -30.02 -1.22 12.94
C VAL A 250 -30.72 -0.25 13.90
N ARG A 251 -31.81 -0.67 14.55
CA ARG A 251 -32.55 0.28 15.43
C ARG A 251 -31.69 0.83 16.57
N VAL A 252 -30.92 -0.05 17.21
CA VAL A 252 -30.04 0.35 18.31
C VAL A 252 -28.82 1.12 17.80
N GLY A 253 -28.23 0.69 16.67
CA GLY A 253 -27.09 1.40 16.10
C GLY A 253 -27.39 2.83 15.66
N THR A 254 -28.54 3.02 15.04
CA THR A 254 -28.94 4.34 14.58
C THR A 254 -29.07 5.27 15.80
N LYS A 255 -29.73 4.78 16.85
CA LYS A 255 -29.88 5.58 18.08
C LYS A 255 -28.53 5.95 18.69
N LEU A 256 -27.62 4.98 18.81
CA LEU A 256 -26.28 5.27 19.33
C LEU A 256 -25.50 6.18 18.43
N GLY A 257 -25.67 5.99 17.12
CA GLY A 257 -25.09 6.87 16.12
C GLY A 257 -25.55 8.32 16.31
N GLU A 258 -26.84 8.54 16.47
CA GLU A 258 -27.32 9.93 16.63
C GLU A 258 -26.72 10.58 17.89
N ILE A 259 -26.68 9.82 18.98
CA ILE A 259 -26.14 10.35 20.25
C ILE A 259 -24.67 10.71 20.10
N ALA A 260 -23.92 9.77 19.51
CA ALA A 260 -22.49 9.99 19.25
C ALA A 260 -22.23 11.17 18.35
N ALA A 261 -23.08 11.39 17.38
CA ALA A 261 -22.87 12.53 16.47
C ALA A 261 -22.94 13.88 17.22
N ARG A 262 -23.68 13.89 18.34
CA ARG A 262 -23.78 15.14 19.14
C ARG A 262 -22.44 15.63 19.60
N THR A 263 -21.45 14.74 19.72
CA THR A 263 -20.16 15.24 20.17
C THR A 263 -19.05 14.96 19.19
N VAL A 264 -19.39 14.74 17.91
CA VAL A 264 -18.38 14.43 16.86
C VAL A 264 -17.59 13.17 17.22
N LYS A 265 -18.26 12.19 17.82
CA LYS A 265 -17.57 11.01 18.31
C LYS A 265 -17.50 10.05 17.14
N ARG A 266 -16.34 9.47 16.82
CA ARG A 266 -16.27 8.51 15.70
C ARG A 266 -17.14 7.28 16.00
N VAL A 267 -17.75 6.70 14.97
CA VAL A 267 -18.60 5.53 15.15
C VAL A 267 -18.25 4.47 14.08
N GLY A 268 -18.05 3.23 14.49
CA GLY A 268 -18.07 2.09 13.55
C GLY A 268 -19.34 1.30 13.86
N LEU A 269 -20.12 0.96 12.83
CA LEU A 269 -21.35 0.20 13.00
C LEU A 269 -21.35 -1.05 12.14
N GLU A 270 -21.76 -2.17 12.73
CA GLU A 270 -21.89 -3.44 12.00
C GLU A 270 -23.26 -3.95 12.36
N LEU A 271 -24.18 -3.88 11.40
CA LEU A 271 -25.60 -3.98 11.68
C LEU A 271 -26.21 -5.20 10.98
N GLY A 272 -27.55 -5.28 10.96
CA GLY A 272 -28.20 -6.45 10.44
C GLY A 272 -28.22 -6.44 8.92
N GLY A 273 -28.85 -7.46 8.35
CA GLY A 273 -28.95 -7.56 6.91
C GLY A 273 -30.13 -8.41 6.47
N LYS A 274 -30.30 -8.47 5.15
CA LYS A 274 -31.22 -9.43 4.56
C LYS A 274 -30.52 -10.07 3.35
N GLY A 275 -29.46 -10.81 3.64
CA GLY A 275 -28.55 -11.23 2.60
C GLY A 275 -29.16 -12.29 1.69
N PRO A 276 -28.99 -12.12 0.39
CA PRO A 276 -29.45 -13.11 -0.57
C PRO A 276 -28.37 -14.11 -0.95
N GLN A 277 -28.74 -15.36 -1.20
CA GLN A 277 -27.91 -16.25 -1.99
C GLN A 277 -28.57 -16.43 -3.37
N ILE A 278 -27.80 -16.23 -4.43
CA ILE A 278 -28.32 -16.32 -5.79
C ILE A 278 -27.75 -17.58 -6.37
N VAL A 279 -28.64 -18.48 -6.80
CA VAL A 279 -28.26 -19.75 -7.37
C VAL A 279 -28.71 -19.80 -8.83
N PHE A 280 -27.71 -19.78 -9.69
CA PHE A 280 -27.92 -19.86 -11.12
C PHE A 280 -28.06 -21.28 -11.56
N ALA A 281 -28.76 -21.45 -12.69
CA ALA A 281 -29.02 -22.75 -13.27
C ALA A 281 -27.75 -23.58 -13.49
N ASP A 282 -26.61 -22.93 -13.69
CA ASP A 282 -25.37 -23.67 -13.93
C ASP A 282 -24.53 -23.89 -12.67
N ALA A 283 -25.13 -23.70 -11.49
CA ALA A 283 -24.41 -23.96 -10.24
C ALA A 283 -24.17 -25.47 -10.02
N ASP A 284 -23.19 -25.79 -9.18
CA ASP A 284 -23.04 -27.15 -8.64
C ASP A 284 -24.20 -27.32 -7.65
N LEU A 285 -25.20 -28.11 -8.03
CA LEU A 285 -26.43 -28.18 -7.28
C LEU A 285 -26.28 -28.76 -5.86
N ASP A 286 -25.49 -29.82 -5.72
CA ASP A 286 -25.31 -30.42 -4.38
C ASP A 286 -24.61 -29.43 -3.45
N ALA A 287 -23.59 -28.74 -3.97
CA ALA A 287 -22.86 -27.75 -3.18
C ALA A 287 -23.74 -26.55 -2.82
N ALA A 288 -24.49 -26.05 -3.80
CA ALA A 288 -25.39 -24.92 -3.61
C ALA A 288 -26.45 -25.26 -2.57
N ALA A 289 -27.03 -26.46 -2.66
CA ALA A 289 -28.07 -26.89 -1.72
C ALA A 289 -27.56 -26.92 -0.25
N ASP A 290 -26.35 -27.44 -0.06
CA ASP A 290 -25.70 -27.50 1.25
C ASP A 290 -25.40 -26.09 1.76
N GLY A 291 -24.91 -25.24 0.87
CA GLY A 291 -24.60 -23.85 1.20
C GLY A 291 -25.84 -23.03 1.54
N ILE A 292 -26.98 -23.34 0.89
CA ILE A 292 -28.24 -22.70 1.25
C ILE A 292 -28.67 -23.08 2.68
N ALA A 293 -28.63 -24.37 2.99
CA ALA A 293 -28.93 -24.87 4.32
C ALA A 293 -28.00 -24.20 5.35
N TYR A 294 -26.68 -24.27 5.10
CA TYR A 294 -25.69 -23.63 5.98
C TYR A 294 -26.00 -22.14 6.17
N GLY A 295 -26.31 -21.44 5.08
CA GLY A 295 -26.50 -20.00 5.10
C GLY A 295 -27.62 -19.55 6.01
N VAL A 296 -28.71 -20.33 6.04
CA VAL A 296 -29.90 -19.94 6.80
C VAL A 296 -29.94 -20.56 8.21
N TYR A 297 -29.36 -21.75 8.35
CA TYR A 297 -29.38 -22.45 9.64
C TYR A 297 -28.20 -22.19 10.57
N HIS A 298 -27.10 -21.67 10.02
CA HIS A 298 -25.95 -21.35 10.83
C HIS A 298 -26.37 -20.46 11.99
N ASN A 299 -25.96 -20.84 13.19
CA ASN A 299 -26.33 -20.12 14.39
C ASN A 299 -27.84 -20.00 14.57
N ALA A 300 -28.58 -20.95 14.01
CA ALA A 300 -30.04 -20.96 14.06
C ALA A 300 -30.61 -19.71 13.35
N GLY A 301 -29.87 -19.23 12.34
CA GLY A 301 -30.25 -18.05 11.58
C GLY A 301 -30.13 -16.74 12.33
N GLN A 302 -29.57 -16.78 13.56
CA GLN A 302 -29.37 -15.58 14.35
C GLN A 302 -27.99 -15.03 13.93
N CYS A 303 -27.97 -14.39 12.76
CA CYS A 303 -26.68 -14.12 12.09
C CYS A 303 -26.90 -13.02 11.07
N CYS A 304 -26.15 -11.94 11.20
CA CYS A 304 -26.27 -10.79 10.30
C CYS A 304 -25.91 -11.11 8.83
N ILE A 305 -25.01 -12.06 8.64
CA ILE A 305 -24.60 -12.51 7.28
C ILE A 305 -25.35 -13.78 6.83
N SER A 306 -26.47 -14.08 7.48
CA SER A 306 -27.32 -15.20 7.12
C SER A 306 -27.80 -15.05 5.67
N GLY A 307 -27.84 -16.16 4.94
CA GLY A 307 -28.53 -16.20 3.66
C GLY A 307 -30.03 -16.41 3.93
N SER A 308 -30.71 -15.32 4.25
CA SER A 308 -32.11 -15.38 4.65
C SER A 308 -33.06 -15.33 3.44
N ARG A 309 -32.54 -14.90 2.28
CA ARG A 309 -33.25 -14.97 1.01
C ARG A 309 -32.53 -15.90 0.04
N LEU A 310 -33.28 -16.85 -0.50
CA LEU A 310 -32.79 -17.64 -1.63
C LEU A 310 -33.42 -17.08 -2.92
N LEU A 311 -32.57 -16.64 -3.85
CA LEU A 311 -33.03 -16.21 -5.19
C LEU A 311 -32.53 -17.27 -6.15
N VAL A 312 -33.46 -18.05 -6.70
CA VAL A 312 -33.09 -19.23 -7.48
C VAL A 312 -33.61 -19.11 -8.90
N GLN A 313 -32.74 -19.44 -9.87
CA GLN A 313 -33.11 -19.40 -11.27
C GLN A 313 -34.18 -20.46 -11.54
N GLU A 314 -35.17 -20.07 -12.33
CA GLU A 314 -36.37 -20.88 -12.55
C GLU A 314 -36.11 -22.34 -12.85
N GLY A 315 -35.20 -22.57 -13.78
CA GLY A 315 -34.89 -23.92 -14.26
C GLY A 315 -34.42 -24.92 -13.22
N ILE A 316 -33.83 -24.44 -12.13
CA ILE A 316 -33.27 -25.36 -11.15
C ILE A 316 -33.97 -25.27 -9.82
N ARG A 317 -35.03 -24.49 -9.76
CA ARG A 317 -35.78 -24.30 -8.55
C ARG A 317 -36.15 -25.63 -7.91
N ASP A 318 -36.76 -26.54 -8.68
CA ASP A 318 -37.27 -27.79 -8.10
C ASP A 318 -36.13 -28.71 -7.68
N ALA A 319 -35.09 -28.80 -8.50
CA ALA A 319 -33.98 -29.68 -8.15
C ALA A 319 -33.27 -29.19 -6.88
N LEU A 320 -33.19 -27.87 -6.71
CA LEU A 320 -32.46 -27.30 -5.58
C LEU A 320 -33.30 -27.48 -4.31
N MSE A 321 -34.58 -27.14 -4.39
CA MSE A 321 -35.54 -27.30 -3.27
C MSE A 321 -35.58 -28.74 -2.74
O MSE A 321 -35.53 -28.95 -1.53
CB MSE A 321 -36.94 -26.85 -3.69
CG MSE A 321 -37.93 -26.69 -2.55
SE MSE A 321 -37.26 -25.46 -1.11
CE MSE A 321 -37.56 -23.75 -2.00
N GLU A 322 -35.66 -29.72 -3.63
CA GLU A 322 -35.64 -31.15 -3.26
C GLU A 322 -34.38 -31.51 -2.44
N ARG A 323 -33.23 -30.99 -2.83
CA ARG A 323 -31.97 -31.25 -2.11
C ARG A 323 -31.93 -30.49 -0.77
N LEU A 324 -32.38 -29.24 -0.81
CA LEU A 324 -32.42 -28.40 0.40
C LEU A 324 -33.35 -29.00 1.47
N LEU A 325 -34.53 -29.45 1.06
CA LEU A 325 -35.47 -30.03 2.00
C LEU A 325 -35.00 -31.36 2.57
N ASP A 326 -34.31 -32.14 1.75
CA ASP A 326 -33.73 -33.38 2.26
C ASP A 326 -32.71 -33.12 3.38
N ILE A 327 -31.85 -32.12 3.18
CA ILE A 327 -30.89 -31.75 4.24
C ILE A 327 -31.66 -31.25 5.46
N SER A 328 -32.69 -30.45 5.22
CA SER A 328 -33.37 -29.78 6.30
C SER A 328 -34.13 -30.77 7.20
N ARG A 329 -34.59 -31.88 6.61
CA ARG A 329 -35.30 -32.94 7.37
C ARG A 329 -34.34 -33.74 8.27
N LYS A 330 -33.07 -33.82 7.87
CA LYS A 330 -32.12 -34.68 8.54
C LYS A 330 -31.24 -33.93 9.54
N VAL A 331 -30.93 -32.67 9.25
CA VAL A 331 -29.98 -31.90 10.07
C VAL A 331 -30.33 -31.85 11.57
N ALA A 332 -29.35 -32.19 12.40
CA ALA A 332 -29.58 -32.31 13.85
C ALA A 332 -29.65 -30.95 14.53
N PHE A 333 -30.75 -30.73 15.25
CA PHE A 333 -30.94 -29.49 16.01
C PHE A 333 -31.43 -29.83 17.40
N GLY A 334 -31.15 -28.95 18.36
CA GLY A 334 -31.52 -29.18 19.75
C GLY A 334 -30.37 -28.99 20.73
N ASP A 335 -30.26 -29.93 21.67
CA ASP A 335 -29.32 -29.83 22.78
C ASP A 335 -27.95 -29.25 22.39
N PRO A 336 -27.68 -27.99 22.78
CA PRO A 336 -26.37 -27.41 22.43
C PRO A 336 -25.17 -28.17 22.98
N LEU A 337 -25.36 -28.99 24.02
CA LEU A 337 -24.25 -29.71 24.64
C LEU A 337 -23.94 -31.01 23.94
N ASN A 338 -24.81 -31.42 23.01
CA ASN A 338 -24.55 -32.65 22.24
C ASN A 338 -23.62 -32.36 21.06
N GLU A 339 -22.58 -33.17 20.92
CA GLU A 339 -21.56 -33.00 19.86
C GLU A 339 -22.14 -33.15 18.45
N ARG A 340 -23.26 -33.87 18.32
CA ARG A 340 -23.92 -34.10 17.02
C ARG A 340 -24.76 -32.91 16.56
N THR A 341 -25.13 -32.03 17.50
CA THR A 341 -26.04 -30.93 17.19
C THR A 341 -25.41 -29.94 16.20
N LYS A 342 -26.17 -29.54 15.19
CA LYS A 342 -25.68 -28.60 14.17
C LYS A 342 -26.37 -27.25 14.32
N ILE A 343 -27.55 -27.25 14.92
CA ILE A 343 -28.37 -26.05 15.09
C ILE A 343 -28.88 -26.04 16.53
N GLY A 344 -28.66 -24.93 17.23
CA GLY A 344 -29.02 -24.84 18.66
C GLY A 344 -30.27 -24.04 18.97
N ALA A 345 -30.21 -23.27 20.05
CA ALA A 345 -31.42 -22.70 20.64
C ALA A 345 -31.62 -21.26 20.20
N MSE A 346 -32.86 -20.78 20.30
CA MSE A 346 -33.17 -19.35 20.20
C MSE A 346 -32.63 -18.67 21.46
O MSE A 346 -32.69 -19.25 22.55
CB MSE A 346 -34.69 -19.10 20.13
CG MSE A 346 -35.43 -19.60 18.90
SE MSE A 346 -34.91 -18.64 17.24
CE MSE A 346 -33.42 -19.79 16.81
N ILE A 347 -32.14 -17.44 21.33
CA ILE A 347 -31.48 -16.75 22.45
C ILE A 347 -32.43 -16.47 23.65
N SER A 348 -33.71 -16.20 23.37
CA SER A 348 -34.64 -15.83 24.44
C SER A 348 -36.07 -16.16 24.03
N GLU A 349 -36.97 -16.16 25.01
CA GLU A 349 -38.38 -16.38 24.70
C GLU A 349 -38.91 -15.21 23.87
N ALA A 350 -38.52 -13.98 24.21
CA ALA A 350 -38.94 -12.80 23.42
C ALA A 350 -38.46 -12.93 21.97
N HIS A 351 -37.23 -13.40 21.78
CA HIS A 351 -36.74 -13.55 20.41
C HIS A 351 -37.49 -14.65 19.65
N ALA A 352 -37.70 -15.80 20.30
CA ALA A 352 -38.46 -16.89 19.68
C ALA A 352 -39.88 -16.44 19.25
N GLU A 353 -40.55 -15.66 20.09
CA GLU A 353 -41.88 -15.13 19.77
C GLU A 353 -41.84 -14.19 18.56
N LYS A 354 -40.83 -13.33 18.51
CA LYS A 354 -40.65 -12.46 17.36
C LYS A 354 -40.42 -13.26 16.06
N VAL A 355 -39.54 -14.27 16.12
CA VAL A 355 -39.34 -15.17 14.98
C VAL A 355 -40.67 -15.81 14.55
N HIS A 356 -41.44 -16.33 15.51
CA HIS A 356 -42.75 -16.93 15.19
C HIS A 356 -43.73 -15.91 14.61
N SER A 357 -43.70 -14.68 15.13
CA SER A 357 -44.49 -13.59 14.58
C SER A 357 -44.22 -13.34 13.09
N TYR A 358 -42.95 -13.38 12.69
CA TYR A 358 -42.63 -13.24 11.29
C TYR A 358 -43.15 -14.42 10.43
N VAL A 359 -43.01 -15.64 10.94
CA VAL A 359 -43.52 -16.82 10.24
C VAL A 359 -45.04 -16.70 10.11
N THR A 360 -45.73 -16.27 11.17
CA THR A 360 -47.18 -16.13 11.04
C THR A 360 -47.55 -15.01 10.04
N ALA A 361 -46.79 -13.92 10.04
CA ALA A 361 -46.96 -12.90 9.01
C ALA A 361 -46.74 -13.44 7.59
N GLY A 362 -45.73 -14.28 7.41
CA GLY A 362 -45.46 -14.90 6.10
C GLY A 362 -46.64 -15.73 5.59
N ILE A 363 -47.23 -16.52 6.46
CA ILE A 363 -48.41 -17.32 6.10
C ILE A 363 -49.59 -16.41 5.70
N THR A 364 -49.81 -15.34 6.46
CA THR A 364 -50.94 -14.45 6.16
C THR A 364 -50.72 -13.69 4.84
N SER A 365 -49.45 -13.46 4.49
CA SER A 365 -49.09 -12.82 3.22
C SER A 365 -49.38 -13.74 2.04
N GLY A 366 -49.55 -15.03 2.28
CA GLY A 366 -49.79 -16.00 1.19
C GLY A 366 -48.58 -16.79 0.73
N ALA A 367 -47.49 -16.72 1.49
CA ALA A 367 -46.28 -17.46 1.14
C ALA A 367 -46.52 -18.93 1.46
N GLU A 368 -45.86 -19.82 0.74
CA GLU A 368 -46.14 -21.24 0.93
C GLU A 368 -45.15 -21.86 1.93
N LEU A 369 -45.66 -22.31 3.07
CA LEU A 369 -44.85 -22.90 4.13
C LEU A 369 -44.50 -24.31 3.70
N LEU A 370 -43.22 -24.59 3.49
CA LEU A 370 -42.81 -25.93 3.05
C LEU A 370 -42.32 -26.81 4.19
N LEU A 371 -41.92 -26.18 5.31
CA LEU A 371 -41.18 -26.88 6.36
C LEU A 371 -41.17 -26.01 7.60
N GLY A 372 -41.33 -26.63 8.76
CA GLY A 372 -41.11 -25.95 10.03
C GLY A 372 -42.22 -25.04 10.47
N GLY A 373 -41.87 -23.87 11.00
CA GLY A 373 -42.87 -22.86 11.31
C GLY A 373 -43.51 -23.02 12.69
N GLU A 374 -42.87 -23.76 13.60
CA GLU A 374 -43.31 -23.80 15.02
C GLU A 374 -42.14 -24.02 15.96
N ARG A 375 -42.35 -23.70 17.23
CA ARG A 375 -41.47 -24.10 18.33
C ARG A 375 -41.44 -25.59 18.52
N ILE A 376 -40.30 -26.11 18.97
CA ILE A 376 -40.15 -27.54 19.22
C ILE A 376 -39.63 -27.70 20.65
N GLY A 377 -40.04 -28.78 21.33
CA GLY A 377 -39.57 -29.07 22.71
C GLY A 377 -39.81 -27.91 23.67
N ARG A 378 -41.03 -27.38 23.65
CA ARG A 378 -41.38 -26.21 24.44
C ARG A 378 -41.06 -26.31 25.92
N GLU A 379 -41.15 -27.51 26.51
CA GLU A 379 -40.90 -27.68 27.95
C GLU A 379 -39.40 -27.72 28.28
N ALA A 380 -38.60 -28.17 27.31
CA ALA A 380 -37.17 -28.44 27.54
C ALA A 380 -36.22 -27.23 27.28
N GLY A 381 -36.63 -26.31 26.41
CA GLY A 381 -35.86 -25.09 26.18
C GLY A 381 -36.42 -24.30 25.02
N LEU A 382 -35.60 -23.43 24.45
CA LEU A 382 -36.04 -22.54 23.38
C LEU A 382 -35.53 -23.02 22.02
N TYR A 383 -36.42 -23.67 21.26
CA TYR A 383 -36.02 -24.19 19.96
C TYR A 383 -37.07 -23.88 18.91
N TYR A 384 -36.60 -23.45 17.73
CA TYR A 384 -37.48 -23.16 16.62
C TYR A 384 -37.15 -24.08 15.46
N ALA A 385 -38.16 -24.67 14.83
CA ALA A 385 -37.90 -25.64 13.77
C ALA A 385 -37.28 -24.99 12.52
N PRO A 386 -36.37 -25.69 11.83
CA PRO A 386 -35.92 -25.21 10.54
C PRO A 386 -37.13 -24.94 9.63
N THR A 387 -37.14 -23.75 9.05
CA THR A 387 -38.31 -23.26 8.34
C THR A 387 -37.97 -22.74 6.95
N VAL A 388 -38.78 -23.17 5.96
CA VAL A 388 -38.63 -22.73 4.57
C VAL A 388 -39.95 -22.22 3.99
N PHE A 389 -39.94 -21.02 3.43
CA PHE A 389 -41.07 -20.47 2.65
C PHE A 389 -40.74 -20.44 1.16
N ALA A 390 -41.72 -20.82 0.35
CA ALA A 390 -41.60 -20.72 -1.09
C ALA A 390 -42.62 -19.70 -1.57
N GLY A 391 -42.50 -19.26 -2.83
CA GLY A 391 -43.49 -18.32 -3.39
C GLY A 391 -43.44 -16.94 -2.76
N VAL A 392 -42.28 -16.57 -2.26
CA VAL A 392 -42.16 -15.28 -1.58
C VAL A 392 -42.00 -14.19 -2.66
N THR A 393 -42.69 -13.08 -2.48
CA THR A 393 -42.60 -11.97 -3.42
C THR A 393 -42.03 -10.79 -2.62
N PRO A 394 -41.33 -9.85 -3.30
CA PRO A 394 -40.52 -8.87 -2.54
C PRO A 394 -41.27 -7.82 -1.72
N ASP A 395 -42.59 -7.71 -1.88
CA ASP A 395 -43.40 -6.81 -1.06
C ASP A 395 -43.72 -7.38 0.34
N MSE A 396 -43.47 -8.67 0.55
CA MSE A 396 -43.86 -9.29 1.82
C MSE A 396 -42.88 -8.92 2.91
O MSE A 396 -41.66 -8.87 2.68
CB MSE A 396 -43.93 -10.82 1.71
CG MSE A 396 -45.00 -11.32 0.74
SE MSE A 396 -44.88 -13.27 0.66
CE MSE A 396 -46.26 -13.66 -0.73
N SER A 397 -43.40 -8.70 4.11
CA SER A 397 -42.55 -8.43 5.28
C SER A 397 -41.45 -9.50 5.46
N ILE A 398 -41.73 -10.77 5.16
CA ILE A 398 -40.68 -11.81 5.29
C ILE A 398 -39.56 -11.74 4.21
N ALA A 399 -39.82 -11.09 3.08
CA ALA A 399 -38.76 -10.80 2.12
C ALA A 399 -37.93 -9.60 2.56
N ARG A 400 -38.52 -8.70 3.32
CA ARG A 400 -37.89 -7.41 3.57
C ARG A 400 -37.18 -7.27 4.93
N GLU A 401 -37.81 -7.76 5.99
CA GLU A 401 -37.32 -7.51 7.35
C GLU A 401 -36.43 -8.65 7.84
N GLU A 402 -35.47 -8.31 8.70
CA GLU A 402 -34.55 -9.27 9.23
C GLU A 402 -35.25 -10.07 10.30
N ILE A 403 -35.44 -11.36 10.04
CA ILE A 403 -36.14 -12.24 10.98
C ILE A 403 -35.19 -12.75 12.07
N PHE A 404 -33.94 -13.06 11.72
CA PHE A 404 -32.95 -13.52 12.71
C PHE A 404 -33.32 -14.86 13.40
N GLY A 405 -33.94 -15.74 12.62
CA GLY A 405 -34.24 -17.12 13.05
C GLY A 405 -34.01 -18.05 11.85
N PRO A 406 -34.23 -19.37 12.02
CA PRO A 406 -33.89 -20.29 10.94
C PRO A 406 -35.00 -20.36 9.87
N VAL A 407 -35.27 -19.23 9.24
CA VAL A 407 -36.40 -19.07 8.35
C VAL A 407 -35.91 -18.54 7.01
N LEU A 408 -36.03 -19.38 5.97
CA LEU A 408 -35.66 -19.01 4.60
C LEU A 408 -36.83 -18.54 3.77
N SER A 409 -36.63 -17.44 3.03
CA SER A 409 -37.59 -16.95 2.03
C SER A 409 -37.03 -17.21 0.64
N THR A 410 -37.79 -17.97 -0.16
CA THR A 410 -37.40 -18.32 -1.52
C THR A 410 -38.19 -17.53 -2.56
N LEU A 411 -37.46 -16.94 -3.50
CA LEU A 411 -38.02 -16.23 -4.65
C LEU A 411 -37.28 -16.73 -5.91
N THR A 412 -37.95 -16.75 -7.06
CA THR A 412 -37.33 -17.22 -8.29
C THR A 412 -37.02 -16.05 -9.21
N PHE A 413 -36.11 -16.25 -10.16
CA PHE A 413 -35.82 -15.23 -11.16
C PHE A 413 -35.50 -15.94 -12.46
N LYS A 414 -35.56 -15.20 -13.56
CA LYS A 414 -35.20 -15.76 -14.86
C LYS A 414 -33.82 -15.32 -15.34
N THR A 415 -33.44 -14.05 -15.13
CA THR A 415 -32.16 -13.56 -15.71
C THR A 415 -31.20 -13.01 -14.66
N ALA A 416 -29.92 -12.96 -14.98
CA ALA A 416 -28.97 -12.35 -14.05
C ALA A 416 -29.38 -10.90 -13.71
N ASP A 417 -29.79 -10.12 -14.72
CA ASP A 417 -30.22 -8.74 -14.48
C ASP A 417 -31.35 -8.69 -13.43
N GLU A 418 -32.33 -9.60 -13.52
CA GLU A 418 -33.40 -9.67 -12.53
C GLU A 418 -32.87 -10.02 -11.14
N ALA A 419 -31.95 -10.99 -11.10
CA ALA A 419 -31.39 -11.47 -9.85
C ALA A 419 -30.68 -10.32 -9.14
N VAL A 420 -29.96 -9.51 -9.91
CA VAL A 420 -29.29 -8.33 -9.34
C VAL A 420 -30.30 -7.35 -8.76
N ALA A 421 -31.33 -7.02 -9.53
CA ALA A 421 -32.34 -6.08 -9.05
C ALA A 421 -33.03 -6.61 -7.77
N LEU A 422 -33.36 -7.89 -7.75
CA LEU A 422 -33.97 -8.48 -6.53
C LEU A 422 -33.02 -8.43 -5.34
N ALA A 423 -31.76 -8.82 -5.57
CA ALA A 423 -30.75 -8.81 -4.52
C ALA A 423 -30.60 -7.42 -3.91
N ASN A 424 -30.60 -6.39 -4.76
CA ASN A 424 -30.43 -5.00 -4.34
C ASN A 424 -31.68 -4.24 -3.81
N ALA A 425 -32.85 -4.87 -3.93
CA ALA A 425 -34.13 -4.27 -3.55
C ALA A 425 -34.28 -4.39 -2.04
N THR A 426 -33.31 -3.85 -1.31
CA THR A 426 -33.31 -3.94 0.14
C THR A 426 -32.70 -2.65 0.65
N GLU A 427 -33.07 -2.24 1.86
CA GLU A 427 -32.34 -1.16 2.51
C GLU A 427 -30.99 -1.61 3.11
N PHE A 428 -30.81 -2.93 3.19
CA PHE A 428 -29.62 -3.55 3.80
C PHE A 428 -28.54 -3.76 2.74
N GLY A 429 -27.36 -4.17 3.18
CA GLY A 429 -26.24 -4.33 2.25
C GLY A 429 -25.06 -5.00 2.91
N LEU A 430 -25.33 -6.00 3.74
CA LEU A 430 -24.24 -6.61 4.49
C LEU A 430 -23.55 -7.71 3.70
N SER A 431 -24.31 -8.74 3.31
CA SER A 431 -23.70 -9.88 2.65
C SER A 431 -24.49 -10.37 1.43
N ALA A 432 -23.86 -11.24 0.63
CA ALA A 432 -24.52 -11.86 -0.52
C ALA A 432 -23.62 -12.97 -1.02
N SER A 433 -24.23 -14.04 -1.53
CA SER A 433 -23.50 -15.09 -2.20
C SER A 433 -24.06 -15.30 -3.60
N VAL A 434 -23.17 -15.63 -4.54
CA VAL A 434 -23.55 -16.04 -5.90
C VAL A 434 -23.01 -17.45 -6.13
N TRP A 435 -23.90 -18.35 -6.56
CA TRP A 435 -23.52 -19.72 -6.95
C TRP A 435 -23.67 -19.90 -8.46
N SER A 436 -22.55 -20.15 -9.16
CA SER A 436 -22.54 -20.29 -10.62
C SER A 436 -21.18 -20.85 -11.02
N THR A 437 -21.13 -21.61 -12.12
CA THR A 437 -19.84 -22.13 -12.62
C THR A 437 -19.36 -21.25 -13.78
N ASN A 438 -20.10 -20.17 -14.07
CA ASN A 438 -19.83 -19.32 -15.22
C ASN A 438 -18.99 -18.11 -14.83
N LEU A 439 -17.84 -17.92 -15.46
CA LEU A 439 -16.97 -16.79 -15.11
C LEU A 439 -17.68 -15.43 -15.12
N GLU A 440 -18.34 -15.11 -16.23
CA GLU A 440 -18.98 -13.81 -16.40
C GLU A 440 -20.11 -13.63 -15.40
N THR A 441 -21.00 -14.60 -15.29
CA THR A 441 -22.15 -14.35 -14.43
C THR A 441 -21.78 -14.34 -12.94
N ALA A 442 -20.85 -15.18 -12.50
CA ALA A 442 -20.38 -15.12 -11.11
C ALA A 442 -19.76 -13.77 -10.75
N LEU A 443 -18.75 -13.35 -11.53
CA LEU A 443 -18.06 -12.08 -11.25
C LEU A 443 -18.87 -10.82 -11.55
N GLN A 444 -19.62 -10.79 -12.66
CA GLN A 444 -20.44 -9.61 -12.94
C GLN A 444 -21.59 -9.47 -11.95
N THR A 445 -22.16 -10.59 -11.51
CA THR A 445 -23.24 -10.52 -10.53
C THR A 445 -22.68 -9.99 -9.20
N ILE A 446 -21.55 -10.52 -8.75
CA ILE A 446 -20.97 -10.09 -7.48
C ILE A 446 -20.50 -8.61 -7.50
N ARG A 447 -19.98 -8.14 -8.63
CA ARG A 447 -19.63 -6.73 -8.80
C ARG A 447 -20.83 -5.79 -8.78
N ARG A 448 -22.00 -6.30 -9.16
CA ARG A 448 -23.19 -5.47 -9.22
C ARG A 448 -24.06 -5.48 -7.96
N ILE A 449 -23.82 -6.41 -7.05
CA ILE A 449 -24.62 -6.49 -5.81
C ILE A 449 -24.01 -5.52 -4.78
N ARG A 450 -24.87 -4.67 -4.19
CA ARG A 450 -24.41 -3.65 -3.25
C ARG A 450 -24.32 -4.17 -1.82
N ALA A 451 -23.30 -4.98 -1.56
CA ALA A 451 -23.09 -5.59 -0.25
C ALA A 451 -21.58 -5.69 -0.02
N GLY A 452 -21.16 -5.53 1.24
CA GLY A 452 -19.72 -5.46 1.59
C GLY A 452 -19.03 -6.79 1.80
N ARG A 453 -19.79 -7.82 2.16
CA ARG A 453 -19.22 -9.14 2.45
C ARG A 453 -19.83 -10.09 1.44
N CYS A 454 -19.04 -10.47 0.43
CA CYS A 454 -19.56 -11.24 -0.69
C CYS A 454 -18.87 -12.56 -0.78
N TRP A 455 -19.57 -13.55 -1.33
CA TRP A 455 -19.03 -14.88 -1.51
C TRP A 455 -19.43 -15.38 -2.90
N ILE A 456 -18.54 -16.12 -3.55
CA ILE A 456 -18.91 -16.88 -4.75
C ILE A 456 -18.78 -18.36 -4.43
N ASN A 457 -19.83 -19.14 -4.68
CA ASN A 457 -19.80 -20.60 -4.47
C ASN A 457 -19.43 -21.00 -3.03
N SER A 458 -19.89 -20.19 -2.09
CA SER A 458 -19.56 -20.39 -0.70
C SER A 458 -20.47 -19.46 0.11
N VAL A 459 -20.43 -19.59 1.42
CA VAL A 459 -21.25 -18.74 2.30
C VAL A 459 -20.66 -18.84 3.72
N ILE A 460 -20.90 -17.80 4.51
CA ILE A 460 -20.55 -17.73 5.94
C ILE A 460 -19.03 -17.63 6.20
N ASP A 461 -18.27 -18.57 5.66
CA ASP A 461 -16.89 -18.76 6.07
C ASP A 461 -15.93 -17.72 5.44
N GLY A 462 -15.28 -16.95 6.30
CA GLY A 462 -14.36 -15.91 5.87
C GLY A 462 -13.00 -16.11 6.53
N THR A 463 -12.13 -15.13 6.36
CA THR A 463 -10.75 -15.19 6.85
C THR A 463 -10.39 -13.91 7.61
N PRO A 464 -9.41 -13.97 8.54
CA PRO A 464 -9.02 -12.70 9.16
C PRO A 464 -8.38 -11.72 8.18
N GLU A 465 -7.86 -12.25 7.06
CA GLU A 465 -7.07 -11.50 6.06
C GLU A 465 -7.89 -10.47 5.29
N LEU A 466 -9.20 -10.72 5.15
CA LEU A 466 -10.06 -9.84 4.38
C LEU A 466 -10.96 -8.96 5.25
N PRO A 467 -11.26 -7.72 4.78
CA PRO A 467 -12.12 -6.75 5.49
C PRO A 467 -13.60 -7.16 5.47
N ILE A 468 -14.32 -6.73 6.50
CA ILE A 468 -15.75 -6.99 6.60
C ILE A 468 -16.48 -5.68 6.90
N GLY A 469 -17.69 -5.56 6.38
CA GLY A 469 -18.55 -4.43 6.77
C GLY A 469 -19.67 -4.34 5.75
N GLY A 470 -20.58 -3.38 5.92
CA GLY A 470 -21.75 -3.29 5.04
C GLY A 470 -21.87 -2.06 4.17
N TYR A 471 -22.74 -2.15 3.18
CA TYR A 471 -23.16 -0.99 2.40
C TYR A 471 -24.48 -0.57 3.02
N LYS A 472 -24.97 0.61 2.63
CA LYS A 472 -26.35 1.06 2.92
C LYS A 472 -26.60 1.04 4.43
N LYS A 473 -27.73 0.50 4.89
CA LYS A 473 -28.02 0.54 6.32
C LYS A 473 -27.37 -0.58 7.16
N SER A 474 -26.51 -1.39 6.53
CA SER A 474 -25.87 -2.50 7.23
C SER A 474 -24.59 -2.16 7.98
N GLY A 475 -24.08 -0.95 7.80
CA GLY A 475 -22.96 -0.55 8.65
C GLY A 475 -22.24 0.66 8.19
N LEU A 476 -21.25 1.07 9.00
CA LEU A 476 -20.32 2.15 8.70
C LEU A 476 -18.94 1.71 9.11
N GLY A 477 -17.98 1.83 8.20
CA GLY A 477 -16.60 1.41 8.53
C GLY A 477 -16.27 0.01 8.00
N ARG A 478 -15.00 -0.37 8.12
CA ARG A 478 -14.57 -1.74 7.79
C ARG A 478 -13.71 -2.32 8.89
N GLU A 479 -13.93 -3.58 9.20
CA GLU A 479 -13.19 -4.28 10.24
C GLU A 479 -12.31 -5.35 9.58
N LEU A 480 -11.38 -5.88 10.38
CA LEU A 480 -10.57 -7.05 10.01
C LEU A 480 -9.53 -6.70 8.95
N GLY A 481 -8.72 -7.69 8.59
CA GLY A 481 -7.58 -7.47 7.68
C GLY A 481 -6.73 -6.29 8.10
N ARG A 482 -6.26 -5.53 7.13
CA ARG A 482 -5.56 -4.27 7.37
C ARG A 482 -6.55 -3.14 7.60
N TYR A 483 -7.80 -3.32 7.17
CA TYR A 483 -8.77 -2.24 7.23
C TYR A 483 -9.16 -1.86 8.66
N GLY A 484 -9.27 -2.87 9.52
CA GLY A 484 -9.70 -2.60 10.89
C GLY A 484 -8.70 -1.70 11.60
N PHE A 485 -7.42 -1.78 11.25
CA PHE A 485 -6.45 -0.91 11.93
C PHE A 485 -6.67 0.55 11.60
N ASP A 486 -7.12 0.81 10.37
CA ASP A 486 -7.43 2.17 9.94
C ASP A 486 -8.66 2.69 10.68
N GLU A 487 -9.63 1.81 10.97
CA GLU A 487 -10.80 2.17 11.77
C GLU A 487 -10.47 2.70 13.16
N TYR A 488 -9.38 2.21 13.77
CA TYR A 488 -8.95 2.60 15.13
C TYR A 488 -7.69 3.44 15.15
N SER A 489 -7.36 4.02 14.01
CA SER A 489 -6.20 4.91 13.87
C SER A 489 -6.64 6.30 13.49
N GLN A 490 -5.84 7.31 13.86
CA GLN A 490 -5.93 8.64 13.29
C GLN A 490 -4.69 8.82 12.42
N PHE A 491 -4.81 9.57 11.35
CA PHE A 491 -3.67 9.92 10.53
C PHE A 491 -3.32 11.40 10.64
N LYS A 492 -2.05 11.67 10.92
CA LYS A 492 -1.56 13.02 11.11
C LYS A 492 -0.67 13.38 9.93
N GLY A 493 -1.11 14.37 9.15
CA GLY A 493 -0.32 14.88 8.05
C GLY A 493 0.63 15.98 8.51
N VAL A 494 1.94 15.81 8.28
CA VAL A 494 2.92 16.79 8.75
C VAL A 494 3.70 17.33 7.56
N HIS A 495 3.61 18.63 7.35
CA HIS A 495 4.48 19.33 6.42
C HIS A 495 5.67 19.89 7.22
N VAL A 496 6.84 19.32 6.97
CA VAL A 496 8.06 19.66 7.66
C VAL A 496 8.90 20.55 6.79
N THR A 497 9.05 21.81 7.20
CA THR A 497 10.05 22.66 6.56
C THR A 497 11.38 22.58 7.30
N LEU A 498 12.41 22.23 6.56
CA LEU A 498 13.77 22.18 7.07
C LEU A 498 14.41 23.53 6.73
N GLY A 499 14.72 24.28 7.77
CA GLY A 499 15.17 25.64 7.65
C GLY A 499 13.98 26.57 7.74
N ARG A 500 13.92 27.52 6.81
CA ARG A 500 12.92 28.58 6.86
C ARG A 500 12.05 28.55 5.61
N PRO A 501 10.73 28.70 5.76
CA PRO A 501 9.93 28.88 4.56
C PRO A 501 10.18 30.28 3.96
N ALA A 502 9.62 30.57 2.79
CA ALA A 502 9.67 31.93 2.23
C ALA A 502 8.74 32.84 3.03
N PRO A 503 9.18 34.07 3.36
CA PRO A 503 8.33 34.93 4.18
C PRO A 503 7.02 35.32 3.49
N TRP A 504 5.95 35.31 4.26
CA TRP A 504 4.68 35.87 3.84
C TRP A 504 4.77 37.41 3.67
N PHE A 505 5.34 38.09 4.66
CA PHE A 505 5.40 39.55 4.66
C PHE A 505 6.66 40.07 3.97
N THR A 506 6.48 40.83 2.90
CA THR A 506 7.60 41.54 2.28
C THR A 506 7.53 43.05 2.56
N LEU B 4 -5.41 54.14 11.18
CA LEU B 4 -4.18 53.31 11.11
C LEU B 4 -3.63 53.38 9.69
N SER B 5 -2.34 53.67 9.58
CA SER B 5 -1.70 53.94 8.27
C SER B 5 -1.49 52.69 7.38
N ASN B 6 -1.80 51.50 7.92
CA ASN B 6 -1.64 50.25 7.15
C ASN B 6 -2.93 49.86 6.44
N PHE B 7 -4.00 50.59 6.76
CA PHE B 7 -5.32 50.37 6.18
C PHE B 7 -5.35 50.89 4.75
N ILE B 8 -5.91 50.09 3.85
CA ILE B 8 -6.16 50.52 2.49
C ILE B 8 -7.66 50.74 2.40
N ALA B 9 -8.08 52.01 2.36
CA ALA B 9 -9.50 52.39 2.26
C ALA B 9 -10.15 51.82 0.97
N PRO B 10 -11.36 51.24 1.08
CA PRO B 10 -12.00 50.70 -0.13
C PRO B 10 -12.38 51.81 -1.11
N ASP B 11 -12.06 51.61 -2.39
CA ASP B 11 -12.37 52.55 -3.44
C ASP B 11 -13.81 52.31 -3.93
N SER B 12 -14.72 53.21 -3.54
CA SER B 12 -16.13 53.12 -3.90
C SER B 12 -16.38 53.11 -5.39
N ASN B 13 -15.44 53.67 -6.15
CA ASN B 13 -15.62 53.88 -7.59
C ASN B 13 -15.03 52.81 -8.47
N ASP B 14 -14.34 51.83 -7.88
CA ASP B 14 -13.77 50.75 -8.67
C ASP B 14 -14.87 50.18 -9.56
N PRO B 15 -14.64 50.15 -10.89
CA PRO B 15 -15.69 49.75 -11.83
C PRO B 15 -16.15 48.31 -11.67
N ARG B 16 -15.27 47.42 -11.23
CA ARG B 16 -15.67 46.01 -11.12
C ARG B 16 -16.70 45.75 -10.02
N LEU B 17 -16.91 46.71 -9.12
CA LEU B 17 -18.04 46.63 -8.17
C LEU B 17 -19.42 46.81 -8.80
N ARG B 18 -19.46 47.40 -10.00
CA ARG B 18 -20.72 47.72 -10.65
C ARG B 18 -21.20 46.58 -11.54
N ILE B 19 -20.29 45.63 -11.82
CA ILE B 19 -20.59 44.57 -12.78
C ILE B 19 -21.22 43.44 -12.01
N LYS B 20 -22.56 43.41 -11.93
CA LYS B 20 -23.26 42.38 -11.16
C LYS B 20 -23.26 41.08 -11.97
N SER B 21 -23.36 39.95 -11.29
CA SER B 21 -23.48 38.67 -11.97
C SER B 21 -24.66 37.94 -11.39
N ARG B 22 -25.39 37.24 -12.25
CA ARG B 22 -26.50 36.41 -11.80
C ARG B 22 -26.18 34.97 -12.17
N TYR B 23 -26.52 34.04 -11.29
CA TYR B 23 -26.17 32.66 -11.51
C TYR B 23 -27.39 31.80 -11.43
N GLN B 24 -27.36 30.63 -12.06
CA GLN B 24 -28.45 29.66 -11.90
C GLN B 24 -27.89 28.34 -11.34
N MSE B 25 -28.77 27.54 -10.77
CA MSE B 25 -28.42 26.23 -10.30
C MSE B 25 -28.17 25.37 -11.52
O MSE B 25 -28.49 25.76 -12.67
CB MSE B 25 -29.55 25.64 -9.47
CG MSE B 25 -29.84 26.42 -8.20
SE MSE B 25 -31.16 25.41 -7.14
CE MSE B 25 -32.81 25.89 -8.12
N LEU B 26 -27.56 24.21 -11.30
CA LEU B 26 -27.27 23.33 -12.42
C LEU B 26 -27.62 21.91 -12.02
N VAL B 27 -28.60 21.34 -12.73
CA VAL B 27 -29.19 20.06 -12.33
C VAL B 27 -29.40 19.25 -13.60
N ASP B 28 -28.81 18.06 -13.64
CA ASP B 28 -28.90 17.14 -14.78
C ASP B 28 -28.43 17.85 -16.06
N GLY B 29 -27.38 18.66 -15.92
CA GLY B 29 -26.82 19.37 -17.06
C GLY B 29 -27.53 20.66 -17.43
N LYS B 30 -28.69 20.93 -16.82
CA LYS B 30 -29.48 22.11 -17.20
C LYS B 30 -29.30 23.26 -16.20
N SER B 31 -29.13 24.49 -16.68
CA SER B 31 -29.08 25.67 -15.80
C SER B 31 -30.51 26.15 -15.53
N VAL B 32 -30.90 26.16 -14.26
CA VAL B 32 -32.29 26.43 -13.91
C VAL B 32 -32.37 27.32 -12.67
N ASP B 33 -33.44 28.11 -12.61
CA ASP B 33 -33.85 28.84 -11.41
C ASP B 33 -34.68 27.94 -10.50
N ALA B 34 -34.95 28.37 -9.27
CA ALA B 34 -35.85 27.60 -8.38
C ALA B 34 -37.24 27.48 -8.99
N ALA B 35 -37.97 26.41 -8.70
CA ALA B 35 -39.34 26.30 -9.19
C ALA B 35 -40.17 27.54 -8.86
N SER B 36 -39.88 28.18 -7.72
CA SER B 36 -40.65 29.34 -7.26
C SER B 36 -40.18 30.66 -7.85
N GLY B 37 -38.99 30.66 -8.46
CA GLY B 37 -38.44 31.87 -9.04
C GLY B 37 -37.74 32.77 -8.04
N SER B 38 -37.77 32.38 -6.77
CA SER B 38 -37.16 33.18 -5.71
C SER B 38 -35.62 33.17 -5.77
N THR B 39 -35.00 34.29 -5.44
CA THR B 39 -33.56 34.43 -5.48
C THR B 39 -33.05 35.12 -4.21
N ILE B 40 -31.75 35.01 -3.99
CA ILE B 40 -31.02 35.54 -2.83
C ILE B 40 -29.89 36.37 -3.38
N ASP B 41 -29.65 37.56 -2.83
CA ASP B 41 -28.52 38.40 -3.27
C ASP B 41 -27.36 38.30 -2.28
N ARG B 42 -26.17 38.64 -2.76
CA ARG B 42 -25.01 38.77 -1.93
C ARG B 42 -24.44 40.17 -2.06
N VAL B 43 -24.29 40.85 -0.93
CA VAL B 43 -23.68 42.17 -0.88
C VAL B 43 -22.21 41.98 -0.58
N SER B 44 -21.34 42.66 -1.33
CA SER B 44 -19.88 42.54 -1.19
C SER B 44 -19.32 43.20 0.06
N PRO B 45 -18.82 42.40 1.02
CA PRO B 45 -18.63 42.85 2.41
C PRO B 45 -17.53 43.89 2.59
N GLY B 46 -16.66 44.05 1.61
CA GLY B 46 -15.60 45.04 1.73
C GLY B 46 -15.99 46.41 1.20
N HIS B 47 -17.27 46.56 0.85
CA HIS B 47 -17.72 47.71 0.07
C HIS B 47 -19.14 48.16 0.42
N ALA B 48 -19.41 49.45 0.15
CA ALA B 48 -20.76 50.02 0.19
C ALA B 48 -21.75 49.04 -0.39
N GLY B 49 -22.90 48.87 0.24
CA GLY B 49 -23.91 47.89 -0.19
C GLY B 49 -24.07 47.62 -1.68
N GLU B 50 -22.97 47.20 -2.33
CA GLU B 50 -22.92 46.82 -3.74
C GLU B 50 -23.29 45.34 -3.86
N VAL B 51 -24.40 45.02 -4.54
CA VAL B 51 -24.78 43.62 -4.78
C VAL B 51 -23.84 43.06 -5.84
N VAL B 52 -23.15 41.97 -5.53
CA VAL B 52 -22.24 41.35 -6.52
C VAL B 52 -22.66 39.95 -7.01
N GLY B 53 -23.67 39.37 -6.40
CA GLY B 53 -24.14 38.07 -6.88
C GLY B 53 -25.59 37.84 -6.58
N THR B 54 -26.24 37.07 -7.44
CA THR B 54 -27.55 36.54 -7.10
C THR B 54 -27.76 35.15 -7.66
N TRP B 55 -28.43 34.32 -6.88
CA TRP B 55 -28.65 32.92 -7.21
C TRP B 55 -29.96 32.49 -6.62
N PRO B 56 -30.47 31.33 -7.05
CA PRO B 56 -31.76 30.85 -6.58
C PRO B 56 -31.79 30.48 -5.09
N GLU B 57 -32.96 30.66 -4.48
CA GLU B 57 -33.37 30.09 -3.21
C GLU B 57 -34.15 28.80 -3.47
N ALA B 58 -33.46 27.66 -3.37
CA ALA B 58 -34.10 26.38 -3.67
C ALA B 58 -35.17 25.97 -2.67
N SER B 59 -36.21 25.29 -3.14
CA SER B 59 -37.09 24.52 -2.28
C SER B 59 -36.50 23.11 -2.01
N ALA B 60 -37.10 22.40 -1.05
CA ALA B 60 -36.81 20.97 -0.82
C ALA B 60 -36.97 20.16 -2.11
N ASP B 61 -38.05 20.41 -2.87
CA ASP B 61 -38.25 19.65 -4.12
C ASP B 61 -37.15 19.92 -5.17
N ASP B 62 -36.66 21.17 -5.25
CA ASP B 62 -35.56 21.53 -6.12
C ASP B 62 -34.32 20.66 -5.75
N VAL B 63 -34.02 20.56 -4.45
CA VAL B 63 -32.88 19.75 -3.99
C VAL B 63 -33.07 18.25 -4.23
N ARG B 64 -34.26 17.73 -3.97
CA ARG B 64 -34.61 16.37 -4.33
C ARG B 64 -34.43 16.03 -5.82
N LYS B 65 -34.77 16.97 -6.70
CA LYS B 65 -34.53 16.81 -8.14
C LYS B 65 -33.04 16.72 -8.48
N ALA B 66 -32.24 17.55 -7.81
CA ALA B 66 -30.79 17.47 -7.96
C ALA B 66 -30.25 16.11 -7.48
N VAL B 67 -30.75 15.66 -6.33
CA VAL B 67 -30.45 14.31 -5.86
C VAL B 67 -30.92 13.22 -6.85
N ALA B 68 -32.15 13.38 -7.37
CA ALA B 68 -32.68 12.42 -8.35
C ALA B 68 -31.76 12.39 -9.59
N ALA B 69 -31.24 13.54 -10.01
CA ALA B 69 -30.36 13.60 -11.20
C ALA B 69 -29.04 12.86 -10.92
N ALA B 70 -28.44 13.11 -9.75
CA ALA B 70 -27.24 12.40 -9.31
C ALA B 70 -27.50 10.89 -9.22
N ARG B 71 -28.68 10.53 -8.70
CA ARG B 71 -29.05 9.14 -8.49
C ARG B 71 -29.11 8.40 -9.83
N LYS B 72 -29.78 9.00 -10.81
CA LYS B 72 -29.90 8.45 -12.17
C LYS B 72 -28.52 8.39 -12.86
N ALA B 73 -27.74 9.47 -12.74
CA ALA B 73 -26.36 9.49 -13.25
C ALA B 73 -25.52 8.34 -12.67
N PHE B 74 -25.75 7.98 -11.40
CA PHE B 74 -25.00 6.89 -10.80
C PHE B 74 -25.56 5.52 -11.15
N ASP B 75 -26.88 5.39 -11.07
CA ASP B 75 -27.47 4.07 -11.24
C ASP B 75 -27.54 3.64 -12.71
N ALA B 76 -27.73 4.60 -13.61
CA ALA B 76 -28.03 4.33 -15.02
C ALA B 76 -27.05 4.99 -16.00
N GLY B 77 -26.33 6.01 -15.56
CA GLY B 77 -25.52 6.79 -16.48
C GLY B 77 -24.12 6.23 -16.67
N PRO B 78 -23.36 6.82 -17.62
CA PRO B 78 -22.06 6.26 -17.96
C PRO B 78 -20.96 6.49 -16.91
N TRP B 79 -21.10 7.50 -16.04
CA TRP B 79 -19.93 7.94 -15.23
C TRP B 79 -19.24 6.84 -14.40
N PRO B 80 -20.01 6.07 -13.61
CA PRO B 80 -19.29 5.06 -12.81
C PRO B 80 -18.80 3.86 -13.61
N ARG B 81 -19.35 3.65 -14.80
CA ARG B 81 -18.99 2.52 -15.66
C ARG B 81 -17.81 2.85 -16.58
N MSE B 82 -17.51 4.15 -16.67
CA MSE B 82 -16.31 4.60 -17.37
C MSE B 82 -15.06 4.08 -16.70
O MSE B 82 -15.08 3.81 -15.50
CB MSE B 82 -16.25 6.12 -17.35
CG MSE B 82 -17.26 6.77 -18.25
SE MSE B 82 -16.98 8.72 -18.25
CE MSE B 82 -18.03 9.21 -19.83
N SER B 83 -13.99 3.93 -17.47
CA SER B 83 -12.70 3.56 -16.89
C SER B 83 -12.20 4.74 -16.04
N GLY B 84 -11.30 4.43 -15.11
CA GLY B 84 -10.57 5.49 -14.40
C GLY B 84 -9.97 6.51 -15.35
N ALA B 85 -9.33 6.02 -16.42
CA ALA B 85 -8.68 6.87 -17.40
C ALA B 85 -9.65 7.85 -18.04
N GLU B 86 -10.88 7.40 -18.29
CA GLU B 86 -11.86 8.22 -18.97
C GLU B 86 -12.32 9.38 -18.07
N ARG B 87 -12.58 9.06 -16.80
CA ARG B 87 -12.94 10.08 -15.82
C ARG B 87 -11.80 11.09 -15.66
N SER B 88 -10.59 10.56 -15.60
CA SER B 88 -9.41 11.36 -15.39
C SER B 88 -9.22 12.41 -16.52
N ARG B 89 -9.45 12.01 -17.77
CA ARG B 89 -9.29 12.92 -18.92
C ARG B 89 -10.24 14.08 -18.81
N LEU B 90 -11.47 13.80 -18.36
CA LEU B 90 -12.48 14.85 -18.22
C LEU B 90 -12.14 15.81 -17.08
N MSE B 91 -11.60 15.26 -16.00
CA MSE B 91 -11.19 16.07 -14.84
C MSE B 91 -9.97 16.94 -15.16
O MSE B 91 -9.85 18.04 -14.63
CB MSE B 91 -10.89 15.16 -13.62
CG MSE B 91 -12.13 14.41 -13.12
SE MSE B 91 -11.66 12.93 -11.94
CE MSE B 91 -10.84 13.95 -10.44
N PHE B 92 -9.06 16.45 -15.98
CA PHE B 92 -7.97 17.32 -16.41
C PHE B 92 -8.52 18.48 -17.27
N LYS B 93 -9.55 18.24 -18.06
CA LYS B 93 -10.14 19.35 -18.84
C LYS B 93 -10.72 20.43 -17.93
N VAL B 94 -11.31 20.02 -16.81
CA VAL B 94 -11.80 21.00 -15.83
C VAL B 94 -10.61 21.76 -15.23
N ALA B 95 -9.54 21.05 -14.89
CA ALA B 95 -8.34 21.72 -14.38
C ALA B 95 -7.86 22.80 -15.34
N ASP B 96 -7.73 22.46 -16.63
CA ASP B 96 -7.37 23.44 -17.66
C ASP B 96 -8.32 24.64 -17.72
N LEU B 97 -9.62 24.37 -17.66
CA LEU B 97 -10.61 25.44 -17.74
C LEU B 97 -10.48 26.38 -16.55
N ILE B 98 -10.14 25.83 -15.39
CA ILE B 98 -10.01 26.66 -14.19
C ILE B 98 -8.90 27.70 -14.39
N LEU B 99 -7.78 27.25 -14.97
CA LEU B 99 -6.65 28.12 -15.26
C LEU B 99 -7.00 29.14 -16.34
N ALA B 100 -7.70 28.68 -17.38
CA ALA B 100 -8.15 29.55 -18.46
C ALA B 100 -9.04 30.70 -17.93
N ARG B 101 -9.82 30.43 -16.89
CA ARG B 101 -10.73 31.44 -16.31
C ARG B 101 -10.22 32.00 -14.96
N GLN B 102 -8.90 31.97 -14.75
CA GLN B 102 -8.37 32.26 -13.43
C GLN B 102 -8.79 33.62 -12.89
N GLU B 103 -8.67 34.66 -13.72
CA GLU B 103 -8.93 36.02 -13.28
C GLU B 103 -10.41 36.23 -13.02
N GLU B 104 -11.26 35.69 -13.91
CA GLU B 104 -12.72 35.75 -13.71
C GLU B 104 -13.10 35.13 -12.37
N LEU B 105 -12.53 33.94 -12.09
CA LEU B 105 -12.87 33.24 -10.85
C LEU B 105 -12.31 33.94 -9.61
N ALA B 106 -11.09 34.46 -9.70
CA ALA B 106 -10.47 35.16 -8.55
C ALA B 106 -11.28 36.40 -8.15
N LEU B 107 -11.82 37.09 -9.15
CA LEU B 107 -12.63 38.29 -8.90
C LEU B 107 -13.94 37.91 -8.22
N ILE B 108 -14.62 36.88 -8.73
CA ILE B 108 -15.84 36.44 -8.04
C ILE B 108 -15.55 36.13 -6.56
N GLU B 109 -14.52 35.31 -6.28
CA GLU B 109 -14.17 34.95 -4.88
C GLU B 109 -13.87 36.19 -4.04
N SER B 110 -13.12 37.13 -4.63
CA SER B 110 -12.77 38.37 -3.94
C SER B 110 -14.04 39.14 -3.56
N LEU B 111 -14.86 39.43 -4.56
CA LEU B 111 -16.10 40.18 -4.38
C LEU B 111 -17.08 39.57 -3.40
N GLU B 112 -17.29 38.24 -3.43
CA GLU B 112 -18.32 37.59 -2.58
C GLU B 112 -17.90 37.29 -1.15
N VAL B 113 -16.65 36.86 -0.96
CA VAL B 113 -16.19 36.56 0.42
C VAL B 113 -15.42 37.70 1.10
N GLY B 114 -14.91 38.66 0.34
CA GLY B 114 -14.16 39.80 0.93
C GLY B 114 -12.68 39.46 1.07
N LYS B 115 -12.22 38.62 0.16
CA LYS B 115 -10.91 38.01 0.20
C LYS B 115 -10.02 38.81 -0.72
N PRO B 116 -8.81 39.18 -0.25
CA PRO B 116 -7.92 39.96 -1.09
C PRO B 116 -7.67 39.29 -2.43
N ILE B 117 -7.68 40.08 -3.49
CA ILE B 117 -7.62 39.57 -4.86
C ILE B 117 -6.32 38.80 -5.20
N ALA B 118 -5.21 39.22 -4.62
CA ALA B 118 -3.94 38.49 -4.79
C ALA B 118 -4.02 37.08 -4.14
N GLN B 119 -4.62 37.00 -2.96
CA GLN B 119 -4.89 35.72 -2.31
C GLN B 119 -5.85 34.88 -3.17
N ALA B 120 -6.98 35.46 -3.57
CA ALA B 120 -7.93 34.75 -4.42
C ALA B 120 -7.27 34.19 -5.69
N ARG B 121 -6.43 34.99 -6.35
CA ARG B 121 -5.72 34.56 -7.55
C ARG B 121 -4.93 33.27 -7.30
N GLY B 122 -4.12 33.28 -6.23
CA GLY B 122 -3.33 32.12 -5.80
C GLY B 122 -4.22 30.92 -5.50
N GLU B 123 -5.27 31.14 -4.70
CA GLU B 123 -6.29 30.12 -4.40
C GLU B 123 -6.84 29.40 -5.62
N ILE B 124 -7.31 30.15 -6.64
CA ILE B 124 -7.82 29.54 -7.87
C ILE B 124 -6.74 28.71 -8.55
N GLY B 125 -5.51 29.23 -8.55
CA GLY B 125 -4.36 28.52 -9.09
C GLY B 125 -4.20 27.19 -8.39
N PHE B 126 -4.31 27.23 -7.08
CA PHE B 126 -4.19 26.04 -6.24
C PHE B 126 -5.32 25.03 -6.54
N CYS B 127 -6.53 25.53 -6.75
CA CYS B 127 -7.66 24.67 -7.11
C CYS B 127 -7.47 23.92 -8.42
N ALA B 128 -6.86 24.57 -9.41
CA ALA B 128 -6.52 23.90 -10.65
C ALA B 128 -5.57 22.74 -10.36
N ASP B 129 -4.66 22.95 -9.40
CA ASP B 129 -3.70 21.91 -9.02
C ASP B 129 -4.36 20.76 -8.26
N LEU B 130 -5.31 21.10 -7.39
CA LEU B 130 -6.09 20.08 -6.69
C LEU B 130 -6.82 19.18 -7.69
N TRP B 131 -7.52 19.78 -8.65
CA TRP B 131 -8.19 18.99 -9.70
C TRP B 131 -7.18 18.14 -10.49
N SER B 132 -6.01 18.70 -10.83
CA SER B 132 -4.99 17.93 -11.57
C SER B 132 -4.47 16.74 -10.77
N TYR B 133 -4.13 16.98 -9.50
CA TYR B 133 -3.66 15.89 -8.64
C TYR B 133 -4.71 14.78 -8.59
N ALA B 134 -5.93 15.16 -8.25
CA ALA B 134 -7.05 14.23 -8.13
C ALA B 134 -7.27 13.44 -9.42
N ALA B 135 -7.26 14.15 -10.57
CA ALA B 135 -7.41 13.52 -11.88
C ALA B 135 -6.32 12.48 -12.18
N GLY B 136 -5.08 12.79 -11.81
CA GLY B 136 -3.97 11.83 -11.94
C GLY B 136 -4.19 10.60 -11.08
N GLN B 137 -4.71 10.79 -9.87
CA GLN B 137 -4.82 9.68 -8.94
C GLN B 137 -6.04 8.79 -9.17
N ALA B 138 -7.09 9.39 -9.73
CA ALA B 138 -8.38 8.69 -9.93
C ALA B 138 -8.23 7.44 -10.75
N ARG B 139 -7.34 7.44 -11.74
CA ARG B 139 -7.20 6.25 -12.59
C ARG B 139 -6.39 5.12 -12.00
N ALA B 140 -5.69 5.40 -10.90
CA ALA B 140 -4.84 4.39 -10.28
C ALA B 140 -5.43 3.73 -9.01
N LEU B 141 -6.68 4.05 -8.68
CA LEU B 141 -7.31 3.51 -7.47
C LEU B 141 -7.47 1.98 -7.56
N GLU B 142 -7.07 1.31 -6.50
CA GLU B 142 -6.98 -0.15 -6.49
C GLU B 142 -7.63 -0.76 -5.25
N GLY B 143 -7.84 -2.07 -5.30
CA GLY B 143 -8.17 -2.86 -4.14
C GLY B 143 -7.07 -3.92 -4.04
N GLN B 144 -7.37 -5.05 -3.39
CA GLN B 144 -6.37 -6.09 -3.14
C GLN B 144 -6.80 -7.46 -3.63
N THR B 145 -5.81 -8.29 -3.98
CA THR B 145 -6.01 -9.73 -4.18
C THR B 145 -5.33 -10.44 -3.06
N HIS B 146 -5.95 -11.54 -2.60
CA HIS B 146 -5.34 -12.43 -1.62
C HIS B 146 -5.27 -13.79 -2.27
N ASN B 147 -4.06 -14.14 -2.72
CA ASN B 147 -3.84 -15.30 -3.57
C ASN B 147 -3.34 -16.46 -2.73
N ASN B 148 -3.35 -16.26 -1.41
CA ASN B 148 -2.78 -17.19 -0.45
C ASN B 148 -3.77 -17.61 0.65
N ILE B 149 -5.04 -17.74 0.30
CA ILE B 149 -6.01 -18.19 1.29
C ILE B 149 -6.56 -19.59 0.99
N GLY B 150 -5.70 -20.43 0.42
CA GLY B 150 -6.07 -21.82 0.04
C GLY B 150 -6.07 -21.98 -1.47
N ASP B 151 -5.65 -23.14 -1.97
CA ASP B 151 -5.61 -23.36 -3.42
C ASP B 151 -6.99 -23.30 -4.10
N ASP B 152 -8.05 -23.56 -3.36
CA ASP B 152 -9.39 -23.60 -3.96
C ASP B 152 -10.14 -22.27 -3.84
N ARG B 153 -9.44 -21.23 -3.40
CA ARG B 153 -10.08 -19.98 -3.07
C ARG B 153 -9.26 -18.78 -3.53
N LEU B 154 -9.92 -17.67 -3.79
CA LEU B 154 -9.24 -16.44 -4.16
C LEU B 154 -9.95 -15.32 -3.44
N GLY B 155 -9.21 -14.50 -2.72
CA GLY B 155 -9.80 -13.36 -2.03
C GLY B 155 -9.67 -12.12 -2.88
N LEU B 156 -10.76 -11.40 -3.05
CA LEU B 156 -10.72 -10.13 -3.75
C LEU B 156 -11.27 -9.04 -2.83
N VAL B 157 -10.66 -7.86 -2.88
CA VAL B 157 -11.25 -6.69 -2.24
C VAL B 157 -11.39 -5.70 -3.38
N LEU B 158 -12.64 -5.37 -3.70
CA LEU B 158 -12.93 -4.49 -4.83
C LEU B 158 -13.32 -3.12 -4.35
N ARG B 159 -12.74 -2.10 -4.95
CA ARG B 159 -13.04 -0.72 -4.60
C ARG B 159 -14.18 -0.28 -5.50
N GLU B 160 -15.21 0.31 -4.92
CA GLU B 160 -16.36 0.82 -5.68
C GLU B 160 -16.70 2.20 -5.16
N PRO B 161 -17.43 3.02 -5.96
CA PRO B 161 -17.90 4.33 -5.45
C PRO B 161 -18.93 4.17 -4.34
N VAL B 162 -18.99 5.15 -3.44
CA VAL B 162 -20.03 5.13 -2.41
C VAL B 162 -21.40 5.46 -3.02
N GLY B 163 -21.42 6.22 -4.11
CA GLY B 163 -22.70 6.51 -4.82
C GLY B 163 -22.98 8.00 -4.88
N VAL B 164 -24.11 8.43 -4.32
CA VAL B 164 -24.50 9.83 -4.42
C VAL B 164 -24.01 10.56 -3.17
N VAL B 165 -23.20 11.60 -3.36
CA VAL B 165 -22.65 12.36 -2.23
C VAL B 165 -23.19 13.79 -2.20
N GLY B 166 -23.79 14.20 -1.08
CA GLY B 166 -24.12 15.62 -0.85
C GLY B 166 -22.92 16.32 -0.23
N ILE B 167 -22.47 17.40 -0.85
CA ILE B 167 -21.31 18.15 -0.42
C ILE B 167 -21.76 19.58 -0.08
N ILE B 168 -21.57 19.95 1.19
CA ILE B 168 -22.01 21.25 1.73
C ILE B 168 -20.75 22.02 2.13
N THR B 169 -20.58 23.22 1.57
CA THR B 169 -19.33 23.96 1.73
C THR B 169 -19.53 25.35 2.40
N PRO B 170 -18.47 25.89 3.01
CA PRO B 170 -18.64 27.10 3.84
C PRO B 170 -18.31 28.38 3.09
N TRP B 171 -18.60 29.52 3.71
CA TRP B 171 -18.33 30.85 3.11
C TRP B 171 -16.86 31.27 3.09
N ASN B 172 -16.02 30.65 3.91
CA ASN B 172 -14.63 31.16 4.02
C ASN B 172 -13.64 30.76 2.91
N PHE B 173 -13.76 29.55 2.36
CA PHE B 173 -12.96 29.13 1.22
C PHE B 173 -13.83 28.35 0.20
N PRO B 174 -14.76 29.03 -0.49
CA PRO B 174 -15.79 28.31 -1.25
C PRO B 174 -15.21 27.43 -2.35
N PHE B 175 -14.30 27.98 -3.16
CA PHE B 175 -13.75 27.30 -4.31
C PHE B 175 -12.76 26.21 -3.91
N ILE B 176 -11.91 26.51 -2.92
CA ILE B 176 -10.93 25.53 -2.42
C ILE B 176 -11.58 24.26 -1.87
N ILE B 177 -12.58 24.44 -1.02
CA ILE B 177 -13.27 23.32 -0.40
C ILE B 177 -14.12 22.50 -1.38
N ALA B 178 -14.76 23.18 -2.33
CA ALA B 178 -15.36 22.42 -3.44
C ALA B 178 -14.25 21.63 -4.17
N SER B 179 -13.10 22.26 -4.37
CA SER B 179 -12.02 21.61 -5.11
C SER B 179 -11.26 20.55 -4.30
N GLU B 180 -11.44 20.56 -2.97
CA GLU B 180 -10.91 19.52 -2.07
C GLU B 180 -11.86 18.34 -1.93
N ARG B 181 -13.11 18.47 -2.38
CA ARG B 181 -14.13 17.43 -2.16
C ARG B 181 -14.63 16.84 -3.47
N VAL B 182 -15.13 17.70 -4.36
CA VAL B 182 -15.73 17.22 -5.60
C VAL B 182 -14.78 16.30 -6.41
N PRO B 183 -13.52 16.71 -6.63
CA PRO B 183 -12.70 15.87 -7.50
C PRO B 183 -12.42 14.48 -6.91
N TRP B 184 -12.26 14.38 -5.59
CA TRP B 184 -12.04 13.07 -4.93
C TRP B 184 -13.33 12.24 -4.99
N ALA B 185 -14.48 12.88 -4.85
CA ALA B 185 -15.75 12.13 -4.98
C ALA B 185 -16.04 11.65 -6.42
N ILE B 186 -16.11 12.56 -7.39
CA ILE B 186 -16.38 12.12 -8.77
C ILE B 186 -15.25 11.25 -9.30
N GLY B 187 -14.02 11.49 -8.84
CA GLY B 187 -12.87 10.64 -9.23
C GLY B 187 -13.04 9.21 -8.77
N SER B 188 -13.76 9.02 -7.66
CA SER B 188 -14.03 7.68 -7.14
C SER B 188 -15.18 7.00 -7.89
N GLY B 189 -15.83 7.70 -8.82
CA GLY B 189 -16.98 7.12 -9.52
C GLY B 189 -18.30 7.64 -8.95
N CYS B 190 -18.23 8.55 -7.97
CA CYS B 190 -19.45 9.08 -7.33
C CYS B 190 -20.10 10.13 -8.20
N THR B 191 -21.36 10.45 -7.89
CA THR B 191 -22.03 11.63 -8.44
C THR B 191 -22.36 12.53 -7.26
N VAL B 192 -22.52 13.82 -7.54
CA VAL B 192 -22.50 14.81 -6.48
C VAL B 192 -23.61 15.84 -6.55
N VAL B 193 -24.12 16.28 -5.40
CA VAL B 193 -24.92 17.52 -5.32
C VAL B 193 -24.15 18.47 -4.39
N LEU B 194 -23.67 19.57 -4.97
CA LEU B 194 -22.88 20.55 -4.25
C LEU B 194 -23.82 21.66 -3.75
N LYS B 195 -23.69 21.98 -2.46
CA LYS B 195 -24.45 23.07 -1.87
C LYS B 195 -23.50 24.06 -1.20
N PRO B 196 -23.24 25.19 -1.88
CA PRO B 196 -22.34 26.19 -1.31
C PRO B 196 -23.10 27.14 -0.38
N SER B 197 -22.37 27.94 0.40
CA SER B 197 -23.02 28.84 1.33
C SER B 197 -23.88 29.84 0.54
N GLU B 198 -24.99 30.24 1.13
CA GLU B 198 -25.85 31.34 0.62
C GLU B 198 -25.07 32.65 0.33
N PHE B 199 -23.92 32.84 0.99
CA PHE B 199 -23.15 34.05 0.81
C PHE B 199 -22.24 34.00 -0.41
N THR B 200 -21.90 32.79 -0.85
CA THR B 200 -20.72 32.62 -1.70
C THR B 200 -20.88 31.48 -2.71
N SER B 201 -21.91 31.57 -3.53
CA SER B 201 -22.28 30.50 -4.46
C SER B 201 -21.70 30.66 -5.88
N GLY B 202 -21.14 31.84 -6.17
CA GLY B 202 -20.72 32.18 -7.53
C GLY B 202 -19.69 31.23 -8.14
N THR B 203 -18.56 31.06 -7.46
CA THR B 203 -17.48 30.20 -7.98
C THR B 203 -17.90 28.71 -8.05
N SER B 204 -18.75 28.27 -7.13
CA SER B 204 -19.23 26.89 -7.15
C SER B 204 -20.14 26.60 -8.34
N ILE B 205 -20.98 27.56 -8.69
CA ILE B 205 -21.79 27.40 -9.87
C ILE B 205 -20.90 27.38 -11.10
N ARG B 206 -19.94 28.30 -11.15
CA ARG B 206 -19.05 28.35 -12.31
C ARG B 206 -18.30 27.02 -12.43
N LEU B 207 -17.96 26.42 -11.29
CA LEU B 207 -17.21 25.16 -11.29
C LEU B 207 -18.03 24.03 -11.90
N ALA B 208 -19.30 23.97 -11.55
CA ALA B 208 -20.21 23.00 -12.14
C ALA B 208 -20.41 23.24 -13.65
N GLU B 209 -20.40 24.50 -14.06
CA GLU B 209 -20.55 24.83 -15.48
C GLU B 209 -19.27 24.48 -16.27
N LEU B 210 -18.11 24.61 -15.63
CA LEU B 210 -16.85 24.18 -16.24
C LEU B 210 -16.82 22.68 -16.47
N ALA B 211 -17.31 21.92 -15.49
CA ALA B 211 -17.45 20.46 -15.63
C ALA B 211 -18.41 20.12 -16.78
N ARG B 212 -19.52 20.86 -16.87
CA ARG B 212 -20.40 20.67 -18.02
C ARG B 212 -19.66 20.96 -19.34
N GLU B 213 -18.93 22.07 -19.36
CA GLU B 213 -18.20 22.52 -20.55
C GLU B 213 -17.11 21.52 -20.93
N ALA B 214 -16.48 20.94 -19.91
CA ALA B 214 -15.44 19.91 -20.11
C ALA B 214 -15.99 18.63 -20.70
N GLY B 215 -17.30 18.42 -20.56
CA GLY B 215 -17.94 17.22 -21.09
C GLY B 215 -18.29 16.14 -20.06
N ILE B 216 -18.24 16.48 -18.77
CA ILE B 216 -18.68 15.54 -17.74
C ILE B 216 -20.20 15.22 -17.93
N PRO B 217 -20.58 13.94 -17.87
CA PRO B 217 -21.99 13.59 -18.12
C PRO B 217 -22.99 14.33 -17.22
N ASP B 218 -24.15 14.61 -17.78
CA ASP B 218 -25.23 15.26 -17.05
C ASP B 218 -25.53 14.49 -15.76
N GLY B 219 -25.72 15.23 -14.67
CA GLY B 219 -26.14 14.62 -13.41
C GLY B 219 -24.98 14.15 -12.54
N VAL B 220 -23.77 14.09 -13.09
CA VAL B 220 -22.58 13.75 -12.27
C VAL B 220 -22.26 14.86 -11.25
N PHE B 221 -22.37 16.12 -11.68
CA PHE B 221 -21.97 17.23 -10.83
C PHE B 221 -23.11 18.24 -10.92
N ASN B 222 -23.95 18.26 -9.89
CA ASN B 222 -25.08 19.17 -9.79
C ASN B 222 -24.75 20.22 -8.71
N VAL B 223 -25.34 21.42 -8.83
CA VAL B 223 -25.15 22.46 -7.81
C VAL B 223 -26.49 23.11 -7.53
N VAL B 224 -26.82 23.20 -6.24
CA VAL B 224 -28.06 23.82 -5.78
C VAL B 224 -27.70 24.94 -4.80
N THR B 225 -28.59 25.93 -4.69
CA THR B 225 -28.27 27.11 -3.87
C THR B 225 -29.46 27.53 -3.03
N GLY B 226 -29.16 28.31 -1.99
CA GLY B 226 -30.18 28.70 -1.04
C GLY B 226 -29.63 28.82 0.37
N TYR B 227 -30.55 28.85 1.34
CA TYR B 227 -30.16 28.94 2.75
C TYR B 227 -29.76 27.56 3.27
N GLY B 228 -29.27 27.50 4.52
CA GLY B 228 -28.93 26.23 5.20
C GLY B 228 -29.95 25.14 4.97
N ASP B 229 -31.19 25.44 5.34
CA ASP B 229 -32.34 24.57 5.08
C ASP B 229 -33.25 25.24 4.04
N PRO B 230 -33.97 24.45 3.24
CA PRO B 230 -34.10 23.01 3.31
C PRO B 230 -32.91 22.17 2.73
N ALA B 231 -31.97 22.75 1.98
CA ALA B 231 -30.94 21.89 1.33
C ALA B 231 -30.22 20.94 2.32
N GLY B 232 -29.66 21.49 3.38
CA GLY B 232 -29.08 20.72 4.48
C GLY B 232 -29.91 19.55 4.96
N GLN B 233 -31.18 19.81 5.32
CA GLN B 233 -32.05 18.72 5.78
C GLN B 233 -32.29 17.66 4.69
N VAL B 234 -32.53 18.09 3.46
CA VAL B 234 -32.81 17.16 2.38
C VAL B 234 -31.60 16.22 2.16
N LEU B 235 -30.40 16.79 2.12
CA LEU B 235 -29.19 16.01 1.85
C LEU B 235 -28.90 14.98 2.96
N ALA B 236 -29.20 15.35 4.21
CA ALA B 236 -29.04 14.47 5.36
C ALA B 236 -30.15 13.44 5.54
N GLU B 237 -31.31 13.70 4.94
CA GLU B 237 -32.49 12.84 5.09
C GLU B 237 -32.86 11.99 3.87
N ASP B 238 -32.56 12.49 2.67
CA ASP B 238 -33.03 11.81 1.44
C ASP B 238 -32.44 10.40 1.37
N PRO B 239 -33.29 9.36 1.25
CA PRO B 239 -32.75 8.01 1.10
C PRO B 239 -31.91 7.79 -0.18
N ASN B 240 -32.02 8.68 -1.16
CA ASN B 240 -31.22 8.55 -2.38
C ASN B 240 -29.80 9.07 -2.22
N VAL B 241 -29.55 9.78 -1.12
CA VAL B 241 -28.19 10.23 -0.84
C VAL B 241 -27.45 9.18 0.00
N ASP B 242 -26.21 8.85 -0.40
CA ASP B 242 -25.45 7.81 0.29
C ASP B 242 -24.48 8.37 1.34
N MSE B 243 -24.11 9.62 1.17
CA MSE B 243 -23.14 10.26 2.04
C MSE B 243 -23.31 11.78 2.05
O MSE B 243 -23.62 12.36 1.00
CB MSE B 243 -21.73 9.94 1.55
CG MSE B 243 -20.64 10.57 2.43
SE MSE B 243 -18.89 9.89 1.82
CE MSE B 243 -17.72 11.09 2.90
N VAL B 244 -23.09 12.40 3.21
CA VAL B 244 -22.98 13.87 3.30
C VAL B 244 -21.55 14.22 3.72
N ALA B 245 -20.90 15.09 2.95
CA ALA B 245 -19.57 15.64 3.27
C ALA B 245 -19.75 17.09 3.63
N PHE B 246 -19.58 17.42 4.89
CA PHE B 246 -19.86 18.76 5.38
C PHE B 246 -18.59 19.46 5.85
N THR B 247 -18.48 20.74 5.52
CA THR B 247 -17.42 21.58 6.05
C THR B 247 -18.01 22.91 6.55
N GLY B 248 -17.59 23.30 7.74
CA GLY B 248 -18.15 24.50 8.40
C GLY B 248 -17.99 24.35 9.90
N SER B 249 -19.00 24.80 10.66
CA SER B 249 -18.84 24.88 12.11
C SER B 249 -19.26 23.60 12.84
N VAL B 250 -18.66 23.39 14.01
CA VAL B 250 -18.97 22.24 14.84
C VAL B 250 -20.47 22.21 15.10
N ARG B 251 -21.08 23.37 15.39
CA ARG B 251 -22.52 23.43 15.70
C ARG B 251 -23.41 22.88 14.57
N VAL B 252 -23.10 23.29 13.35
CA VAL B 252 -23.92 22.88 12.19
C VAL B 252 -23.55 21.44 11.81
N GLY B 253 -22.26 21.14 11.86
CA GLY B 253 -21.74 19.79 11.63
C GLY B 253 -22.37 18.74 12.52
N THR B 254 -22.44 19.00 13.83
CA THR B 254 -23.00 17.99 14.75
C THR B 254 -24.47 17.74 14.48
N LYS B 255 -25.22 18.82 14.18
CA LYS B 255 -26.64 18.66 13.86
C LYS B 255 -26.87 17.80 12.60
N LEU B 256 -26.09 18.05 11.55
CA LEU B 256 -26.23 17.28 10.31
C LEU B 256 -25.85 15.84 10.53
N GLY B 257 -24.79 15.63 11.31
CA GLY B 257 -24.33 14.30 11.72
C GLY B 257 -25.41 13.54 12.47
N GLU B 258 -26.15 14.21 13.34
CA GLU B 258 -27.25 13.55 14.04
C GLU B 258 -28.37 13.13 13.12
N ILE B 259 -28.79 14.05 12.25
CA ILE B 259 -29.81 13.73 11.27
C ILE B 259 -29.36 12.56 10.37
N ALA B 260 -28.11 12.65 9.86
CA ALA B 260 -27.56 11.60 8.99
C ALA B 260 -27.55 10.22 9.67
N ALA B 261 -27.18 10.19 10.96
CA ALA B 261 -27.17 8.93 11.74
C ALA B 261 -28.51 8.21 11.75
N ARG B 262 -29.61 8.96 11.66
CA ARG B 262 -30.93 8.29 11.73
C ARG B 262 -31.17 7.28 10.62
N THR B 263 -30.49 7.46 9.49
CA THR B 263 -30.63 6.52 8.41
C THR B 263 -29.30 5.88 8.03
N VAL B 264 -28.38 5.87 8.98
CA VAL B 264 -27.07 5.21 8.81
C VAL B 264 -26.34 5.82 7.61
N LYS B 265 -26.43 7.12 7.44
CA LYS B 265 -25.86 7.77 6.28
C LYS B 265 -24.40 8.08 6.59
N ARG B 266 -23.48 7.67 5.72
CA ARG B 266 -22.06 7.99 5.89
C ARG B 266 -21.92 9.50 5.96
N VAL B 267 -21.01 9.96 6.80
CA VAL B 267 -20.80 11.38 7.00
C VAL B 267 -19.31 11.65 7.03
N GLY B 268 -18.84 12.69 6.33
CA GLY B 268 -17.50 13.19 6.48
C GLY B 268 -17.63 14.62 7.00
N LEU B 269 -16.82 14.99 7.99
CA LEU B 269 -16.96 16.28 8.66
C LEU B 269 -15.62 16.96 8.74
N GLU B 270 -15.57 18.23 8.33
CA GLU B 270 -14.37 19.05 8.45
C GLU B 270 -14.78 20.34 9.13
N LEU B 271 -14.41 20.48 10.40
CA LEU B 271 -15.03 21.48 11.27
C LEU B 271 -14.03 22.51 11.77
N GLY B 272 -14.41 23.25 12.81
CA GLY B 272 -13.53 24.30 13.31
C GLY B 272 -12.33 23.79 14.11
N GLY B 273 -11.48 24.74 14.53
CA GLY B 273 -10.33 24.43 15.36
C GLY B 273 -9.92 25.58 16.25
N LYS B 274 -8.95 25.31 17.12
CA LYS B 274 -8.25 26.37 17.88
C LYS B 274 -6.76 26.02 17.79
N GLY B 275 -6.21 26.15 16.58
CA GLY B 275 -4.84 25.73 16.30
C GLY B 275 -3.75 26.51 17.03
N PRO B 276 -2.84 25.79 17.71
CA PRO B 276 -1.73 26.50 18.34
C PRO B 276 -0.50 26.46 17.49
N GLN B 277 0.30 27.52 17.55
CA GLN B 277 1.65 27.49 17.03
C GLN B 277 2.58 27.55 18.23
N ILE B 278 3.56 26.65 18.27
CA ILE B 278 4.43 26.52 19.43
C ILE B 278 5.79 27.01 18.99
N VAL B 279 6.30 28.04 19.68
CA VAL B 279 7.57 28.60 19.30
C VAL B 279 8.60 28.39 20.43
N PHE B 280 9.63 27.61 20.14
CA PHE B 280 10.69 27.32 21.13
C PHE B 280 11.87 28.30 21.00
N ALA B 281 12.68 28.37 22.06
CA ALA B 281 13.72 29.39 22.15
C ALA B 281 14.77 29.26 21.08
N ASP B 282 14.92 28.05 20.52
CA ASP B 282 15.89 27.82 19.48
C ASP B 282 15.35 27.96 18.05
N ALA B 283 14.12 28.45 17.91
CA ALA B 283 13.51 28.64 16.59
C ALA B 283 14.17 29.78 15.80
N ASP B 284 14.03 29.75 14.47
CA ASP B 284 14.42 30.91 13.67
C ASP B 284 13.44 32.04 13.98
N LEU B 285 13.95 33.08 14.64
CA LEU B 285 13.09 34.09 15.23
C LEU B 285 12.32 34.88 14.16
N ASP B 286 13.02 35.26 13.09
CA ASP B 286 12.43 36.03 12.00
C ASP B 286 11.37 35.22 11.23
N ALA B 287 11.74 34.01 10.78
CA ALA B 287 10.76 33.12 10.14
C ALA B 287 9.56 32.84 11.03
N ALA B 288 9.78 32.54 12.31
CA ALA B 288 8.65 32.26 13.21
C ALA B 288 7.71 33.44 13.42
N ALA B 289 8.30 34.62 13.59
CA ALA B 289 7.50 35.83 13.76
C ALA B 289 6.60 36.05 12.54
N ASP B 290 7.19 35.97 11.35
CA ASP B 290 6.46 36.05 10.09
C ASP B 290 5.39 34.93 9.99
N GLY B 291 5.76 33.73 10.44
CA GLY B 291 4.83 32.62 10.50
C GLY B 291 3.66 32.86 11.44
N ILE B 292 3.90 33.48 12.59
CA ILE B 292 2.78 33.75 13.52
C ILE B 292 1.74 34.73 12.93
N ALA B 293 2.23 35.78 12.28
CA ALA B 293 1.38 36.78 11.63
C ALA B 293 0.55 36.12 10.52
N TYR B 294 1.22 35.43 9.61
CA TYR B 294 0.55 34.60 8.57
C TYR B 294 -0.53 33.72 9.16
N GLY B 295 -0.13 32.90 10.13
CA GLY B 295 -1.02 31.97 10.81
C GLY B 295 -2.32 32.55 11.28
N VAL B 296 -2.27 33.72 11.91
CA VAL B 296 -3.49 34.32 12.50
C VAL B 296 -4.28 35.26 11.56
N TYR B 297 -3.57 35.87 10.61
CA TYR B 297 -4.12 36.90 9.69
C TYR B 297 -4.55 36.39 8.30
N HIS B 298 -3.99 35.27 7.85
CA HIS B 298 -4.48 34.62 6.62
C HIS B 298 -6.00 34.56 6.63
N ASN B 299 -6.62 35.05 5.57
CA ASN B 299 -8.08 35.07 5.42
C ASN B 299 -8.77 35.84 6.55
N ALA B 300 -8.10 36.88 7.03
CA ALA B 300 -8.63 37.67 8.16
C ALA B 300 -8.95 36.83 9.40
N GLY B 301 -8.21 35.72 9.58
CA GLY B 301 -8.48 34.86 10.74
C GLY B 301 -9.69 33.98 10.58
N GLN B 302 -10.39 34.09 9.44
CA GLN B 302 -11.60 33.30 9.19
C GLN B 302 -11.18 31.97 8.57
N CYS B 303 -10.50 31.15 9.38
CA CYS B 303 -9.82 29.96 8.85
C CYS B 303 -9.76 28.88 9.94
N CYS B 304 -10.18 27.67 9.60
CA CYS B 304 -10.25 26.60 10.62
C CYS B 304 -8.85 26.17 11.05
N ILE B 305 -7.88 26.30 10.15
CA ILE B 305 -6.48 25.97 10.42
C ILE B 305 -5.64 27.20 10.85
N SER B 306 -6.32 28.26 11.31
CA SER B 306 -5.65 29.46 11.80
C SER B 306 -4.77 29.12 13.01
N GLY B 307 -3.57 29.69 13.07
CA GLY B 307 -2.81 29.69 14.33
C GLY B 307 -3.42 30.72 15.30
N SER B 308 -4.53 30.36 15.94
CA SER B 308 -5.26 31.29 16.79
C SER B 308 -4.69 31.42 18.22
N ARG B 309 -3.90 30.43 18.63
CA ARG B 309 -3.14 30.49 19.89
C ARG B 309 -1.65 30.49 19.63
N LEU B 310 -0.93 31.44 20.22
CA LEU B 310 0.53 31.41 20.17
C LEU B 310 1.05 30.88 21.51
N LEU B 311 1.87 29.83 21.42
CA LEU B 311 2.49 29.25 22.62
C LEU B 311 3.97 29.50 22.49
N VAL B 312 4.47 30.43 23.31
CA VAL B 312 5.84 30.90 23.16
C VAL B 312 6.69 30.57 24.40
N GLN B 313 7.91 30.09 24.18
CA GLN B 313 8.77 29.72 25.30
C GLN B 313 9.26 31.01 25.97
N GLU B 314 9.11 31.09 27.29
CA GLU B 314 9.65 32.19 28.10
C GLU B 314 11.09 32.47 27.67
N GLY B 315 11.40 33.69 27.25
CA GLY B 315 12.81 33.97 26.99
C GLY B 315 13.15 34.19 25.53
N ILE B 316 12.21 33.86 24.66
CA ILE B 316 12.21 34.44 23.33
C ILE B 316 10.90 35.18 23.15
N ARG B 317 10.09 35.18 24.19
CA ARG B 317 8.81 35.84 24.19
C ARG B 317 8.91 37.30 23.72
N ASP B 318 9.83 38.06 24.32
CA ASP B 318 9.94 39.49 24.06
C ASP B 318 10.55 39.79 22.70
N ALA B 319 11.59 39.04 22.31
CA ALA B 319 12.15 39.19 20.98
C ALA B 319 11.13 38.78 19.90
N LEU B 320 10.27 37.80 20.20
CA LEU B 320 9.23 37.37 19.25
C LEU B 320 8.11 38.40 19.15
N MSE B 321 7.58 38.81 20.30
CA MSE B 321 6.50 39.78 20.38
C MSE B 321 6.84 41.08 19.65
O MSE B 321 5.98 41.69 19.01
CB MSE B 321 6.12 40.01 21.83
CG MSE B 321 4.82 40.77 22.02
SE MSE B 321 3.22 39.84 21.29
CE MSE B 321 2.77 38.75 22.86
N GLU B 322 8.09 41.51 19.72
CA GLU B 322 8.57 42.73 19.08
C GLU B 322 8.48 42.62 17.57
N ARG B 323 8.93 41.47 17.07
CA ARG B 323 8.96 41.20 15.65
C ARG B 323 7.55 41.11 15.12
N LEU B 324 6.68 40.49 15.92
CA LEU B 324 5.30 40.25 15.52
C LEU B 324 4.54 41.56 15.43
N LEU B 325 4.74 42.44 16.40
CA LEU B 325 4.07 43.74 16.41
C LEU B 325 4.55 44.64 15.28
N ASP B 326 5.85 44.74 15.08
CA ASP B 326 6.37 45.38 13.89
C ASP B 326 5.62 44.92 12.61
N ILE B 327 5.54 43.59 12.39
CA ILE B 327 4.77 43.05 11.26
C ILE B 327 3.28 43.44 11.31
N SER B 328 2.65 43.23 12.47
CA SER B 328 1.23 43.49 12.66
C SER B 328 0.81 44.93 12.31
N ARG B 329 1.75 45.85 12.51
CA ARG B 329 1.46 47.26 12.30
C ARG B 329 1.70 47.67 10.84
N LYS B 330 2.58 46.96 10.13
CA LYS B 330 2.92 47.31 8.76
C LYS B 330 2.07 46.59 7.69
N VAL B 331 1.38 45.52 8.09
CA VAL B 331 0.69 44.65 7.12
C VAL B 331 -0.54 45.34 6.52
N ALA B 332 -0.53 45.42 5.20
CA ALA B 332 -1.61 46.10 4.48
C ALA B 332 -2.90 45.30 4.62
N PHE B 333 -3.89 45.93 5.24
CA PHE B 333 -5.21 45.37 5.24
C PHE B 333 -6.23 46.34 4.68
N GLY B 334 -7.33 45.81 4.17
CA GLY B 334 -8.44 46.65 3.72
C GLY B 334 -9.03 46.16 2.41
N ASP B 335 -9.06 47.08 1.44
CA ASP B 335 -9.71 46.89 0.14
C ASP B 335 -9.34 45.56 -0.53
N PRO B 336 -10.28 44.61 -0.55
CA PRO B 336 -9.97 43.32 -1.18
C PRO B 336 -9.57 43.47 -2.65
N LEU B 337 -10.08 44.50 -3.31
CA LEU B 337 -9.75 44.71 -4.74
C LEU B 337 -8.36 45.29 -5.01
N ASN B 338 -7.66 45.70 -3.95
CA ASN B 338 -6.31 46.23 -4.13
C ASN B 338 -5.25 45.13 -4.20
N GLU B 339 -4.38 45.18 -5.20
CA GLU B 339 -3.36 44.13 -5.41
C GLU B 339 -2.35 44.04 -4.26
N ARG B 340 -2.38 45.07 -3.40
CA ARG B 340 -1.41 45.21 -2.32
C ARG B 340 -1.96 44.67 -1.01
N THR B 341 -3.29 44.53 -0.90
CA THR B 341 -3.94 44.08 0.33
C THR B 341 -3.50 42.65 0.70
N LYS B 342 -3.21 42.45 1.99
CA LYS B 342 -2.83 41.13 2.50
C LYS B 342 -3.96 40.56 3.36
N ILE B 343 -4.72 41.45 3.98
CA ILE B 343 -5.83 41.07 4.83
C ILE B 343 -7.14 41.74 4.39
N GLY B 344 -8.12 40.93 4.00
CA GLY B 344 -9.38 41.43 3.48
C GLY B 344 -10.42 41.82 4.52
N ALA B 345 -11.68 41.67 4.15
CA ALA B 345 -12.78 42.11 4.98
C ALA B 345 -13.39 40.95 5.74
N MSE B 346 -14.18 41.26 6.77
CA MSE B 346 -14.96 40.27 7.48
C MSE B 346 -16.15 39.82 6.62
O MSE B 346 -16.54 40.53 5.69
CB MSE B 346 -15.45 40.85 8.81
CG MSE B 346 -14.32 41.30 9.73
SE MSE B 346 -13.44 39.74 10.55
CE MSE B 346 -14.82 39.35 11.79
N ILE B 347 -16.74 38.66 6.92
CA ILE B 347 -17.76 38.06 6.03
C ILE B 347 -19.13 38.72 6.07
N SER B 348 -19.59 39.03 7.28
CA SER B 348 -20.88 39.66 7.52
C SER B 348 -20.79 40.57 8.72
N GLU B 349 -21.85 41.35 8.93
CA GLU B 349 -21.99 42.29 10.04
C GLU B 349 -22.14 41.49 11.33
N ALA B 350 -22.89 40.39 11.23
CA ALA B 350 -23.14 39.50 12.35
C ALA B 350 -21.85 38.78 12.76
N HIS B 351 -20.99 38.47 11.79
CA HIS B 351 -19.72 37.82 12.09
C HIS B 351 -18.66 38.79 12.62
N ALA B 352 -18.54 39.95 11.97
CA ALA B 352 -17.62 41.01 12.41
C ALA B 352 -17.87 41.40 13.85
N GLU B 353 -19.15 41.36 14.25
CA GLU B 353 -19.56 41.70 15.59
C GLU B 353 -19.24 40.58 16.58
N LYS B 354 -19.39 39.33 16.13
CA LYS B 354 -19.03 38.15 16.93
C LYS B 354 -17.54 38.19 17.32
N VAL B 355 -16.70 38.61 16.39
CA VAL B 355 -15.26 38.75 16.60
C VAL B 355 -14.94 39.82 17.65
N HIS B 356 -15.60 40.97 17.54
CA HIS B 356 -15.36 42.06 18.48
C HIS B 356 -15.88 41.73 19.88
N SER B 357 -16.98 41.00 19.94
CA SER B 357 -17.53 40.52 21.19
C SER B 357 -16.54 39.63 21.95
N TYR B 358 -15.82 38.77 21.21
CA TYR B 358 -14.78 37.94 21.84
C TYR B 358 -13.65 38.82 22.33
N VAL B 359 -13.29 39.84 21.55
CA VAL B 359 -12.23 40.78 21.92
C VAL B 359 -12.57 41.52 23.23
N THR B 360 -13.83 41.95 23.37
CA THR B 360 -14.20 42.67 24.58
C THR B 360 -14.27 41.69 25.74
N ALA B 361 -14.72 40.46 25.48
CA ALA B 361 -14.74 39.41 26.52
C ALA B 361 -13.33 38.99 26.96
N GLY B 362 -12.36 39.08 26.06
CA GLY B 362 -10.96 38.86 26.39
C GLY B 362 -10.39 39.97 27.26
N ILE B 363 -10.85 41.20 27.04
CA ILE B 363 -10.43 42.36 27.85
C ILE B 363 -10.95 42.23 29.28
N THR B 364 -12.23 41.86 29.43
CA THR B 364 -12.85 41.79 30.77
C THR B 364 -12.41 40.55 31.54
N SER B 365 -11.81 39.59 30.83
CA SER B 365 -11.22 38.41 31.44
C SER B 365 -9.88 38.73 32.08
N GLY B 366 -9.29 39.84 31.67
CA GLY B 366 -8.03 40.30 32.23
C GLY B 366 -6.87 40.28 31.27
N ALA B 367 -7.10 39.83 30.04
CA ALA B 367 -6.04 39.72 29.03
C ALA B 367 -5.50 41.08 28.58
N GLU B 368 -4.22 41.12 28.21
CA GLU B 368 -3.54 42.36 27.84
C GLU B 368 -3.61 42.65 26.33
N LEU B 369 -4.37 43.68 25.94
CA LEU B 369 -4.53 44.02 24.52
C LEU B 369 -3.35 44.82 24.02
N LEU B 370 -2.55 44.24 23.15
CA LEU B 370 -1.34 44.91 22.70
C LEU B 370 -1.49 45.69 21.40
N LEU B 371 -2.54 45.38 20.63
CA LEU B 371 -2.74 45.95 19.29
C LEU B 371 -4.14 45.60 18.82
N GLY B 372 -4.75 46.52 18.08
CA GLY B 372 -6.06 46.27 17.47
C GLY B 372 -7.22 46.29 18.45
N GLY B 373 -8.15 45.36 18.27
CA GLY B 373 -9.34 45.32 19.13
C GLY B 373 -10.49 46.23 18.69
N GLU B 374 -10.32 46.91 17.55
CA GLU B 374 -11.34 47.82 17.00
C GLU B 374 -11.90 47.44 15.62
N ARG B 375 -13.21 47.60 15.44
CA ARG B 375 -13.84 47.66 14.12
C ARG B 375 -13.29 48.86 13.36
N ILE B 376 -13.12 48.74 12.05
CA ILE B 376 -12.66 49.84 11.21
C ILE B 376 -13.60 50.06 10.00
N GLY B 377 -13.85 51.32 9.66
CA GLY B 377 -14.80 51.69 8.61
C GLY B 377 -16.07 52.20 9.24
N GLU B 379 -16.64 54.20 6.86
CA GLU B 379 -17.99 53.72 7.17
C GLU B 379 -18.53 52.68 6.18
N ALA B 380 -17.86 52.53 5.03
CA ALA B 380 -18.35 51.67 3.95
C ALA B 380 -17.56 50.35 3.79
N GLY B 381 -17.84 49.39 4.66
CA GLY B 381 -17.19 48.08 4.63
C GLY B 381 -16.96 47.47 6.01
N LEU B 382 -17.00 46.13 6.07
CA LEU B 382 -16.82 45.41 7.32
C LEU B 382 -15.35 44.98 7.49
N TYR B 383 -14.70 45.54 8.49
CA TYR B 383 -13.27 45.31 8.70
C TYR B 383 -12.92 45.18 10.17
N TYR B 384 -11.78 44.54 10.43
CA TYR B 384 -11.27 44.42 11.79
C TYR B 384 -9.77 44.55 11.81
N ALA B 385 -9.26 45.34 12.76
CA ALA B 385 -7.82 45.57 12.88
C ALA B 385 -7.09 44.31 13.36
N PRO B 386 -5.87 44.09 12.86
CA PRO B 386 -4.99 43.05 13.41
C PRO B 386 -4.91 43.20 14.91
N THR B 387 -5.23 42.12 15.62
CA THR B 387 -5.44 42.14 17.07
C THR B 387 -4.55 41.10 17.76
N VAL B 388 -3.76 41.56 18.74
CA VAL B 388 -2.87 40.69 19.53
C VAL B 388 -3.12 40.86 21.03
N PHE B 389 -3.44 39.75 21.70
CA PHE B 389 -3.57 39.70 23.14
C PHE B 389 -2.35 39.02 23.77
N ALA B 390 -1.95 39.49 24.96
CA ALA B 390 -0.92 38.84 25.76
C ALA B 390 -1.52 38.42 27.10
N GLY B 391 -0.80 37.58 27.84
CA GLY B 391 -1.23 37.18 29.18
C GLY B 391 -2.48 36.34 29.25
N VAL B 392 -2.82 35.67 28.15
CA VAL B 392 -4.00 34.82 28.09
C VAL B 392 -3.73 33.56 28.92
N THR B 393 -4.75 33.07 29.62
CA THR B 393 -4.64 31.87 30.44
C THR B 393 -5.64 30.82 29.94
N PRO B 394 -5.28 29.51 30.03
CA PRO B 394 -6.08 28.41 29.46
C PRO B 394 -7.59 28.55 29.65
N ASP B 395 -8.01 29.08 30.79
CA ASP B 395 -9.44 29.11 31.12
C ASP B 395 -10.24 30.22 30.43
N MSE B 396 -9.57 31.23 29.88
CA MSE B 396 -10.27 32.36 29.27
C MSE B 396 -10.96 31.98 27.98
O MSE B 396 -10.44 31.17 27.20
CB MSE B 396 -9.31 33.50 28.98
CG MSE B 396 -8.74 34.20 30.19
SE MSE B 396 -7.49 35.51 29.52
CE MSE B 396 -6.58 35.96 31.21
N SER B 397 -12.13 32.59 27.73
CA SER B 397 -12.93 32.22 26.56
C SER B 397 -12.14 32.37 25.27
N ILE B 398 -11.35 33.44 25.14
CA ILE B 398 -10.54 33.64 23.93
C ILE B 398 -9.45 32.58 23.73
N ALA B 399 -9.19 31.78 24.77
CA ALA B 399 -8.22 30.67 24.70
C ALA B 399 -8.87 29.36 24.27
N ARG B 400 -10.14 29.18 24.61
CA ARG B 400 -10.90 27.96 24.34
C ARG B 400 -11.68 28.00 23.02
N GLU B 401 -12.29 29.15 22.72
CA GLU B 401 -13.31 29.23 21.68
C GLU B 401 -12.80 29.78 20.35
N GLU B 402 -13.40 29.31 19.27
CA GLU B 402 -12.97 29.69 17.92
C GLU B 402 -13.51 31.10 17.61
N ILE B 403 -12.59 32.06 17.43
CA ILE B 403 -12.96 33.45 17.19
C ILE B 403 -13.23 33.70 15.70
N PHE B 404 -12.36 33.18 14.83
CA PHE B 404 -12.54 33.25 13.39
C PHE B 404 -12.39 34.72 12.92
N GLY B 405 -11.59 35.49 13.65
CA GLY B 405 -11.20 36.84 13.25
C GLY B 405 -9.71 36.98 13.45
N PRO B 406 -9.13 38.13 13.07
CA PRO B 406 -7.68 38.26 13.08
C PRO B 406 -7.16 38.55 14.50
N VAL B 407 -7.45 37.62 15.40
CA VAL B 407 -7.25 37.81 16.84
C VAL B 407 -6.36 36.69 17.43
N LEU B 408 -5.14 37.07 17.80
CA LEU B 408 -4.17 36.16 18.44
C LEU B 408 -4.20 36.13 19.98
N SER B 409 -4.29 34.93 20.54
CA SER B 409 -4.16 34.71 21.98
C SER B 409 -2.77 34.16 22.30
N THR B 410 -1.98 34.94 23.05
CA THR B 410 -0.61 34.57 23.40
C THR B 410 -0.51 34.03 24.84
N LEU B 411 0.08 32.84 24.97
CA LEU B 411 0.33 32.17 26.26
C LEU B 411 1.81 31.75 26.29
N THR B 412 2.42 31.76 27.48
CA THR B 412 3.85 31.37 27.58
C THR B 412 4.00 29.98 28.20
N PHE B 413 5.18 29.37 28.01
CA PHE B 413 5.46 28.07 28.62
C PHE B 413 6.95 27.98 28.93
N LYS B 414 7.29 27.05 29.81
CA LYS B 414 8.69 26.84 30.17
C LYS B 414 9.33 25.65 29.45
N THR B 415 8.64 24.51 29.44
CA THR B 415 9.21 23.27 28.92
C THR B 415 8.39 22.75 27.74
N ALA B 416 9.04 21.95 26.91
CA ALA B 416 8.33 21.18 25.86
C ALA B 416 7.12 20.41 26.41
N ASP B 417 7.26 19.78 27.59
CA ASP B 417 6.15 19.03 28.20
C ASP B 417 4.93 19.95 28.48
N GLU B 418 5.17 21.17 28.95
CA GLU B 418 4.06 22.10 29.18
C GLU B 418 3.47 22.59 27.85
N ALA B 419 4.34 22.83 26.86
CA ALA B 419 3.87 23.27 25.55
C ALA B 419 2.84 22.27 24.97
N VAL B 420 3.11 20.98 25.16
CA VAL B 420 2.23 19.91 24.68
C VAL B 420 0.89 19.89 25.41
N ALA B 421 0.94 19.92 26.75
CA ALA B 421 -0.26 19.93 27.57
C ALA B 421 -1.13 21.13 27.22
N LEU B 422 -0.51 22.31 27.07
CA LEU B 422 -1.24 23.53 26.66
C LEU B 422 -1.84 23.36 25.25
N ALA B 423 -1.08 22.82 24.31
CA ALA B 423 -1.57 22.60 22.94
C ALA B 423 -2.76 21.65 22.90
N ASN B 424 -2.73 20.60 23.72
CA ASN B 424 -3.81 19.61 23.80
C ASN B 424 -5.00 19.96 24.69
N ALA B 425 -4.92 21.04 25.47
CA ALA B 425 -6.04 21.40 26.37
C ALA B 425 -7.16 22.16 25.60
N THR B 426 -7.76 21.45 24.64
CA THR B 426 -8.80 21.98 23.76
C THR B 426 -9.72 20.83 23.38
N GLU B 427 -10.97 21.13 23.02
CA GLU B 427 -11.85 20.09 22.50
C GLU B 427 -11.57 19.87 21.01
N PHE B 428 -10.82 20.79 20.40
CA PHE B 428 -10.52 20.76 18.98
C PHE B 428 -9.23 19.98 18.74
N GLY B 429 -8.94 19.69 17.47
CA GLY B 429 -7.69 19.04 17.10
C GLY B 429 -7.50 19.07 15.61
N LEU B 430 -7.67 20.25 15.01
CA LEU B 430 -7.51 20.37 13.57
C LEU B 430 -6.09 20.58 13.13
N SER B 431 -5.42 21.61 13.64
CA SER B 431 -4.07 21.94 13.20
C SER B 431 -3.12 22.28 14.35
N ALA B 432 -1.82 22.32 14.05
CA ALA B 432 -0.78 22.77 15.01
C ALA B 432 0.51 22.98 14.25
N SER B 433 1.30 23.98 14.63
CA SER B 433 2.64 24.16 14.08
C SER B 433 3.66 24.18 15.21
N VAL B 434 4.85 23.63 14.94
CA VAL B 434 5.98 23.72 15.87
C VAL B 434 7.15 24.39 15.17
N TRP B 435 7.68 25.43 15.82
CA TRP B 435 8.88 26.13 15.35
C TRP B 435 10.07 25.83 16.28
N SER B 436 11.11 25.21 15.73
CA SER B 436 12.31 24.80 16.46
C SER B 436 13.35 24.31 15.48
N THR B 437 14.62 24.50 15.82
CA THR B 437 15.69 24.01 15.00
C THR B 437 16.22 22.72 15.59
N ASN B 438 15.60 22.26 16.68
CA ASN B 438 16.03 21.06 17.39
C ASN B 438 15.31 19.80 16.87
N LEU B 439 16.07 18.81 16.40
CA LEU B 439 15.49 17.57 15.87
C LEU B 439 14.46 16.92 16.81
N GLU B 440 14.89 16.65 18.05
CA GLU B 440 14.09 16.01 19.06
C GLU B 440 12.90 16.85 19.49
N THR B 441 13.12 18.15 19.71
CA THR B 441 12.02 19.04 20.08
C THR B 441 10.98 19.15 18.99
N ALA B 442 11.40 19.40 17.76
CA ALA B 442 10.45 19.58 16.66
C ALA B 442 9.62 18.32 16.47
N LEU B 443 10.29 17.19 16.32
CA LEU B 443 9.60 15.93 16.05
C LEU B 443 8.80 15.34 17.22
N GLN B 444 9.36 15.32 18.44
CA GLN B 444 8.61 14.78 19.58
C GLN B 444 7.42 15.65 19.92
N THR B 445 7.58 16.97 19.83
CA THR B 445 6.46 17.84 20.11
C THR B 445 5.35 17.64 19.06
N ILE B 446 5.69 17.52 17.78
CA ILE B 446 4.65 17.31 16.76
C ILE B 446 3.97 15.95 16.92
N ARG B 447 4.75 14.92 17.26
CA ARG B 447 4.19 13.56 17.49
C ARG B 447 3.23 13.54 18.68
N ARG B 448 3.42 14.45 19.63
CA ARG B 448 2.60 14.40 20.84
C ARG B 448 1.33 15.28 20.82
N ILE B 449 1.20 16.13 19.79
CA ILE B 449 0.02 16.99 19.71
C ILE B 449 -1.09 16.25 19.00
N ARG B 450 -2.28 16.25 19.59
CA ARG B 450 -3.40 15.57 18.99
C ARG B 450 -4.12 16.48 18.00
N ALA B 451 -3.50 16.62 16.84
CA ALA B 451 -4.05 17.44 15.74
C ALA B 451 -3.79 16.75 14.39
N GLY B 452 -4.69 16.91 13.43
CA GLY B 452 -4.62 16.16 12.17
C GLY B 452 -3.78 16.78 11.09
N ARG B 453 -3.67 18.11 11.11
CA ARG B 453 -2.94 18.83 10.11
C ARG B 453 -1.81 19.59 10.81
N CYS B 454 -0.58 19.11 10.68
CA CYS B 454 0.55 19.63 11.45
C CYS B 454 1.65 20.19 10.56
N TRP B 455 2.44 21.10 11.11
CA TRP B 455 3.49 21.78 10.42
C TRP B 455 4.69 21.91 11.33
N ILE B 456 5.87 21.80 10.74
CA ILE B 456 7.08 22.15 11.46
C ILE B 456 7.71 23.33 10.71
N ASN B 457 8.06 24.40 11.44
CA ASN B 457 8.70 25.57 10.86
C ASN B 457 7.93 26.11 9.63
N SER B 458 6.62 26.08 9.71
CA SER B 458 5.75 26.52 8.62
C SER B 458 4.36 26.59 9.19
N VAL B 459 3.42 27.08 8.39
CA VAL B 459 2.03 27.25 8.79
C VAL B 459 1.22 27.40 7.49
N ILE B 460 -0.07 27.08 7.55
CA ILE B 460 -1.04 27.26 6.44
C ILE B 460 -0.81 26.45 5.16
N ASP B 461 0.37 26.55 4.56
CA ASP B 461 0.61 26.04 3.20
C ASP B 461 0.79 24.52 3.16
N GLY B 462 -0.13 23.85 2.47
CA GLY B 462 -0.07 22.40 2.34
C GLY B 462 0.01 21.99 0.89
N THR B 463 -0.17 20.70 0.63
CA THR B 463 -0.02 20.12 -0.69
C THR B 463 -1.23 19.23 -0.98
N PRO B 464 -1.59 19.06 -2.27
CA PRO B 464 -2.62 18.05 -2.59
C PRO B 464 -2.18 16.63 -2.23
N GLU B 465 -0.87 16.38 -2.17
CA GLU B 465 -0.31 15.03 -1.99
C GLU B 465 -0.60 14.45 -0.59
N LEU B 466 -0.78 15.33 0.39
CA LEU B 466 -0.96 14.92 1.79
C LEU B 466 -2.40 15.06 2.31
N PRO B 467 -2.84 14.08 3.15
CA PRO B 467 -4.21 14.07 3.68
C PRO B 467 -4.45 15.16 4.73
N ILE B 468 -5.72 15.55 4.89
CA ILE B 468 -6.09 16.58 5.84
C ILE B 468 -7.29 16.10 6.59
N GLY B 469 -7.42 16.54 7.84
CA GLY B 469 -8.62 16.31 8.61
C GLY B 469 -8.29 16.50 10.07
N GLY B 470 -9.27 16.33 10.93
CA GLY B 470 -9.11 16.66 12.33
C GLY B 470 -9.14 15.49 13.30
N TYR B 471 -8.55 15.74 14.47
CA TYR B 471 -8.81 14.92 15.64
C TYR B 471 -9.93 15.56 16.43
N LYS B 472 -10.45 14.80 17.41
CA LYS B 472 -11.39 15.24 18.43
C LYS B 472 -12.62 15.90 17.79
N LYS B 473 -13.02 17.10 18.22
CA LYS B 473 -14.23 17.68 17.60
C LYS B 473 -14.00 18.42 16.27
N SER B 474 -12.79 18.35 15.73
CA SER B 474 -12.48 19.09 14.50
C SER B 474 -12.82 18.32 13.21
N GLY B 475 -13.18 17.06 13.33
CA GLY B 475 -13.76 16.42 12.16
C GLY B 475 -13.80 14.92 12.22
N LEU B 476 -14.31 14.34 11.14
CA LEU B 476 -14.39 12.89 10.95
C LEU B 476 -14.01 12.61 9.50
N GLY B 477 -13.04 11.71 9.34
CA GLY B 477 -12.58 11.30 8.00
C GLY B 477 -11.32 12.03 7.59
N ARG B 478 -10.79 11.65 6.42
CA ARG B 478 -9.60 12.30 5.86
C ARG B 478 -9.80 12.63 4.41
N GLU B 479 -9.52 13.87 4.04
CA GLU B 479 -9.61 14.31 2.64
C GLU B 479 -8.23 14.39 2.00
N LEU B 480 -8.21 14.62 0.68
CA LEU B 480 -6.98 14.85 -0.10
C LEU B 480 -6.04 13.65 -0.15
N GLY B 481 -4.93 13.84 -0.87
CA GLY B 481 -3.97 12.78 -1.11
C GLY B 481 -4.64 11.54 -1.68
N ARG B 482 -4.13 10.37 -1.27
CA ARG B 482 -4.81 9.11 -1.52
C ARG B 482 -5.95 8.85 -0.56
N TYR B 483 -5.97 9.55 0.58
CA TYR B 483 -6.96 9.28 1.60
C TYR B 483 -8.35 9.69 1.19
N GLY B 484 -8.48 10.76 0.43
CA GLY B 484 -9.79 11.30 0.13
C GLY B 484 -10.57 10.33 -0.75
N PHE B 485 -9.88 9.55 -1.57
CA PHE B 485 -10.58 8.56 -2.40
C PHE B 485 -11.23 7.46 -1.58
N ASP B 486 -10.59 7.08 -0.47
CA ASP B 486 -11.16 6.08 0.42
C ASP B 486 -12.43 6.63 1.11
N GLU B 487 -12.43 7.91 1.47
CA GLU B 487 -13.64 8.57 1.98
C GLU B 487 -14.87 8.40 1.08
N TYR B 488 -14.67 8.36 -0.25
CA TYR B 488 -15.78 8.26 -1.22
C TYR B 488 -15.87 6.88 -1.89
N SER B 489 -15.17 5.89 -1.32
CA SER B 489 -15.24 4.51 -1.81
C SER B 489 -15.90 3.56 -0.82
N GLN B 490 -16.50 2.49 -1.34
CA GLN B 490 -16.90 1.36 -0.52
C GLN B 490 -15.95 0.26 -0.93
N PHE B 491 -15.60 -0.60 0.03
CA PHE B 491 -14.77 -1.77 -0.21
C PHE B 491 -15.57 -3.04 -0.01
N LYS B 492 -15.46 -3.91 -1.00
CA LYS B 492 -16.25 -5.13 -1.02
C LYS B 492 -15.30 -6.30 -0.91
N GLY B 493 -15.39 -7.06 0.19
CA GLY B 493 -14.51 -8.24 0.34
C GLY B 493 -15.19 -9.42 -0.32
N VAL B 494 -14.50 -10.15 -1.20
CA VAL B 494 -15.11 -11.32 -1.85
C VAL B 494 -14.27 -12.57 -1.59
N HIS B 495 -14.86 -13.57 -0.95
CA HIS B 495 -14.21 -14.88 -0.84
C HIS B 495 -14.77 -15.68 -1.99
N VAL B 496 -13.90 -15.96 -2.97
CA VAL B 496 -14.31 -16.68 -4.16
C VAL B 496 -13.84 -18.11 -4.00
N THR B 497 -14.78 -19.06 -4.02
CA THR B 497 -14.41 -20.46 -4.08
C THR B 497 -14.50 -20.92 -5.55
N LEU B 498 -13.43 -21.54 -6.02
CA LEU B 498 -13.32 -22.09 -7.37
C LEU B 498 -13.61 -23.60 -7.29
N GLY B 499 -14.72 -24.02 -7.87
CA GLY B 499 -15.24 -25.36 -7.65
C GLY B 499 -16.22 -25.29 -6.49
N ARG B 500 -16.04 -26.13 -5.49
CA ARG B 500 -17.02 -26.22 -4.41
C ARG B 500 -16.40 -26.26 -3.01
N PRO B 501 -17.08 -25.66 -2.02
CA PRO B 501 -16.55 -25.73 -0.67
C PRO B 501 -16.76 -27.15 -0.07
N ALA B 502 -16.07 -27.46 1.02
CA ALA B 502 -16.37 -28.68 1.80
C ALA B 502 -17.81 -28.55 2.38
N PRO B 503 -18.61 -29.64 2.33
CA PRO B 503 -20.02 -29.49 2.74
C PRO B 503 -20.17 -29.24 4.24
N TRP B 504 -21.16 -28.42 4.63
CA TRP B 504 -21.51 -28.22 6.02
C TRP B 504 -22.21 -29.47 6.55
N PHE B 505 -23.17 -29.99 5.80
CA PHE B 505 -23.91 -31.19 6.20
C PHE B 505 -23.21 -32.45 5.71
N THR B 506 -22.72 -33.24 6.65
CA THR B 506 -21.99 -34.47 6.29
C THR B 506 -22.73 -35.72 6.79
N VAL C 2 52.78 -6.36 23.18
CA VAL C 2 52.32 -5.59 24.37
C VAL C 2 50.99 -6.15 24.86
N MSE C 3 50.90 -6.54 26.13
CA MSE C 3 49.64 -6.98 26.70
C MSE C 3 48.75 -5.80 27.05
O MSE C 3 49.24 -4.77 27.56
CB MSE C 3 49.89 -7.88 27.92
CG MSE C 3 48.68 -8.42 28.65
SE MSE C 3 47.32 -9.28 27.47
CE MSE C 3 48.51 -10.49 26.44
N LEU C 4 47.46 -5.91 26.77
CA LEU C 4 46.48 -4.90 27.16
C LEU C 4 45.64 -5.42 28.30
N SER C 5 45.38 -4.57 29.28
CA SER C 5 44.66 -5.00 30.47
C SER C 5 43.16 -5.25 30.20
N ASN C 6 42.63 -4.69 29.11
CA ASN C 6 41.24 -4.97 28.72
C ASN C 6 41.09 -6.27 27.90
N PHE C 7 42.20 -6.97 27.66
CA PHE C 7 42.17 -8.26 26.98
C PHE C 7 41.77 -9.36 27.97
N ILE C 8 40.72 -10.12 27.64
CA ILE C 8 40.31 -11.25 28.46
C ILE C 8 40.88 -12.54 27.87
N ALA C 9 41.86 -13.10 28.55
CA ALA C 9 42.54 -14.26 28.01
C ALA C 9 41.57 -15.43 27.95
N PRO C 10 41.61 -16.20 26.85
CA PRO C 10 40.75 -17.38 26.80
C PRO C 10 41.25 -18.51 27.69
N ASP C 11 40.32 -19.31 28.18
CA ASP C 11 40.65 -20.46 29.01
C ASP C 11 40.52 -21.74 28.20
N SER C 12 41.67 -22.32 27.85
CA SER C 12 41.76 -23.64 27.19
C SER C 12 40.95 -24.73 27.90
N ASN C 13 40.80 -24.59 29.23
CA ASN C 13 40.13 -25.57 30.11
C ASN C 13 38.61 -25.67 29.98
N ASP C 14 37.98 -24.65 29.42
CA ASP C 14 36.52 -24.54 29.49
C ASP C 14 35.88 -25.85 29.01
N PRO C 15 34.98 -26.42 29.84
CA PRO C 15 34.32 -27.68 29.51
C PRO C 15 33.63 -27.65 28.16
N ARG C 16 33.09 -26.48 27.77
CA ARG C 16 32.30 -26.34 26.54
C ARG C 16 33.11 -26.63 25.26
N LEU C 17 34.44 -26.53 25.35
CA LEU C 17 35.37 -26.87 24.26
C LEU C 17 35.59 -28.37 24.07
N ARG C 18 35.21 -29.16 25.06
CA ARG C 18 35.44 -30.59 25.07
C ARG C 18 34.52 -31.29 24.07
N ILE C 19 33.31 -30.76 23.94
CA ILE C 19 32.30 -31.25 23.00
C ILE C 19 32.73 -30.96 21.56
N LYS C 20 32.99 -32.03 20.82
CA LYS C 20 33.38 -31.89 19.43
C LYS C 20 32.17 -32.15 18.53
N SER C 21 31.29 -31.16 18.41
CA SER C 21 30.00 -31.34 17.76
C SER C 21 30.14 -31.70 16.29
N ARG C 22 29.44 -32.76 15.89
CA ARG C 22 29.42 -33.20 14.49
C ARG C 22 28.03 -32.94 13.89
N TYR C 23 28.02 -32.48 12.63
CA TYR C 23 26.76 -32.09 11.99
C TYR C 23 26.62 -32.74 10.63
N GLN C 24 25.38 -32.90 10.19
CA GLN C 24 25.11 -33.43 8.84
C GLN C 24 24.30 -32.44 8.02
N MSE C 25 24.41 -32.51 6.70
CA MSE C 25 23.52 -31.73 5.85
C MSE C 25 22.06 -32.17 6.01
O MSE C 25 21.79 -33.19 6.57
CB MSE C 25 23.95 -31.83 4.38
CG MSE C 25 25.29 -31.17 4.16
SE MSE C 25 25.82 -31.35 2.28
CE MSE C 25 25.57 -33.28 2.01
N LEU C 26 21.14 -31.37 5.50
CA LEU C 26 19.74 -31.72 5.60
C LEU C 26 19.11 -31.50 4.24
N VAL C 27 18.75 -32.60 3.58
CA VAL C 27 18.23 -32.56 2.23
C VAL C 27 17.00 -33.43 2.17
N ASP C 28 15.89 -32.85 1.71
CA ASP C 28 14.61 -33.57 1.63
C ASP C 28 14.17 -34.23 2.95
N GLY C 29 14.36 -33.52 4.06
CA GLY C 29 13.98 -34.05 5.35
C GLY C 29 14.99 -35.00 5.97
N LYS C 30 16.05 -35.37 5.25
CA LYS C 30 16.98 -36.37 5.77
C LYS C 30 18.31 -35.75 6.16
N SER C 31 18.86 -36.16 7.29
CA SER C 31 20.23 -35.74 7.63
C SER C 31 21.20 -36.66 6.90
N VAL C 32 22.14 -36.08 6.15
CA VAL C 32 22.96 -36.84 5.20
C VAL C 32 24.40 -36.32 5.21
N ASP C 33 25.34 -37.23 5.00
CA ASP C 33 26.75 -36.87 4.78
C ASP C 33 26.89 -36.51 3.31
N ALA C 34 28.02 -35.93 2.93
CA ALA C 34 28.38 -35.84 1.53
C ALA C 34 28.53 -37.24 0.96
N ALA C 35 28.23 -37.43 -0.33
CA ALA C 35 28.42 -38.74 -0.97
C ALA C 35 29.82 -39.29 -0.65
N SER C 36 30.81 -38.41 -0.64
CA SER C 36 32.21 -38.80 -0.47
C SER C 36 32.54 -39.16 0.97
N GLY C 37 31.70 -38.72 1.91
CA GLY C 37 32.05 -38.80 3.33
C GLY C 37 33.06 -37.76 3.80
N SER C 38 33.56 -36.91 2.89
CA SER C 38 34.49 -35.84 3.30
C SER C 38 33.88 -34.78 4.20
N THR C 39 34.69 -34.28 5.10
CA THR C 39 34.21 -33.31 6.08
C THR C 39 35.19 -32.15 6.19
N ILE C 40 34.69 -31.05 6.75
CA ILE C 40 35.49 -29.87 7.08
C ILE C 40 35.42 -29.70 8.59
N ASP C 41 36.55 -29.41 9.23
CA ASP C 41 36.56 -29.08 10.66
C ASP C 41 36.60 -27.57 10.83
N ARG C 42 36.00 -27.08 11.91
CA ARG C 42 36.14 -25.69 12.33
C ARG C 42 36.88 -25.62 13.66
N VAL C 43 38.02 -24.95 13.67
CA VAL C 43 38.75 -24.68 14.91
C VAL C 43 38.21 -23.36 15.45
N SER C 44 37.91 -23.31 16.74
CA SER C 44 37.47 -22.09 17.38
C SER C 44 38.51 -21.01 17.20
N PRO C 45 38.13 -19.88 16.58
CA PRO C 45 39.13 -18.80 16.43
C PRO C 45 39.57 -18.23 17.77
N GLY C 46 38.72 -18.33 18.78
CA GLY C 46 39.03 -17.80 20.10
C GLY C 46 40.00 -18.67 20.92
N HIS C 47 40.13 -19.94 20.53
CA HIS C 47 40.79 -20.95 21.35
C HIS C 47 41.64 -21.86 20.47
N ALA C 48 42.90 -21.47 20.29
CA ALA C 48 43.81 -22.18 19.37
C ALA C 48 43.75 -23.71 19.49
N GLY C 49 43.65 -24.37 18.34
CA GLY C 49 43.65 -25.81 18.22
C GLY C 49 42.43 -26.59 18.68
N GLU C 50 41.37 -25.92 19.13
CA GLU C 50 40.20 -26.68 19.59
C GLU C 50 39.19 -26.78 18.45
N VAL C 51 38.97 -28.00 17.97
CA VAL C 51 37.95 -28.28 16.97
C VAL C 51 36.60 -28.18 17.68
N VAL C 52 35.69 -27.36 17.15
CA VAL C 52 34.38 -27.17 17.80
C VAL C 52 33.21 -27.52 16.87
N GLY C 53 33.52 -27.91 15.64
CA GLY C 53 32.47 -28.24 14.68
C GLY C 53 33.00 -29.03 13.50
N THR C 54 32.26 -30.02 13.07
CA THR C 54 32.58 -30.66 11.79
C THR C 54 31.32 -30.91 10.97
N TRP C 55 31.42 -30.68 9.66
CA TRP C 55 30.28 -30.87 8.76
C TRP C 55 30.78 -31.31 7.38
N PRO C 56 29.88 -31.82 6.54
CA PRO C 56 30.25 -32.37 5.24
C PRO C 56 30.88 -31.34 4.29
N GLU C 57 31.79 -31.83 3.45
CA GLU C 57 32.29 -31.06 2.32
C GLU C 57 31.48 -31.53 1.12
N ALA C 58 30.45 -30.77 0.74
CA ALA C 58 29.55 -31.20 -0.37
C ALA C 58 30.28 -31.19 -1.71
N SER C 59 29.97 -32.15 -2.59
CA SER C 59 30.38 -32.04 -4.00
C SER C 59 29.29 -31.30 -4.78
N ALA C 60 29.58 -30.98 -6.04
CA ALA C 60 28.59 -30.39 -6.92
C ALA C 60 27.29 -31.23 -6.99
N ASP C 61 27.44 -32.54 -7.14
CA ASP C 61 26.28 -33.44 -7.18
C ASP C 61 25.47 -33.42 -5.87
N ASP C 62 26.14 -33.40 -4.71
CA ASP C 62 25.43 -33.23 -3.39
C ASP C 62 24.52 -31.99 -3.44
N VAL C 63 25.04 -30.90 -4.02
CA VAL C 63 24.28 -29.64 -4.07
C VAL C 63 23.10 -29.73 -5.02
N ARG C 64 23.33 -30.35 -6.18
CA ARG C 64 22.28 -30.58 -7.17
C ARG C 64 21.15 -31.44 -6.60
N LYS C 65 21.49 -32.40 -5.74
CA LYS C 65 20.49 -33.19 -5.04
C LYS C 65 19.61 -32.35 -4.08
N ALA C 66 20.24 -31.39 -3.39
CA ALA C 66 19.51 -30.45 -2.55
C ALA C 66 18.60 -29.55 -3.41
N VAL C 67 19.13 -29.07 -4.55
CA VAL C 67 18.31 -28.33 -5.51
C VAL C 67 17.11 -29.16 -6.01
N ALA C 68 17.36 -30.42 -6.34
CA ALA C 68 16.28 -31.33 -6.75
C ALA C 68 15.19 -31.48 -5.68
N ALA C 69 15.59 -31.62 -4.42
CA ALA C 69 14.61 -31.72 -3.32
C ALA C 69 13.73 -30.45 -3.22
N ALA C 70 14.37 -29.27 -3.30
CA ALA C 70 13.65 -27.99 -3.26
C ALA C 70 12.72 -27.86 -4.47
N ARG C 71 13.22 -28.29 -5.64
CA ARG C 71 12.44 -28.27 -6.88
C ARG C 71 11.16 -29.10 -6.73
N LYS C 72 11.33 -30.33 -6.25
CA LYS C 72 10.19 -31.20 -6.01
C LYS C 72 9.21 -30.64 -4.97
N ALA C 73 9.76 -30.11 -3.87
CA ALA C 73 8.89 -29.52 -2.84
C ALA C 73 8.12 -28.33 -3.41
N PHE C 74 8.73 -27.59 -4.33
CA PHE C 74 8.00 -26.49 -4.94
C PHE C 74 6.98 -26.93 -6.00
N ASP C 75 7.33 -27.93 -6.82
CA ASP C 75 6.51 -28.28 -7.98
C ASP C 75 5.41 -29.27 -7.65
N ALA C 76 5.67 -30.16 -6.70
CA ALA C 76 4.72 -31.21 -6.35
C ALA C 76 4.30 -31.19 -4.89
N GLY C 77 5.04 -30.47 -4.05
CA GLY C 77 4.79 -30.52 -2.63
C GLY C 77 3.72 -29.56 -2.12
N PRO C 78 3.32 -29.72 -0.86
CA PRO C 78 2.21 -28.94 -0.32
C PRO C 78 2.55 -27.47 -0.03
N TRP C 79 3.84 -27.16 0.20
CA TRP C 79 4.20 -25.85 0.76
C TRP C 79 3.66 -24.63 -0.02
N PRO C 80 3.90 -24.54 -1.35
CA PRO C 80 3.38 -23.32 -2.01
C PRO C 80 1.87 -23.31 -2.19
N ARG C 81 1.22 -24.47 -2.06
CA ARG C 81 -0.25 -24.57 -2.12
C ARG C 81 -0.98 -24.38 -0.77
N MSE C 82 -0.22 -24.40 0.32
CA MSE C 82 -0.76 -24.05 1.65
C MSE C 82 -1.22 -22.62 1.71
O MSE C 82 -0.72 -21.79 0.94
CB MSE C 82 0.29 -24.23 2.74
CG MSE C 82 0.48 -25.66 3.11
SE MSE C 82 1.86 -25.73 4.48
CE MSE C 82 1.99 -27.68 4.56
N SER C 83 -2.15 -22.32 2.61
CA SER C 83 -2.55 -20.92 2.81
C SER C 83 -1.38 -20.19 3.49
N GLY C 84 -1.38 -18.86 3.40
CA GLY C 84 -0.40 -18.06 4.14
C GLY C 84 -0.48 -18.36 5.63
N ALA C 85 -1.70 -18.53 6.13
CA ALA C 85 -1.89 -18.85 7.56
C ALA C 85 -1.18 -20.15 7.96
N GLU C 86 -1.28 -21.16 7.10
CA GLU C 86 -0.67 -22.47 7.38
C GLU C 86 0.84 -22.36 7.44
N ARG C 87 1.40 -21.65 6.46
CA ARG C 87 2.87 -21.41 6.41
C ARG C 87 3.28 -20.62 7.65
N SER C 88 2.50 -19.57 7.96
CA SER C 88 2.76 -18.75 9.13
C SER C 88 2.82 -19.53 10.49
N ARG C 89 1.86 -20.41 10.75
CA ARG C 89 1.86 -21.23 11.96
C ARG C 89 3.13 -22.09 12.11
N LEU C 90 3.57 -22.69 11.01
CA LEU C 90 4.77 -23.50 11.02
C LEU C 90 6.01 -22.63 11.31
N MSE C 91 6.03 -21.42 10.76
CA MSE C 91 7.14 -20.50 10.97
C MSE C 91 7.17 -19.95 12.41
O MSE C 91 8.25 -19.81 12.97
CB MSE C 91 7.10 -19.34 9.97
CG MSE C 91 7.41 -19.74 8.53
SE MSE C 91 6.75 -18.40 7.28
CE MSE C 91 8.02 -16.95 7.66
N PHE C 92 6.00 -19.68 13.00
CA PHE C 92 5.93 -19.40 14.45
C PHE C 92 6.48 -20.53 15.32
N LYS C 93 6.19 -21.77 14.94
CA LYS C 93 6.75 -22.90 15.68
C LYS C 93 8.28 -22.92 15.65
N VAL C 94 8.87 -22.54 14.51
CA VAL C 94 10.35 -22.40 14.44
C VAL C 94 10.85 -21.29 15.38
N ALA C 95 10.17 -20.14 15.37
CA ALA C 95 10.53 -19.04 16.28
C ALA C 95 10.54 -19.51 17.75
N ASP C 96 9.50 -20.24 18.14
CA ASP C 96 9.40 -20.77 19.46
C ASP C 96 10.51 -21.78 19.72
N LEU C 97 10.87 -22.59 18.74
CA LEU C 97 11.97 -23.51 18.96
C LEU C 97 13.31 -22.80 19.12
N ILE C 98 13.50 -21.69 18.41
CA ILE C 98 14.74 -20.88 18.54
C ILE C 98 14.90 -20.41 20.00
N LEU C 99 13.84 -19.82 20.55
CA LEU C 99 13.83 -19.38 21.95
C LEU C 99 14.12 -20.54 22.91
N ALA C 100 13.48 -21.69 22.65
CA ALA C 100 13.65 -22.90 23.46
C ALA C 100 15.08 -23.41 23.45
N ARG C 101 15.81 -23.16 22.37
CA ARG C 101 17.18 -23.63 22.24
C ARG C 101 18.19 -22.47 22.29
N GLN C 102 17.76 -21.32 22.82
CA GLN C 102 18.61 -20.12 22.76
C GLN C 102 20.04 -20.33 23.25
N GLU C 103 20.24 -20.95 24.42
CA GLU C 103 21.60 -21.08 24.98
C GLU C 103 22.46 -22.01 24.16
N GLU C 104 21.86 -23.12 23.71
CA GLU C 104 22.57 -24.03 22.81
C GLU C 104 22.99 -23.30 21.55
N LEU C 105 22.07 -22.54 20.94
CA LEU C 105 22.36 -21.87 19.67
C LEU C 105 23.40 -20.79 19.85
N ALA C 106 23.31 -20.08 20.99
CA ALA C 106 24.23 -18.97 21.24
C ALA C 106 25.63 -19.51 21.42
N LEU C 107 25.76 -20.66 22.08
CA LEU C 107 27.07 -21.26 22.29
C LEU C 107 27.70 -21.69 20.98
N ILE C 108 26.92 -22.30 20.08
CA ILE C 108 27.46 -22.73 18.79
C ILE C 108 28.01 -21.52 18.04
N GLU C 109 27.23 -20.43 17.99
CA GLU C 109 27.58 -19.22 17.22
C GLU C 109 28.84 -18.63 17.82
N SER C 110 28.91 -18.56 19.15
CA SER C 110 30.12 -18.05 19.81
C SER C 110 31.37 -18.88 19.46
N LEU C 111 31.28 -20.20 19.55
CA LEU C 111 32.42 -21.08 19.34
C LEU C 111 32.89 -21.04 17.89
N GLU C 112 31.95 -20.99 16.95
CA GLU C 112 32.28 -21.05 15.53
C GLU C 112 32.70 -19.72 14.93
N VAL C 113 32.03 -18.65 15.34
CA VAL C 113 32.34 -17.32 14.80
C VAL C 113 33.44 -16.59 15.62
N GLY C 114 33.54 -16.91 16.90
CA GLY C 114 34.42 -16.16 17.85
C GLY C 114 33.68 -14.96 18.42
N LYS C 115 32.35 -15.01 18.34
CA LYS C 115 31.45 -13.96 18.76
C LYS C 115 31.33 -13.98 20.29
N PRO C 116 31.41 -12.82 20.98
CA PRO C 116 31.17 -12.79 22.43
C PRO C 116 29.86 -13.50 22.73
N ILE C 117 29.84 -14.35 23.76
CA ILE C 117 28.65 -15.12 24.05
C ILE C 117 27.41 -14.27 24.39
N ALA C 118 27.60 -13.15 25.09
CA ALA C 118 26.49 -12.24 25.39
C ALA C 118 25.89 -11.62 24.13
N GLN C 119 26.75 -11.26 23.16
CA GLN C 119 26.28 -10.79 21.86
C GLN C 119 25.55 -11.91 21.08
N ALA C 120 26.16 -13.10 21.02
CA ALA C 120 25.51 -14.23 20.38
C ALA C 120 24.14 -14.52 21.02
N ARG C 121 24.06 -14.54 22.36
CA ARG C 121 22.78 -14.76 23.03
C ARG C 121 21.72 -13.78 22.51
N GLY C 122 22.06 -12.48 22.45
CA GLY C 122 21.15 -11.42 22.00
C GLY C 122 20.77 -11.61 20.52
N GLU C 123 21.77 -11.95 19.69
CA GLU C 123 21.48 -12.28 18.30
C GLU C 123 20.48 -13.42 18.11
N ILE C 124 20.59 -14.49 18.88
CA ILE C 124 19.66 -15.62 18.75
C ILE C 124 18.23 -15.14 19.08
N GLY C 125 18.11 -14.32 20.12
CA GLY C 125 16.83 -13.70 20.50
C GLY C 125 16.28 -12.85 19.37
N PHE C 126 17.15 -12.05 18.76
CA PHE C 126 16.75 -11.27 17.61
C PHE C 126 16.26 -12.12 16.44
N CYS C 127 16.90 -13.27 16.22
CA CYS C 127 16.53 -14.15 15.13
C CYS C 127 15.14 -14.75 15.35
N ALA C 128 14.82 -15.08 16.58
CA ALA C 128 13.47 -15.58 16.89
C ALA C 128 12.48 -14.48 16.55
N ASP C 129 12.89 -13.23 16.78
CA ASP C 129 12.04 -12.10 16.45
C ASP C 129 11.90 -11.89 14.93
N LEU C 130 12.99 -12.12 14.19
CA LEU C 130 12.95 -12.03 12.73
C LEU C 130 11.98 -13.04 12.17
N TRP C 131 12.12 -14.31 12.61
CA TRP C 131 11.15 -15.36 12.28
C TRP C 131 9.69 -14.99 12.66
N SER C 132 9.45 -14.51 13.89
CA SER C 132 8.07 -14.06 14.28
C SER C 132 7.54 -12.93 13.43
N TYR C 133 8.36 -11.92 13.15
CA TYR C 133 7.92 -10.82 12.28
C TYR C 133 7.48 -11.37 10.91
N ALA C 134 8.34 -12.18 10.32
CA ALA C 134 8.10 -12.70 8.96
C ALA C 134 6.86 -13.60 8.93
N ALA C 135 6.70 -14.44 9.94
CA ALA C 135 5.56 -15.34 10.05
C ALA C 135 4.24 -14.55 10.08
N GLY C 136 4.23 -13.46 10.84
CA GLY C 136 3.04 -12.60 10.95
C GLY C 136 2.72 -11.88 9.65
N GLN C 137 3.73 -11.48 8.89
CA GLN C 137 3.52 -10.82 7.60
C GLN C 137 3.22 -11.76 6.45
N ALA C 138 3.79 -12.97 6.49
CA ALA C 138 3.61 -13.94 5.39
C ALA C 138 2.13 -14.21 5.07
N ARG C 139 1.26 -14.20 6.09
CA ARG C 139 -0.14 -14.52 5.79
C ARG C 139 -0.94 -13.35 5.23
N ALA C 140 -0.37 -12.14 5.27
CA ALA C 140 -1.07 -10.95 4.84
C ALA C 140 -0.65 -10.50 3.46
N LEU C 141 0.30 -11.21 2.84
CA LEU C 141 0.83 -10.79 1.54
C LEU C 141 -0.26 -10.70 0.48
N GLU C 142 -0.29 -9.59 -0.25
CA GLU C 142 -1.40 -9.28 -1.15
C GLU C 142 -0.90 -8.82 -2.54
N GLY C 143 -1.81 -8.84 -3.51
CA GLY C 143 -1.63 -8.10 -4.76
C GLY C 143 -2.73 -7.07 -4.91
N GLN C 144 -3.07 -6.68 -6.16
CA GLN C 144 -4.03 -5.60 -6.36
C GLN C 144 -5.16 -6.03 -7.25
N THR C 145 -6.33 -5.42 -7.03
CA THR C 145 -7.42 -5.41 -8.01
C THR C 145 -7.54 -4.02 -8.63
N HIS C 146 -7.95 -4.01 -9.90
CA HIS C 146 -8.23 -2.79 -10.66
C HIS C 146 -9.62 -2.96 -11.23
N ASN C 147 -10.57 -2.30 -10.57
CA ASN C 147 -11.99 -2.52 -10.80
C ASN C 147 -12.53 -1.37 -11.62
N ASN C 148 -11.61 -0.57 -12.18
CA ASN C 148 -11.97 0.68 -12.87
C ASN C 148 -11.35 0.73 -14.25
N ILE C 149 -11.14 -0.43 -14.85
CA ILE C 149 -10.55 -0.46 -16.19
C ILE C 149 -11.55 -0.89 -17.26
N GLY C 150 -12.82 -0.53 -17.09
CA GLY C 150 -13.91 -0.89 -18.01
C GLY C 150 -14.88 -1.88 -17.36
N ASP C 151 -16.18 -1.68 -17.56
CA ASP C 151 -17.20 -2.57 -16.96
C ASP C 151 -17.06 -4.05 -17.37
N ASP C 152 -16.48 -4.26 -18.55
CA ASP C 152 -16.37 -5.58 -19.14
C ASP C 152 -15.08 -6.28 -18.73
N ARG C 153 -14.25 -5.59 -17.96
CA ARG C 153 -12.92 -6.07 -17.67
C ARG C 153 -12.61 -5.95 -16.17
N LEU C 154 -11.74 -6.81 -15.67
CA LEU C 154 -11.29 -6.70 -14.28
C LEU C 154 -9.77 -6.93 -14.29
N GLY C 155 -9.01 -6.04 -13.65
CA GLY C 155 -7.58 -6.22 -13.56
C GLY C 155 -7.18 -6.89 -12.27
N LEU C 156 -6.33 -7.90 -12.34
CA LEU C 156 -5.80 -8.59 -11.16
C LEU C 156 -4.28 -8.54 -11.19
N VAL C 157 -3.65 -8.26 -10.07
CA VAL C 157 -2.22 -8.52 -9.95
C VAL C 157 -2.08 -9.55 -8.86
N LEU C 158 -1.61 -10.74 -9.22
CA LEU C 158 -1.50 -11.85 -8.27
C LEU C 158 -0.05 -12.02 -7.82
N ARG C 159 0.16 -12.13 -6.51
CA ARG C 159 1.47 -12.36 -5.95
C ARG C 159 1.70 -13.88 -5.88
N GLU C 160 2.84 -14.34 -6.39
CA GLU C 160 3.19 -15.76 -6.35
C GLU C 160 4.65 -15.92 -5.93
N PRO C 161 5.06 -17.11 -5.50
CA PRO C 161 6.46 -17.31 -5.14
C PRO C 161 7.39 -17.29 -6.35
N VAL C 162 8.62 -16.81 -6.12
CA VAL C 162 9.73 -16.92 -7.07
C VAL C 162 10.04 -18.37 -7.42
N GLY C 163 10.04 -19.26 -6.44
CA GLY C 163 10.27 -20.68 -6.69
C GLY C 163 11.40 -21.22 -5.85
N VAL C 164 12.46 -21.73 -6.48
CA VAL C 164 13.56 -22.32 -5.74
C VAL C 164 14.64 -21.27 -5.57
N VAL C 165 15.03 -21.00 -4.33
CA VAL C 165 15.95 -19.92 -4.04
C VAL C 165 17.19 -20.51 -3.42
N GLY C 166 18.36 -20.19 -3.98
CA GLY C 166 19.61 -20.56 -3.33
C GLY C 166 20.08 -19.41 -2.44
N ILE C 167 20.42 -19.70 -1.20
CA ILE C 167 20.74 -18.63 -0.26
C ILE C 167 22.13 -18.91 0.29
N ILE C 168 23.09 -18.01 0.00
CA ILE C 168 24.47 -18.20 0.44
C ILE C 168 24.75 -17.15 1.52
N THR C 169 25.17 -17.59 2.70
CA THR C 169 25.34 -16.67 3.85
C THR C 169 26.79 -16.61 4.28
N PRO C 170 27.20 -15.52 4.93
CA PRO C 170 28.62 -15.34 5.28
C PRO C 170 28.96 -15.78 6.72
N TRP C 171 30.25 -15.72 7.05
CA TRP C 171 30.73 -16.19 8.34
C TRP C 171 30.52 -15.21 9.50
N ASN C 172 30.18 -13.95 9.21
CA ASN C 172 30.18 -12.92 10.27
C ASN C 172 28.92 -12.86 11.13
N PHE C 173 27.77 -13.10 10.50
CA PHE C 173 26.48 -13.22 11.19
C PHE C 173 25.68 -14.40 10.60
N PRO C 174 26.16 -15.64 10.79
CA PRO C 174 25.53 -16.81 10.21
C PRO C 174 24.03 -16.96 10.50
N PHE C 175 23.64 -16.93 11.76
CA PHE C 175 22.27 -17.22 12.14
C PHE C 175 21.37 -16.06 11.77
N ILE C 176 21.90 -14.85 11.95
CA ILE C 176 21.16 -13.63 11.65
C ILE C 176 20.83 -13.55 10.17
N ILE C 177 21.81 -13.79 9.30
CA ILE C 177 21.58 -13.60 7.88
C ILE C 177 20.66 -14.70 7.36
N ALA C 178 20.82 -15.92 7.89
CA ALA C 178 19.89 -17.00 7.52
C ALA C 178 18.47 -16.58 7.94
N SER C 179 18.33 -15.97 9.12
CA SER C 179 17.01 -15.54 9.61
C SER C 179 16.47 -14.27 8.92
N GLU C 180 17.34 -13.50 8.26
CA GLU C 180 16.91 -12.38 7.42
C GLU C 180 16.49 -12.80 6.00
N ARG C 181 16.79 -14.04 5.61
CA ARG C 181 16.54 -14.45 4.24
C ARG C 181 15.52 -15.59 4.22
N VAL C 182 15.82 -16.68 4.90
CA VAL C 182 14.96 -17.87 4.84
C VAL C 182 13.47 -17.56 5.13
N PRO C 183 13.13 -16.83 6.22
CA PRO C 183 11.68 -16.69 6.54
C PRO C 183 10.93 -15.89 5.49
N TRP C 184 11.60 -14.91 4.88
CA TRP C 184 10.97 -14.12 3.84
C TRP C 184 10.79 -14.98 2.61
N ALA C 185 11.79 -15.80 2.29
CA ALA C 185 11.66 -16.65 1.10
C ALA C 185 10.61 -17.74 1.30
N ILE C 186 10.71 -18.55 2.36
CA ILE C 186 9.70 -19.59 2.55
C ILE C 186 8.31 -19.02 2.86
N GLY C 187 8.24 -17.89 3.58
CA GLY C 187 6.94 -17.22 3.84
C GLY C 187 6.25 -16.79 2.56
N SER C 188 7.04 -16.47 1.52
CA SER C 188 6.49 -16.11 0.21
C SER C 188 6.07 -17.36 -0.58
N GLY C 189 6.22 -18.54 0.01
CA GLY C 189 5.87 -19.80 -0.66
C GLY C 189 7.06 -20.45 -1.38
N CYS C 190 8.26 -19.89 -1.23
CA CYS C 190 9.43 -20.44 -1.93
C CYS C 190 9.98 -21.67 -1.21
N THR C 191 10.82 -22.45 -1.89
CA THR C 191 11.63 -23.46 -1.22
C THR C 191 13.10 -23.08 -1.43
N VAL C 192 13.98 -23.62 -0.59
CA VAL C 192 15.24 -23.01 -0.32
C VAL C 192 16.39 -24.04 -0.18
N VAL C 193 17.56 -23.71 -0.69
CA VAL C 193 18.78 -24.42 -0.35
C VAL C 193 19.70 -23.38 0.24
N LEU C 194 20.01 -23.55 1.53
CA LEU C 194 20.80 -22.62 2.27
C LEU C 194 22.24 -23.16 2.30
N LYS C 195 23.20 -22.31 1.96
CA LYS C 195 24.60 -22.69 1.99
C LYS C 195 25.35 -21.73 2.91
N PRO C 196 25.69 -22.18 4.13
CA PRO C 196 26.38 -21.25 5.02
C PRO C 196 27.88 -21.33 4.81
N SER C 197 28.61 -20.41 5.44
CA SER C 197 30.08 -20.40 5.32
C SER C 197 30.69 -21.74 5.82
N GLU C 198 31.74 -22.17 5.16
CA GLU C 198 32.57 -23.32 5.60
C GLU C 198 33.12 -23.15 7.03
N PHE C 199 33.20 -21.92 7.52
CA PHE C 199 33.67 -21.70 8.89
C PHE C 199 32.57 -21.85 9.92
N THR C 200 31.31 -21.66 9.54
CA THR C 200 30.26 -21.40 10.51
C THR C 200 28.92 -22.01 10.08
N SER C 201 28.85 -23.33 10.04
CA SER C 201 27.67 -24.02 9.52
C SER C 201 26.77 -24.56 10.62
N GLY C 202 27.25 -24.55 11.86
CA GLY C 202 26.53 -25.24 12.96
C GLY C 202 25.11 -24.73 13.19
N THR C 203 24.96 -23.41 13.39
CA THR C 203 23.62 -22.87 13.67
C THR C 203 22.71 -22.96 12.47
N SER C 204 23.26 -22.93 11.27
CA SER C 204 22.42 -23.02 10.08
C SER C 204 21.87 -24.43 9.89
N ILE C 205 22.71 -25.44 10.14
CA ILE C 205 22.22 -26.84 10.18
C ILE C 205 21.15 -27.03 11.29
N ARG C 206 21.45 -26.52 12.49
CA ARG C 206 20.43 -26.56 13.57
C ARG C 206 19.12 -25.86 13.19
N LEU C 207 19.20 -24.75 12.43
CA LEU C 207 17.97 -24.04 12.03
C LEU C 207 17.11 -24.88 11.09
N ALA C 208 17.75 -25.54 10.14
CA ALA C 208 17.05 -26.48 9.24
C ALA C 208 16.42 -27.65 10.01
N GLU C 209 17.15 -28.18 10.99
CA GLU C 209 16.62 -29.25 11.87
C GLU C 209 15.44 -28.74 12.72
N LEU C 210 15.47 -27.48 13.12
CA LEU C 210 14.29 -26.90 13.83
C LEU C 210 13.07 -26.82 12.93
N ALA C 211 13.28 -26.45 11.67
CA ALA C 211 12.14 -26.39 10.73
C ALA C 211 11.55 -27.78 10.51
N ARG C 212 12.42 -28.79 10.42
CA ARG C 212 11.95 -30.18 10.31
C ARG C 212 11.21 -30.57 11.58
N GLU C 213 11.76 -30.21 12.73
CA GLU C 213 11.12 -30.48 14.04
C GLU C 213 9.73 -29.78 14.14
N ALA C 214 9.63 -28.59 13.59
CA ALA C 214 8.37 -27.86 13.59
C ALA C 214 7.29 -28.47 12.66
N GLY C 215 7.69 -29.32 11.71
CA GLY C 215 6.75 -29.93 10.77
C GLY C 215 6.71 -29.28 9.40
N ILE C 216 7.70 -28.44 9.08
CA ILE C 216 7.78 -27.87 7.74
C ILE C 216 8.05 -29.02 6.75
N PRO C 217 7.27 -29.09 5.64
CA PRO C 217 7.39 -30.25 4.75
C PRO C 217 8.82 -30.48 4.22
N ASP C 218 9.14 -31.74 3.94
CA ASP C 218 10.44 -32.12 3.39
C ASP C 218 10.79 -31.35 2.11
N GLY C 219 12.03 -30.87 2.00
CA GLY C 219 12.50 -30.22 0.78
C GLY C 219 12.25 -28.71 0.72
N VAL C 220 11.45 -28.20 1.66
CA VAL C 220 11.21 -26.73 1.72
C VAL C 220 12.49 -25.98 2.16
N PHE C 221 13.20 -26.54 3.13
CA PHE C 221 14.35 -25.86 3.75
C PHE C 221 15.44 -26.92 3.83
N ASN C 222 16.37 -26.84 2.89
CA ASN C 222 17.49 -27.76 2.81
C ASN C 222 18.74 -26.98 3.14
N VAL C 223 19.74 -27.65 3.69
CA VAL C 223 21.02 -26.97 3.93
C VAL C 223 22.14 -27.86 3.43
N VAL C 224 23.09 -27.26 2.72
CA VAL C 224 24.31 -27.96 2.30
C VAL C 224 25.52 -27.20 2.82
N THR C 225 26.63 -27.92 2.99
CA THR C 225 27.82 -27.32 3.57
C THR C 225 29.02 -27.64 2.69
N GLY C 226 30.07 -26.82 2.81
CA GLY C 226 31.24 -27.00 1.98
C GLY C 226 32.01 -25.71 1.81
N TYR C 227 32.98 -25.73 0.88
CA TYR C 227 33.73 -24.53 0.53
C TYR C 227 32.89 -23.62 -0.35
N GLY C 228 33.42 -22.45 -0.71
CA GLY C 228 32.66 -21.50 -1.52
C GLY C 228 32.14 -22.11 -2.81
N ASP C 229 33.02 -22.83 -3.51
CA ASP C 229 32.65 -23.62 -4.67
C ASP C 229 32.91 -25.09 -4.35
N PRO C 230 32.16 -26.03 -4.96
CA PRO C 230 31.20 -25.88 -6.07
C PRO C 230 29.81 -25.32 -5.73
N ALA C 231 29.41 -25.27 -4.45
CA ALA C 231 28.05 -24.84 -4.12
C ALA C 231 27.65 -23.52 -4.78
N GLY C 232 28.53 -22.51 -4.67
CA GLY C 232 28.30 -21.18 -5.26
C GLY C 232 27.99 -21.24 -6.75
N GLN C 233 28.92 -21.79 -7.54
CA GLN C 233 28.68 -22.04 -8.95
C GLN C 233 27.45 -22.83 -9.25
N VAL C 234 27.23 -23.92 -8.51
CA VAL C 234 26.10 -24.80 -8.82
C VAL C 234 24.78 -24.04 -8.67
N LEU C 235 24.64 -23.27 -7.59
CA LEU C 235 23.39 -22.56 -7.31
C LEU C 235 23.17 -21.48 -8.35
N ALA C 236 24.26 -20.82 -8.76
CA ALA C 236 24.21 -19.79 -9.76
C ALA C 236 23.93 -20.34 -11.18
N GLU C 237 24.28 -21.59 -11.44
CA GLU C 237 24.13 -22.13 -12.80
C GLU C 237 22.99 -23.14 -12.98
N ASP C 238 22.56 -23.79 -11.91
CA ASP C 238 21.62 -24.88 -12.03
C ASP C 238 20.32 -24.32 -12.63
N PRO C 239 19.82 -24.95 -13.70
CA PRO C 239 18.55 -24.54 -14.31
C PRO C 239 17.34 -24.68 -13.38
N ASN C 240 17.45 -25.50 -12.34
CA ASN C 240 16.33 -25.70 -11.39
C ASN C 240 16.24 -24.66 -10.25
N VAL C 241 17.21 -23.76 -10.20
CA VAL C 241 17.25 -22.66 -9.24
C VAL C 241 16.69 -21.41 -9.92
N ASP C 242 15.74 -20.76 -9.29
CA ASP C 242 15.11 -19.59 -9.87
C ASP C 242 15.75 -18.29 -9.46
N MSE C 243 16.45 -18.30 -8.34
CA MSE C 243 17.00 -17.09 -7.77
C MSE C 243 18.18 -17.39 -6.87
O MSE C 243 18.17 -18.39 -6.15
CB MSE C 243 15.93 -16.38 -6.95
CG MSE C 243 16.47 -15.15 -6.25
SE MSE C 243 15.03 -14.15 -5.37
CE MSE C 243 16.20 -12.79 -4.52
N VAL C 244 19.19 -16.51 -6.87
CA VAL C 244 20.26 -16.65 -5.88
C VAL C 244 20.26 -15.40 -5.02
N ALA C 245 20.25 -15.62 -3.70
CA ALA C 245 20.31 -14.56 -2.70
C ALA C 245 21.67 -14.70 -2.03
N PHE C 246 22.59 -13.79 -2.33
CA PHE C 246 23.95 -13.90 -1.84
C PHE C 246 24.27 -12.76 -0.89
N THR C 247 24.97 -13.10 0.19
CA THR C 247 25.48 -12.10 1.13
C THR C 247 26.96 -12.40 1.36
N GLY C 248 27.80 -11.40 1.14
CA GLY C 248 29.24 -11.58 1.32
C GLY C 248 30.00 -10.48 0.64
N SER C 249 31.20 -10.77 0.15
CA SER C 249 32.04 -9.74 -0.45
C SER C 249 31.59 -9.31 -1.84
N VAL C 250 31.94 -8.07 -2.18
CA VAL C 250 31.67 -7.54 -3.52
C VAL C 250 32.29 -8.47 -4.55
N ARG C 251 33.52 -8.92 -4.30
CA ARG C 251 34.28 -9.78 -5.22
C ARG C 251 33.53 -11.06 -5.60
N VAL C 252 33.06 -11.78 -4.59
CA VAL C 252 32.34 -13.03 -4.83
C VAL C 252 30.93 -12.73 -5.40
N GLY C 253 30.27 -11.74 -4.83
CA GLY C 253 28.94 -11.33 -5.29
C GLY C 253 28.87 -10.97 -6.76
N THR C 254 29.84 -10.17 -7.23
CA THR C 254 29.86 -9.81 -8.64
C THR C 254 30.04 -11.06 -9.50
N LYS C 255 30.96 -11.96 -9.11
CA LYS C 255 31.18 -13.19 -9.87
C LYS C 255 29.96 -14.12 -9.96
N LEU C 256 29.23 -14.27 -8.85
CA LEU C 256 28.01 -15.09 -8.88
C LEU C 256 26.91 -14.40 -9.68
N GLY C 257 26.85 -13.08 -9.58
CA GLY C 257 25.92 -12.29 -10.38
C GLY C 257 26.16 -12.48 -11.86
N GLU C 258 27.43 -12.45 -12.26
CA GLU C 258 27.80 -12.67 -13.66
C GLU C 258 27.34 -14.01 -14.14
N ILE C 259 27.60 -15.05 -13.34
CA ILE C 259 27.22 -16.40 -13.72
C ILE C 259 25.70 -16.52 -13.87
N ALA C 260 24.99 -16.04 -12.86
CA ALA C 260 23.53 -16.09 -12.81
C ALA C 260 22.87 -15.38 -14.02
N ALA C 261 23.44 -14.26 -14.43
CA ALA C 261 22.91 -13.48 -15.57
C ALA C 261 22.88 -14.30 -16.87
N ARG C 262 23.73 -15.34 -16.94
CA ARG C 262 23.79 -16.18 -18.12
C ARG C 262 22.50 -16.92 -18.39
N THR C 263 21.71 -17.18 -17.35
CA THR C 263 20.43 -17.87 -17.52
C THR C 263 19.25 -17.03 -17.02
N VAL C 264 19.46 -15.72 -16.95
CA VAL C 264 18.43 -14.75 -16.55
C VAL C 264 17.93 -15.10 -15.13
N LYS C 265 18.86 -15.51 -14.26
CA LYS C 265 18.48 -15.92 -12.92
C LYS C 265 18.23 -14.66 -12.07
N ARG C 266 17.16 -14.61 -11.28
CA ARG C 266 17.06 -13.48 -10.35
C ARG C 266 18.20 -13.51 -9.34
N VAL C 267 18.71 -12.34 -8.97
CA VAL C 267 19.78 -12.23 -8.00
C VAL C 267 19.43 -11.18 -6.93
N GLY C 268 19.58 -11.53 -5.65
CA GLY C 268 19.65 -10.56 -4.56
C GLY C 268 21.06 -10.53 -4.00
N LEU C 269 21.64 -9.34 -3.86
CA LEU C 269 23.00 -9.22 -3.31
C LEU C 269 23.04 -8.27 -2.13
N GLU C 270 23.67 -8.74 -1.05
CA GLU C 270 23.95 -7.89 0.08
C GLU C 270 25.45 -7.96 0.37
N LEU C 271 26.13 -6.85 0.11
CA LEU C 271 27.59 -6.89 0.02
C LEU C 271 28.27 -5.98 1.05
N GLY C 272 29.55 -5.69 0.84
CA GLY C 272 30.29 -4.93 1.82
C GLY C 272 30.02 -3.43 1.70
N GLY C 273 30.67 -2.67 2.58
CA GLY C 273 30.58 -1.24 2.55
C GLY C 273 31.78 -0.54 3.16
N LYS C 274 31.76 0.77 3.12
CA LYS C 274 32.74 1.54 3.90
C LYS C 274 31.95 2.65 4.51
N GLY C 275 31.07 2.26 5.44
CA GLY C 275 30.10 3.16 6.07
C GLY C 275 30.74 4.27 6.89
N PRO C 276 30.31 5.52 6.65
CA PRO C 276 30.77 6.66 7.45
C PRO C 276 29.78 6.98 8.58
N GLN C 277 30.31 7.41 9.73
CA GLN C 277 29.48 8.05 10.73
C GLN C 277 29.92 9.50 10.76
N ILE C 278 28.96 10.40 10.62
CA ILE C 278 29.22 11.83 10.51
C ILE C 278 28.82 12.43 11.83
N VAL C 279 29.78 13.06 12.49
CA VAL C 279 29.47 13.73 13.77
C VAL C 279 29.62 15.26 13.64
N PHE C 280 28.50 15.97 13.77
CA PHE C 280 28.46 17.44 13.77
C PHE C 280 28.81 18.01 15.15
N ALA C 281 29.26 19.26 15.16
CA ALA C 281 29.61 19.98 16.40
C ALA C 281 28.51 20.04 17.44
N ASP C 282 27.25 20.02 16.99
CA ASP C 282 26.11 20.11 17.89
C ASP C 282 25.56 18.74 18.35
N ALA C 283 26.29 17.66 18.04
CA ALA C 283 25.91 16.31 18.46
C ALA C 283 25.99 16.12 19.99
N ASP C 284 25.25 15.13 20.51
CA ASP C 284 25.43 14.70 21.89
C ASP C 284 26.75 13.93 21.93
N LEU C 285 27.77 14.60 22.50
CA LEU C 285 29.15 14.13 22.45
C LEU C 285 29.39 12.76 23.08
N ASP C 286 28.81 12.53 24.26
CA ASP C 286 28.99 11.25 24.94
C ASP C 286 28.25 10.14 24.21
N ALA C 287 27.04 10.44 23.72
CA ALA C 287 26.31 9.43 22.92
C ALA C 287 27.04 9.14 21.61
N ALA C 288 27.52 10.19 20.94
CA ALA C 288 28.26 10.02 19.68
C ALA C 288 29.51 9.17 19.87
N ALA C 289 30.25 9.41 20.94
CA ALA C 289 31.53 8.73 21.15
C ALA C 289 31.28 7.25 21.38
N ASP C 290 30.25 6.95 22.16
CA ASP C 290 29.81 5.57 22.39
C ASP C 290 29.37 4.93 21.08
N GLY C 291 28.62 5.68 20.27
CA GLY C 291 28.18 5.18 18.96
C GLY C 291 29.34 4.92 18.01
N ILE C 292 30.37 5.77 18.06
CA ILE C 292 31.56 5.54 17.22
C ILE C 292 32.27 4.23 17.60
N ALA C 293 32.44 4.00 18.90
CA ALA C 293 33.07 2.78 19.39
C ALA C 293 32.22 1.55 19.00
N TYR C 294 30.92 1.66 19.27
CA TYR C 294 30.01 0.59 18.90
C TYR C 294 30.11 0.33 17.39
N GLY C 295 30.07 1.41 16.61
CA GLY C 295 30.02 1.32 15.17
C GLY C 295 31.19 0.54 14.60
N VAL C 296 32.39 0.78 15.12
CA VAL C 296 33.59 0.14 14.55
C VAL C 296 33.95 -1.22 15.20
N TYR C 297 33.69 -1.37 16.50
CA TYR C 297 34.12 -2.57 17.23
C TYR C 297 33.06 -3.68 17.27
N HIS C 298 31.79 -3.35 17.01
CA HIS C 298 30.75 -4.38 16.93
C HIS C 298 31.21 -5.50 16.04
N ASN C 299 31.13 -6.72 16.56
CA ASN C 299 31.57 -7.91 15.83
C ASN C 299 33.04 -7.84 15.44
N ALA C 300 33.84 -7.12 16.24
CA ALA C 300 35.27 -6.91 15.93
C ALA C 300 35.46 -6.19 14.58
N GLY C 301 34.53 -5.31 14.21
CA GLY C 301 34.56 -4.68 12.90
C GLY C 301 34.28 -5.58 11.69
N GLN C 302 33.96 -6.85 11.93
CA GLN C 302 33.68 -7.78 10.84
C GLN C 302 32.21 -7.65 10.45
N CYS C 303 31.87 -6.52 9.84
CA CYS C 303 30.48 -6.08 9.77
C CYS C 303 30.27 -5.15 8.58
N CYS C 304 29.34 -5.52 7.71
CA CYS C 304 29.14 -4.78 6.46
C CYS C 304 28.60 -3.37 6.73
N ILE C 305 27.85 -3.22 7.83
CA ILE C 305 27.29 -1.93 8.27
C ILE C 305 28.15 -1.22 9.33
N SER C 306 29.37 -1.69 9.52
CA SER C 306 30.30 -1.07 10.46
C SER C 306 30.48 0.39 10.13
N GLY C 307 30.64 1.22 11.18
CA GLY C 307 31.09 2.59 11.00
C GLY C 307 32.62 2.62 10.88
N SER C 308 33.13 2.37 9.67
CA SER C 308 34.58 2.21 9.46
C SER C 308 35.27 3.55 9.17
N ARG C 309 34.48 4.56 8.79
CA ARG C 309 35.00 5.91 8.63
C ARG C 309 34.29 6.84 9.59
N LEU C 310 35.07 7.60 10.36
CA LEU C 310 34.52 8.68 11.14
C LEU C 310 34.80 10.00 10.42
N LEU C 311 33.72 10.75 10.14
CA LEU C 311 33.83 12.09 9.60
C LEU C 311 33.38 13.01 10.70
N VAL C 312 34.32 13.78 11.26
CA VAL C 312 34.02 14.58 12.46
C VAL C 312 34.24 16.07 12.18
N GLN C 313 33.29 16.88 12.63
CA GLN C 313 33.37 18.30 12.35
C GLN C 313 34.55 18.88 13.17
N GLU C 314 35.38 19.67 12.51
CA GLU C 314 36.58 20.25 13.10
C GLU C 314 36.27 20.87 14.45
N GLY C 315 37.07 20.63 15.47
CA GLY C 315 36.74 21.36 16.71
C GLY C 315 35.55 20.85 17.53
N ILE C 316 34.96 19.73 17.14
CA ILE C 316 34.55 18.79 18.18
C ILE C 316 35.46 17.58 18.08
N ARG C 317 36.36 17.62 17.11
CA ARG C 317 37.29 16.56 16.86
C ARG C 317 38.03 16.11 18.14
N ASP C 318 38.68 17.04 18.84
CA ASP C 318 39.48 16.68 20.02
C ASP C 318 38.59 16.15 21.14
N ALA C 319 37.47 16.81 21.39
CA ALA C 319 36.60 16.38 22.46
C ALA C 319 35.96 14.98 22.18
N LEU C 320 35.63 14.70 20.92
CA LEU C 320 35.12 13.37 20.53
C LEU C 320 36.22 12.31 20.62
N MSE C 321 37.40 12.64 20.08
CA MSE C 321 38.50 11.67 20.07
C MSE C 321 38.88 11.23 21.48
O MSE C 321 39.07 10.03 21.75
CB MSE C 321 39.71 12.23 19.31
CG MSE C 321 40.81 11.22 19.11
SE MSE C 321 40.21 9.65 18.06
CE MSE C 321 40.36 10.37 16.24
N GLU C 322 38.97 12.20 22.39
CA GLU C 322 39.26 11.94 23.79
C GLU C 322 38.30 10.90 24.39
N ARG C 323 36.99 11.11 24.21
CA ARG C 323 35.98 10.17 24.72
C ARG C 323 36.09 8.78 24.06
N LEU C 324 36.27 8.77 22.74
CA LEU C 324 36.41 7.52 21.98
C LEU C 324 37.59 6.69 22.47
N LEU C 325 38.72 7.34 22.67
CA LEU C 325 39.93 6.68 23.15
C LEU C 325 39.78 6.17 24.59
N ASP C 326 39.06 6.91 25.43
CA ASP C 326 38.77 6.45 26.80
C ASP C 326 37.97 5.13 26.80
N ILE C 327 36.93 5.08 25.99
CA ILE C 327 36.14 3.87 25.85
C ILE C 327 37.00 2.75 25.27
N SER C 328 37.77 3.06 24.23
CA SER C 328 38.55 2.03 23.53
C SER C 328 39.61 1.36 24.40
N ARG C 329 40.11 2.09 25.40
CA ARG C 329 41.12 1.57 26.35
C ARG C 329 40.54 0.59 27.36
N LYS C 330 39.24 0.71 27.61
CA LYS C 330 38.59 -0.01 28.69
C LYS C 330 37.77 -1.20 28.16
N VAL C 331 37.25 -1.06 26.94
CA VAL C 331 36.30 -2.06 26.41
C VAL C 331 36.89 -3.48 26.39
N ALA C 332 36.15 -4.43 26.93
CA ALA C 332 36.62 -5.80 27.10
C ALA C 332 36.60 -6.53 25.77
N PHE C 333 37.77 -7.00 25.33
CA PHE C 333 37.86 -7.81 24.13
C PHE C 333 38.64 -9.06 24.44
N GLY C 334 38.37 -10.12 23.66
CA GLY C 334 39.04 -11.40 23.92
C GLY C 334 38.08 -12.58 23.99
N ASP C 335 38.31 -13.43 24.97
CA ASP C 335 37.67 -14.73 25.15
C ASP C 335 36.17 -14.63 24.85
N PRO C 336 35.74 -15.25 23.75
CA PRO C 336 34.33 -15.26 23.36
C PRO C 336 33.42 -15.87 24.44
N LEU C 337 33.93 -16.83 25.22
CA LEU C 337 33.07 -17.51 26.20
C LEU C 337 32.85 -16.71 27.49
N ASN C 338 33.56 -15.60 27.63
CA ASN C 338 33.42 -14.77 28.83
C ASN C 338 32.24 -13.81 28.67
N GLU C 339 31.34 -13.80 29.67
CA GLU C 339 30.10 -13.00 29.61
C GLU C 339 30.41 -11.50 29.59
N ARG C 340 31.61 -11.13 30.06
CA ARG C 340 32.00 -9.72 30.09
C ARG C 340 32.60 -9.27 28.75
N THR C 341 32.99 -10.22 27.89
CA THR C 341 33.61 -9.84 26.62
C THR C 341 32.66 -9.05 25.70
N LYS C 342 33.13 -7.94 25.15
CA LYS C 342 32.29 -7.09 24.26
C LYS C 342 32.74 -7.18 22.80
N ILE C 343 33.99 -7.60 22.58
CA ILE C 343 34.57 -7.71 21.24
C ILE C 343 35.34 -9.02 21.19
N GLY C 344 35.04 -9.86 20.20
CA GLY C 344 35.63 -11.19 20.16
C GLY C 344 36.78 -11.40 19.19
N ALA C 345 36.83 -12.58 18.59
CA ALA C 345 37.99 -13.00 17.82
C ALA C 345 37.87 -12.66 16.32
N MSE C 346 39.01 -12.62 15.62
CA MSE C 346 39.04 -12.61 14.15
C MSE C 346 38.67 -14.01 13.64
O MSE C 346 39.00 -15.01 14.27
CB MSE C 346 40.43 -12.25 13.63
CG MSE C 346 40.95 -10.90 14.05
SE MSE C 346 39.98 -9.45 13.12
CE MSE C 346 40.79 -9.65 11.40
N ILE C 347 38.01 -14.06 12.49
CA ILE C 347 37.43 -15.34 12.01
C ILE C 347 38.49 -16.39 11.65
N SER C 348 39.66 -15.93 11.20
CA SER C 348 40.69 -16.83 10.69
C SER C 348 42.03 -16.13 10.66
N GLU C 349 43.09 -16.92 10.55
CA GLU C 349 44.43 -16.39 10.46
C GLU C 349 44.59 -15.53 9.17
N ALA C 350 44.11 -16.05 8.03
CA ALA C 350 44.16 -15.30 6.76
C ALA C 350 43.48 -13.94 6.89
N HIS C 351 42.33 -13.94 7.55
CA HIS C 351 41.62 -12.68 7.74
C HIS C 351 42.38 -11.72 8.64
N ALA C 352 42.89 -12.23 9.76
CA ALA C 352 43.66 -11.39 10.69
C ALA C 352 44.90 -10.76 10.01
N GLU C 353 45.60 -11.54 9.18
CA GLU C 353 46.74 -11.05 8.40
C GLU C 353 46.30 -9.96 7.41
N LYS C 354 45.13 -10.15 6.80
CA LYS C 354 44.59 -9.13 5.90
C LYS C 354 44.28 -7.82 6.60
N VAL C 355 43.67 -7.91 7.77
CA VAL C 355 43.40 -6.72 8.55
C VAL C 355 44.72 -6.02 8.90
N HIS C 356 45.69 -6.78 9.41
CA HIS C 356 46.98 -6.22 9.77
C HIS C 356 47.70 -5.62 8.56
N SER C 357 47.52 -6.22 7.38
CA SER C 357 48.09 -5.66 6.16
C SER C 357 47.51 -4.28 5.83
N TYR C 358 46.20 -4.09 6.04
CA TYR C 358 45.59 -2.77 5.90
C TYR C 358 46.14 -1.79 6.93
N VAL C 359 46.33 -2.25 8.18
CA VAL C 359 46.92 -1.38 9.20
C VAL C 359 48.31 -0.89 8.77
N THR C 360 49.12 -1.80 8.24
CA THR C 360 50.49 -1.46 7.89
C THR C 360 50.49 -0.51 6.70
N ALA C 361 49.54 -0.72 5.78
CA ALA C 361 49.36 0.17 4.63
C ALA C 361 48.96 1.58 5.07
N GLY C 362 48.08 1.68 6.07
CA GLY C 362 47.70 2.97 6.65
C GLY C 362 48.91 3.72 7.23
N ILE C 363 49.78 2.97 7.93
CA ILE C 363 51.00 3.54 8.48
C ILE C 363 51.88 4.10 7.35
N THR C 364 52.11 3.29 6.31
CA THR C 364 53.00 3.69 5.23
C THR C 364 52.42 4.86 4.42
N SER C 365 51.08 5.00 4.46
CA SER C 365 50.39 6.10 3.82
C SER C 365 50.57 7.41 4.55
N GLY C 366 50.91 7.34 5.84
CA GLY C 366 51.15 8.53 6.64
C GLY C 366 50.02 8.89 7.57
N ALA C 367 49.04 7.98 7.71
CA ALA C 367 47.98 8.13 8.70
C ALA C 367 48.56 7.99 10.10
N GLU C 368 48.02 8.75 11.05
CA GLU C 368 48.46 8.70 12.42
C GLU C 368 47.76 7.61 13.25
N LEU C 369 48.54 6.60 13.63
CA LEU C 369 48.09 5.49 14.50
C LEU C 369 47.95 6.00 15.92
N LEU C 370 46.71 6.12 16.40
CA LEU C 370 46.48 6.56 17.77
C LEU C 370 46.35 5.44 18.81
N LEU C 371 46.09 4.21 18.34
CA LEU C 371 45.70 3.11 19.20
C LEU C 371 45.73 1.78 18.46
N GLY C 372 46.24 0.73 19.13
CA GLY C 372 46.18 -0.64 18.63
C GLY C 372 47.13 -0.97 17.49
N GLY C 373 46.62 -1.63 16.46
CA GLY C 373 47.39 -1.95 15.27
C GLY C 373 48.31 -3.15 15.42
N GLU C 374 47.95 -4.07 16.30
CA GLU C 374 48.68 -5.34 16.43
C GLU C 374 47.75 -6.47 16.82
N ARG C 375 48.15 -7.69 16.51
CA ARG C 375 47.58 -8.88 17.14
C ARG C 375 47.86 -8.91 18.65
N ILE C 376 46.96 -9.56 19.38
CA ILE C 376 47.04 -9.73 20.83
C ILE C 376 46.82 -11.22 21.12
N GLY C 377 47.58 -11.75 22.08
CA GLY C 377 47.43 -13.14 22.54
C GLY C 377 47.59 -14.13 21.41
N ARG C 378 48.68 -13.96 20.65
CA ARG C 378 48.94 -14.77 19.45
C ARG C 378 48.83 -16.25 19.75
N GLU C 379 49.39 -16.68 20.88
CA GLU C 379 49.38 -18.08 21.28
C GLU C 379 47.99 -18.60 21.67
N ALA C 380 47.17 -17.71 22.22
CA ALA C 380 45.86 -18.08 22.77
C ALA C 380 44.76 -18.21 21.70
N GLY C 381 44.83 -17.38 20.66
CA GLY C 381 43.82 -17.41 19.59
C GLY C 381 43.99 -16.24 18.66
N LEU C 382 42.93 -15.92 17.93
CA LEU C 382 42.96 -14.93 16.86
C LEU C 382 42.32 -13.62 17.30
N TYR C 383 43.14 -12.69 17.78
CA TYR C 383 42.59 -11.46 18.33
C TYR C 383 43.35 -10.28 17.78
N TYR C 384 42.62 -9.22 17.43
CA TYR C 384 43.25 -7.99 16.91
C TYR C 384 42.86 -6.82 17.79
N ALA C 385 43.83 -6.01 18.22
CA ALA C 385 43.51 -4.92 19.14
C ALA C 385 42.62 -3.85 18.51
N PRO C 386 41.73 -3.22 19.30
CA PRO C 386 40.99 -2.05 18.83
C PRO C 386 41.95 -0.96 18.32
N THR C 387 41.71 -0.48 17.10
CA THR C 387 42.69 0.33 16.35
C THR C 387 42.03 1.58 15.79
N VAL C 388 42.69 2.72 16.00
CA VAL C 388 42.15 4.01 15.54
C VAL C 388 43.26 4.75 14.81
N PHE C 389 42.95 5.19 13.59
CA PHE C 389 43.82 6.06 12.78
C PHE C 389 43.21 7.45 12.70
N ALA C 390 44.07 8.45 12.72
CA ALA C 390 43.65 9.83 12.54
C ALA C 390 44.38 10.39 11.33
N GLY C 391 43.90 11.53 10.80
CA GLY C 391 44.61 12.19 9.71
C GLY C 391 44.55 11.34 8.46
N VAL C 392 43.42 10.68 8.28
CA VAL C 392 43.21 9.89 7.08
C VAL C 392 42.68 10.86 6.03
N THR C 393 43.14 10.69 4.79
CA THR C 393 42.67 11.49 3.67
C THR C 393 42.05 10.53 2.66
N PRO C 394 41.03 10.99 1.91
CA PRO C 394 40.20 10.14 1.03
C PRO C 394 40.95 9.27 0.02
N ASP C 395 42.19 9.63 -0.31
CA ASP C 395 42.97 8.87 -1.28
C ASP C 395 43.61 7.58 -0.73
N MSE C 396 43.74 7.49 0.59
CA MSE C 396 44.41 6.35 1.23
C MSE C 396 43.60 5.09 1.12
O MSE C 396 42.37 5.12 1.19
CB MSE C 396 44.67 6.64 2.71
CG MSE C 396 45.71 7.72 2.94
SE MSE C 396 45.93 8.10 4.84
CE MSE C 396 47.13 9.69 4.67
N SER C 397 44.29 3.97 0.96
CA SER C 397 43.63 2.68 0.85
C SER C 397 42.78 2.34 2.09
N ILE C 398 43.19 2.81 3.28
CA ILE C 398 42.36 2.59 4.47
C ILE C 398 41.10 3.45 4.51
N ALA C 399 41.07 4.55 3.77
CA ALA C 399 39.84 5.34 3.64
C ALA C 399 38.86 4.76 2.63
N ARG C 400 39.35 3.95 1.70
CA ARG C 400 38.53 3.48 0.56
C ARG C 400 38.10 2.01 0.64
N GLU C 401 39.02 1.14 1.05
CA GLU C 401 38.82 -0.31 1.02
C GLU C 401 38.21 -0.84 2.32
N GLU C 402 37.36 -1.85 2.18
CA GLU C 402 36.76 -2.48 3.35
C GLU C 402 37.77 -3.34 4.12
N ILE C 403 38.13 -2.91 5.32
CA ILE C 403 39.10 -3.64 6.14
C ILE C 403 38.45 -4.83 6.87
N PHE C 404 37.23 -4.65 7.37
CA PHE C 404 36.47 -5.72 8.04
C PHE C 404 37.20 -6.18 9.31
N GLY C 405 37.85 -5.22 9.98
CA GLY C 405 38.50 -5.44 11.26
C GLY C 405 38.19 -4.31 12.21
N PRO C 406 38.70 -4.36 13.46
CA PRO C 406 38.29 -3.31 14.41
C PRO C 406 39.13 -2.03 14.21
N VAL C 407 39.04 -1.44 13.02
CA VAL C 407 39.95 -0.39 12.59
C VAL C 407 39.20 0.81 12.06
N LEU C 408 39.26 1.92 12.80
CA LEU C 408 38.60 3.15 12.43
C LEU C 408 39.54 4.11 11.72
N SER C 409 39.01 4.77 10.70
CA SER C 409 39.70 5.81 9.96
C SER C 409 38.97 7.11 10.21
N THR C 410 39.70 8.09 10.73
CA THR C 410 39.13 9.39 11.10
C THR C 410 39.56 10.48 10.12
N LEU C 411 38.58 11.25 9.65
CA LEU C 411 38.77 12.39 8.74
C LEU C 411 37.93 13.56 9.28
N THR C 412 38.39 14.80 9.10
CA THR C 412 37.64 15.96 9.60
C THR C 412 36.98 16.68 8.43
N PHE C 413 36.00 17.53 8.75
CA PHE C 413 35.34 18.37 7.75
C PHE C 413 34.92 19.67 8.42
N LYS C 414 34.59 20.68 7.60
CA LYS C 414 34.13 21.94 8.14
C LYS C 414 32.63 22.11 8.05
N THR C 415 32.08 21.83 6.87
CA THR C 415 30.67 22.09 6.57
C THR C 415 29.88 20.80 6.26
N ALA C 416 28.56 20.87 6.45
CA ALA C 416 27.64 19.79 6.07
C ALA C 416 27.86 19.32 4.63
N ASP C 417 27.92 20.29 3.70
CA ASP C 417 28.17 20.00 2.30
C ASP C 417 29.44 19.17 2.09
N GLU C 418 30.51 19.50 2.81
CA GLU C 418 31.76 18.73 2.72
C GLU C 418 31.59 17.32 3.27
N ALA C 419 30.82 17.21 4.36
CA ALA C 419 30.56 15.92 5.00
C ALA C 419 29.86 15.00 4.02
N VAL C 420 28.85 15.52 3.33
CA VAL C 420 28.14 14.78 2.29
C VAL C 420 29.04 14.33 1.15
N ALA C 421 29.86 15.25 0.63
CA ALA C 421 30.76 14.90 -0.46
C ALA C 421 31.71 13.79 -0.02
N LEU C 422 32.30 13.92 1.15
CA LEU C 422 33.25 12.90 1.63
C LEU C 422 32.54 11.55 1.82
N ALA C 423 31.36 11.57 2.43
CA ALA C 423 30.57 10.36 2.67
C ALA C 423 30.27 9.59 1.38
N ASN C 424 29.86 10.31 0.33
CA ASN C 424 29.54 9.71 -0.96
C ASN C 424 30.72 9.36 -1.83
N ALA C 425 31.93 9.76 -1.42
CA ALA C 425 33.15 9.51 -2.20
C ALA C 425 33.62 8.08 -1.97
N THR C 426 32.81 7.14 -2.40
CA THR C 426 33.08 5.70 -2.23
C THR C 426 32.31 5.00 -3.36
N GLU C 427 32.78 3.84 -3.82
CA GLU C 427 31.94 3.01 -4.69
C GLU C 427 30.90 2.22 -3.87
N PHE C 428 30.99 2.31 -2.54
CA PHE C 428 30.03 1.60 -1.67
C PHE C 428 28.85 2.48 -1.32
N GLY C 429 27.85 1.89 -0.68
CA GLY C 429 26.65 2.64 -0.30
C GLY C 429 25.70 1.79 0.51
N LEU C 430 26.24 1.07 1.50
CA LEU C 430 25.39 0.23 2.33
C LEU C 430 24.77 1.00 3.51
N SER C 431 25.61 1.65 4.32
CA SER C 431 25.18 2.25 5.59
C SER C 431 25.78 3.64 5.83
N ALA C 432 25.07 4.46 6.61
CA ALA C 432 25.60 5.74 7.12
C ALA C 432 24.83 6.16 8.35
N SER C 433 25.52 6.87 9.25
CA SER C 433 24.95 7.45 10.45
C SER C 433 25.25 8.94 10.49
N VAL C 434 24.27 9.73 10.92
CA VAL C 434 24.49 11.16 11.19
C VAL C 434 24.11 11.47 12.63
N TRP C 435 25.04 12.11 13.35
CA TRP C 435 24.84 12.51 14.72
C TRP C 435 24.72 14.05 14.76
N SER C 436 23.57 14.55 15.18
CA SER C 436 23.32 15.99 15.26
C SER C 436 22.06 16.22 16.06
N THR C 437 21.99 17.35 16.77
CA THR C 437 20.77 17.68 17.50
C THR C 437 19.92 18.65 16.68
N ASN C 438 20.41 19.01 15.49
CA ASN C 438 19.76 20.00 14.63
C ASN C 438 18.83 19.31 13.60
N LEU C 439 17.57 19.73 13.56
CA LEU C 439 16.56 19.19 12.62
C LEU C 439 16.99 19.22 11.16
N GLU C 440 17.36 20.42 10.69
CA GLU C 440 17.76 20.58 9.31
C GLU C 440 19.04 19.82 8.94
N THR C 441 20.07 19.92 9.78
CA THR C 441 21.30 19.22 9.49
C THR C 441 21.17 17.67 9.48
N ALA C 442 20.48 17.11 10.47
CA ALA C 442 20.35 15.66 10.57
C ALA C 442 19.59 15.15 9.36
N LEU C 443 18.43 15.75 9.09
CA LEU C 443 17.58 15.23 8.00
C LEU C 443 18.07 15.52 6.59
N GLN C 444 18.59 16.73 6.33
CA GLN C 444 19.09 17.02 4.99
C GLN C 444 20.36 16.24 4.72
N THR C 445 21.20 16.10 5.74
CA THR C 445 22.39 15.30 5.53
C THR C 445 22.02 13.85 5.23
N ILE C 446 21.09 13.28 5.99
CA ILE C 446 20.75 11.87 5.76
C ILE C 446 20.08 11.68 4.39
N ARG C 447 19.33 12.68 3.93
CA ARG C 447 18.65 12.65 2.63
C ARG C 447 19.63 12.69 1.46
N ARG C 448 20.80 13.30 1.68
CA ARG C 448 21.78 13.48 0.65
C ARG C 448 22.85 12.40 0.55
N ILE C 449 22.97 11.55 1.57
CA ILE C 449 23.93 10.44 1.54
C ILE C 449 23.35 9.28 0.70
N ARG C 450 24.15 8.77 -0.24
CA ARG C 450 23.69 7.65 -1.07
C ARG C 450 24.02 6.29 -0.40
N ALA C 451 23.21 5.95 0.61
CA ALA C 451 23.35 4.67 1.32
C ALA C 451 21.97 4.14 1.70
N GLY C 452 21.80 2.82 1.65
CA GLY C 452 20.46 2.19 1.82
C GLY C 452 20.00 2.00 3.25
N ARG C 453 20.95 1.95 4.17
CA ARG C 453 20.69 1.65 5.57
C ARG C 453 21.27 2.80 6.39
N CYS C 454 20.40 3.71 6.82
CA CYS C 454 20.81 4.95 7.48
C CYS C 454 20.28 5.06 8.89
N TRP C 455 21.01 5.82 9.69
CA TRP C 455 20.72 6.04 11.08
C TRP C 455 20.94 7.51 11.44
N ILE C 456 20.07 8.01 12.30
CA ILE C 456 20.31 9.28 12.92
C ILE C 456 20.52 9.07 14.42
N ASN C 457 21.60 9.64 14.95
CA ASN C 457 21.88 9.57 16.40
C ASN C 457 21.86 8.15 16.92
N SER C 458 22.30 7.23 16.07
CA SER C 458 22.33 5.81 16.39
C SER C 458 23.21 5.09 15.38
N VAL C 459 23.42 3.80 15.57
CA VAL C 459 24.21 3.02 14.61
C VAL C 459 23.93 1.56 14.94
N ILE C 460 24.14 0.72 13.93
CA ILE C 460 24.04 -0.75 14.04
C ILE C 460 22.60 -1.29 14.22
N ASP C 461 21.91 -0.84 15.26
CA ASP C 461 20.69 -1.53 15.68
C ASP C 461 19.52 -1.11 14.82
N GLY C 462 18.87 -2.10 14.21
CA GLY C 462 17.66 -1.87 13.46
C GLY C 462 16.54 -2.80 13.90
N THR C 463 15.54 -2.92 13.04
CA THR C 463 14.30 -3.61 13.36
C THR C 463 13.90 -4.50 12.16
N PRO C 464 13.23 -5.61 12.42
CA PRO C 464 12.67 -6.39 11.31
C PRO C 464 11.69 -5.56 10.46
N GLU C 465 11.12 -4.49 11.05
CA GLU C 465 10.03 -3.73 10.38
C GLU C 465 10.48 -2.96 9.13
N LEU C 466 11.75 -2.58 9.07
CA LEU C 466 12.26 -1.71 8.02
C LEU C 466 13.14 -2.46 7.05
N PRO C 467 13.09 -2.09 5.76
CA PRO C 467 13.92 -2.71 4.71
C PRO C 467 15.40 -2.39 4.89
N ILE C 468 16.24 -3.30 4.41
CA ILE C 468 17.67 -3.13 4.45
C ILE C 468 18.19 -3.45 3.06
N GLY C 469 19.26 -2.77 2.66
CA GLY C 469 19.87 -3.06 1.37
C GLY C 469 20.83 -1.95 1.04
N GLY C 470 21.56 -2.07 -0.07
CA GLY C 470 22.54 -1.04 -0.41
C GLY C 470 22.27 -0.32 -1.71
N TYR C 471 22.96 0.82 -1.86
CA TYR C 471 23.09 1.57 -3.11
C TYR C 471 24.43 1.19 -3.73
N LYS C 472 24.61 1.58 -4.99
CA LYS C 472 25.90 1.45 -5.70
C LYS C 472 26.41 0.01 -5.63
N LYS C 473 27.69 -0.20 -5.28
CA LYS C 473 28.24 -1.56 -5.33
C LYS C 473 27.95 -2.42 -4.07
N SER C 474 27.20 -1.90 -3.11
CA SER C 474 26.94 -2.60 -1.87
C SER C 474 25.77 -3.59 -1.95
N GLY C 475 24.98 -3.55 -3.02
CA GLY C 475 23.90 -4.55 -3.12
C GLY C 475 22.85 -4.37 -4.18
N LEU C 476 22.06 -5.43 -4.39
CA LEU C 476 20.93 -5.39 -5.33
C LEU C 476 19.69 -5.94 -4.61
N GLY C 477 18.62 -5.15 -4.63
CA GLY C 477 17.36 -5.53 -3.95
C GLY C 477 17.26 -5.03 -2.52
N ARG C 478 16.14 -5.36 -1.88
CA ARG C 478 15.86 -4.95 -0.51
C ARG C 478 15.33 -6.15 0.27
N GLU C 479 15.81 -6.35 1.50
CA GLU C 479 15.37 -7.46 2.36
C GLU C 479 14.61 -6.89 3.54
N LEU C 480 13.95 -7.76 4.30
CA LEU C 480 13.28 -7.38 5.55
C LEU C 480 12.04 -6.56 5.36
N GLY C 481 11.39 -6.27 6.48
CA GLY C 481 10.13 -5.55 6.46
C GLY C 481 9.16 -6.21 5.49
N ARG C 482 8.42 -5.38 4.77
CA ARG C 482 7.52 -5.88 3.71
C ARG C 482 8.25 -6.03 2.38
N TYR C 483 9.42 -5.40 2.29
CA TYR C 483 10.21 -5.40 1.07
C TYR C 483 10.77 -6.76 0.71
N GLY C 484 11.21 -7.51 1.73
CA GLY C 484 11.87 -8.79 1.49
C GLY C 484 10.92 -9.76 0.81
N PHE C 485 9.62 -9.64 1.09
CA PHE C 485 8.64 -10.54 0.46
C PHE C 485 8.51 -10.30 -1.04
N ASP C 486 8.64 -9.04 -1.44
CA ASP C 486 8.67 -8.70 -2.86
C ASP C 486 9.91 -9.28 -3.56
N GLU C 487 11.04 -9.35 -2.86
CA GLU C 487 12.25 -9.99 -3.43
C GLU C 487 12.09 -11.46 -3.79
N TYR C 488 11.21 -12.17 -3.08
CA TYR C 488 11.02 -13.60 -3.26
C TYR C 488 9.66 -13.90 -3.90
N SER C 489 9.05 -12.87 -4.49
CA SER C 489 7.75 -13.03 -5.17
C SER C 489 7.89 -12.72 -6.65
N GLN C 490 7.00 -13.30 -7.45
CA GLN C 490 6.73 -12.86 -8.81
C GLN C 490 5.36 -12.24 -8.80
N PHE C 491 5.16 -11.24 -9.64
CA PHE C 491 3.84 -10.61 -9.78
C PHE C 491 3.29 -10.88 -11.16
N LYS C 492 2.07 -11.39 -11.20
CA LYS C 492 1.38 -11.76 -12.43
C LYS C 492 0.25 -10.76 -12.68
N GLY C 493 0.34 -10.04 -13.80
CA GLY C 493 -0.71 -9.11 -14.16
C GLY C 493 -1.72 -9.80 -15.06
N VAL C 494 -2.99 -9.81 -14.66
CA VAL C 494 -4.03 -10.47 -15.43
C VAL C 494 -5.10 -9.46 -15.87
N HIS C 495 -5.31 -9.39 -17.18
CA HIS C 495 -6.41 -8.61 -17.73
C HIS C 495 -7.54 -9.63 -17.99
N VAL C 496 -8.63 -9.52 -17.24
CA VAL C 496 -9.71 -10.49 -17.33
C VAL C 496 -10.86 -9.83 -18.06
N THR C 497 -11.18 -10.35 -19.25
CA THR C 497 -12.40 -9.96 -19.93
C THR C 497 -13.48 -10.92 -19.54
N LEU C 498 -14.56 -10.34 -19.06
CA LEU C 498 -15.74 -11.06 -18.70
C LEU C 498 -16.65 -10.90 -19.92
N GLY C 499 -16.85 -12.01 -20.61
CA GLY C 499 -17.62 -12.03 -21.83
C GLY C 499 -16.63 -12.15 -22.97
N ARG C 500 -16.74 -11.25 -23.93
CA ARG C 500 -15.84 -11.29 -25.07
C ARG C 500 -15.32 -9.90 -25.43
N PRO C 501 -14.07 -9.85 -25.93
CA PRO C 501 -13.58 -8.58 -26.38
C PRO C 501 -14.22 -8.20 -27.73
N ALA C 502 -14.11 -6.92 -28.10
CA ALA C 502 -14.50 -6.44 -29.45
C ALA C 502 -13.57 -7.14 -30.43
N PRO C 503 -14.12 -7.63 -31.57
CA PRO C 503 -13.28 -8.39 -32.51
C PRO C 503 -12.17 -7.55 -33.18
N TRP C 504 -11.01 -8.16 -33.37
CA TRP C 504 -9.94 -7.57 -34.17
C TRP C 504 -10.28 -7.61 -35.68
N PHE C 505 -10.70 -8.78 -36.18
CA PHE C 505 -11.09 -8.92 -37.58
C PHE C 505 -12.52 -8.42 -37.77
N THR C 506 -12.69 -7.48 -38.68
CA THR C 506 -13.85 -6.61 -38.61
C THR C 506 -14.41 -6.17 -39.96
N LEU D 4 -1.82 -13.71 -53.64
CA LEU D 4 -2.88 -13.93 -52.60
C LEU D 4 -3.95 -12.86 -52.60
N SER D 5 -5.19 -13.31 -52.52
CA SER D 5 -6.36 -12.42 -52.57
C SER D 5 -6.37 -11.31 -51.50
N ASN D 6 -5.85 -11.61 -50.32
CA ASN D 6 -5.88 -10.66 -49.21
C ASN D 6 -4.64 -9.79 -49.11
N PHE D 7 -3.71 -9.96 -50.06
CA PHE D 7 -2.47 -9.16 -50.08
C PHE D 7 -2.73 -7.81 -50.72
N ILE D 8 -2.30 -6.76 -50.04
CA ILE D 8 -2.43 -5.40 -50.55
C ILE D 8 -1.02 -4.96 -50.95
N ALA D 9 -0.81 -4.82 -52.26
CA ALA D 9 0.50 -4.38 -52.79
C ALA D 9 0.79 -2.90 -52.43
N PRO D 10 2.03 -2.59 -52.04
CA PRO D 10 2.33 -1.18 -51.78
C PRO D 10 2.40 -0.32 -53.03
N ASP D 11 2.46 1.00 -52.81
CA ASP D 11 2.61 1.93 -53.90
C ASP D 11 3.84 2.79 -53.64
N SER D 12 4.94 2.45 -54.30
CA SER D 12 6.18 3.22 -54.07
C SER D 12 6.09 4.66 -54.56
N ASN D 13 5.00 5.00 -55.26
CA ASN D 13 4.79 6.37 -55.70
C ASN D 13 4.12 7.25 -54.64
N ASP D 14 3.81 6.68 -53.46
CA ASP D 14 3.20 7.50 -52.39
C ASP D 14 4.05 8.71 -52.09
N PRO D 15 3.45 9.91 -52.09
CA PRO D 15 4.17 11.15 -51.78
C PRO D 15 4.91 11.08 -50.45
N ARG D 16 4.39 10.33 -49.48
CA ARG D 16 4.99 10.32 -48.13
C ARG D 16 6.36 9.68 -48.13
N LEU D 17 6.63 8.88 -49.15
CA LEU D 17 7.95 8.26 -49.33
C LEU D 17 9.02 9.29 -49.78
N ARG D 18 8.59 10.41 -50.35
CA ARG D 18 9.51 11.46 -50.80
C ARG D 18 10.10 12.28 -49.65
N ILE D 19 9.43 12.29 -48.50
CA ILE D 19 9.99 12.92 -47.31
C ILE D 19 11.11 12.01 -46.87
N LYS D 20 12.33 12.50 -46.91
CA LYS D 20 13.43 11.60 -46.56
C LYS D 20 14.10 12.15 -45.32
N SER D 21 13.43 11.97 -44.19
CA SER D 21 13.82 12.62 -42.95
C SER D 21 15.25 12.30 -42.51
N ARG D 22 15.96 13.32 -42.08
CA ARG D 22 17.29 13.16 -41.51
C ARG D 22 17.28 13.65 -40.06
N TYR D 23 17.84 12.83 -39.17
CA TYR D 23 17.76 13.08 -37.72
C TYR D 23 19.14 13.23 -37.12
N GLN D 24 19.20 13.87 -35.97
CA GLN D 24 20.40 14.01 -35.19
C GLN D 24 20.14 13.41 -33.79
N MSE D 25 21.19 12.96 -33.12
CA MSE D 25 21.12 12.58 -31.71
C MSE D 25 20.84 13.79 -30.86
O MSE D 25 21.01 14.93 -31.29
CB MSE D 25 22.43 11.93 -31.28
CG MSE D 25 22.78 10.68 -32.04
SE MSE D 25 24.46 9.89 -31.37
CE MSE D 25 25.79 11.13 -32.15
N LEU D 26 20.41 13.57 -29.61
CA LEU D 26 20.16 14.69 -28.72
C LEU D 26 20.87 14.43 -27.41
N VAL D 27 21.85 15.27 -27.10
CA VAL D 27 22.75 15.01 -25.98
C VAL D 27 22.94 16.34 -25.26
N ASP D 28 22.56 16.36 -23.98
CA ASP D 28 22.61 17.58 -23.16
C ASP D 28 21.87 18.76 -23.77
N GLY D 29 20.71 18.50 -24.36
CA GLY D 29 19.89 19.57 -24.91
C GLY D 29 20.23 19.93 -26.35
N LYS D 30 21.34 19.41 -26.88
CA LYS D 30 21.81 19.79 -28.23
C LYS D 30 21.65 18.67 -29.23
N SER D 31 21.18 19.02 -30.43
CA SER D 31 21.09 18.08 -31.54
C SER D 31 22.46 17.93 -32.20
N VAL D 32 22.97 16.70 -32.29
CA VAL D 32 24.38 16.52 -32.66
C VAL D 32 24.58 15.37 -33.61
N ASP D 33 25.60 15.49 -34.44
CA ASP D 33 26.04 14.36 -35.25
C ASP D 33 27.04 13.53 -34.46
N ALA D 34 27.35 12.34 -34.97
CA ALA D 34 28.48 11.55 -34.47
C ALA D 34 29.76 12.30 -34.81
N ALA D 35 30.73 12.22 -33.91
CA ALA D 35 32.02 12.87 -34.12
C ALA D 35 32.60 12.55 -35.50
N SER D 36 32.41 11.30 -35.95
CA SER D 36 32.92 10.81 -37.22
C SER D 36 32.11 11.32 -38.42
N GLY D 37 30.91 11.84 -38.15
CA GLY D 37 29.95 12.18 -39.19
C GLY D 37 29.29 10.99 -39.87
N SER D 38 29.60 9.77 -39.43
CA SER D 38 28.98 8.59 -40.02
C SER D 38 27.46 8.53 -39.75
N THR D 39 26.72 7.96 -40.69
CA THR D 39 25.27 7.82 -40.55
C THR D 39 24.84 6.42 -40.96
N ILE D 40 23.62 6.07 -40.57
CA ILE D 40 22.95 4.82 -40.91
C ILE D 40 21.69 5.27 -41.64
N ASP D 41 21.33 4.55 -42.69
CA ASP D 41 20.07 4.79 -43.39
C ASP D 41 19.10 3.70 -43.00
N ARG D 42 17.82 4.03 -42.99
CA ARG D 42 16.78 3.01 -42.88
C ARG D 42 16.02 2.97 -44.19
N VAL D 43 15.98 1.79 -44.81
CA VAL D 43 15.16 1.56 -45.96
C VAL D 43 13.82 0.98 -45.49
N SER D 44 12.73 1.53 -46.02
CA SER D 44 11.38 1.09 -45.63
C SER D 44 11.21 -0.36 -45.97
N PRO D 45 10.89 -1.21 -44.96
CA PRO D 45 10.75 -2.65 -45.20
C PRO D 45 9.56 -2.96 -46.07
N GLY D 46 8.55 -2.10 -46.04
CA GLY D 46 7.38 -2.32 -46.85
C GLY D 46 7.50 -1.84 -48.30
N HIS D 47 8.52 -1.03 -48.58
CA HIS D 47 8.71 -0.36 -49.88
C HIS D 47 10.17 -0.52 -50.33
N ALA D 48 10.45 -1.60 -51.06
CA ALA D 48 11.86 -1.95 -51.40
C ALA D 48 12.67 -0.78 -51.94
N GLY D 49 13.84 -0.55 -51.36
CA GLY D 49 14.77 0.50 -51.81
C GLY D 49 14.49 1.95 -51.39
N GLU D 50 13.32 2.21 -50.80
CA GLU D 50 12.97 3.57 -50.37
C GLU D 50 13.58 3.98 -49.03
N VAL D 51 14.58 4.86 -49.06
CA VAL D 51 15.22 5.37 -47.84
C VAL D 51 14.21 6.32 -47.14
N VAL D 52 13.91 6.07 -45.85
CA VAL D 52 12.89 6.86 -45.11
C VAL D 52 13.45 7.50 -43.84
N GLY D 53 14.72 7.23 -43.55
CA GLY D 53 15.34 7.85 -42.39
C GLY D 53 16.83 7.66 -42.38
N THR D 54 17.51 8.63 -41.77
CA THR D 54 18.93 8.53 -41.55
C THR D 54 19.24 9.19 -40.22
N TRP D 55 20.16 8.60 -39.50
CA TRP D 55 20.58 9.11 -38.20
C TRP D 55 22.07 8.79 -37.98
N PRO D 56 22.72 9.43 -37.00
CA PRO D 56 24.14 9.12 -36.76
C PRO D 56 24.43 7.67 -36.36
N GLU D 57 25.65 7.21 -36.66
CA GLU D 57 26.18 5.97 -36.14
C GLU D 57 27.18 6.36 -35.06
N ALA D 58 26.75 6.32 -33.80
CA ALA D 58 27.58 6.78 -32.69
C ALA D 58 28.84 5.92 -32.47
N SER D 59 29.93 6.57 -32.11
CA SER D 59 31.08 5.85 -31.55
C SER D 59 30.88 5.63 -30.03
N ALA D 60 31.69 4.73 -29.46
CA ALA D 60 31.79 4.62 -28.00
C ALA D 60 31.90 5.97 -27.29
N ASP D 61 32.74 6.86 -27.82
CA ASP D 61 32.95 8.18 -27.18
C ASP D 61 31.72 9.09 -27.25
N ASP D 62 30.93 8.95 -28.32
CA ASP D 62 29.70 9.73 -28.50
C ASP D 62 28.70 9.34 -27.40
N VAL D 63 28.61 8.04 -27.13
CA VAL D 63 27.71 7.48 -26.13
C VAL D 63 28.15 7.88 -24.73
N ARG D 64 29.47 7.86 -24.46
CA ARG D 64 29.97 8.31 -23.16
C ARG D 64 29.67 9.77 -22.89
N LYS D 65 29.62 10.60 -23.93
CA LYS D 65 29.24 12.02 -23.75
C LYS D 65 27.76 12.12 -23.34
N ALA D 66 26.91 11.28 -23.93
CA ALA D 66 25.51 11.23 -23.50
C ALA D 66 25.42 10.81 -22.03
N VAL D 67 26.22 9.82 -21.64
CA VAL D 67 26.27 9.41 -20.21
C VAL D 67 26.68 10.56 -19.28
N ALA D 68 27.72 11.33 -19.67
CA ALA D 68 28.17 12.47 -18.85
C ALA D 68 27.11 13.54 -18.74
N ALA D 69 26.35 13.76 -19.81
CA ALA D 69 25.27 14.73 -19.75
C ALA D 69 24.19 14.25 -18.74
N ALA D 70 23.81 12.98 -18.81
CA ALA D 70 22.85 12.38 -17.83
C ALA D 70 23.38 12.44 -16.38
N ARG D 71 24.66 12.13 -16.22
CA ARG D 71 25.35 12.23 -14.91
C ARG D 71 25.32 13.64 -14.33
N LYS D 72 25.70 14.64 -15.13
CA LYS D 72 25.67 16.01 -14.63
C LYS D 72 24.24 16.47 -14.36
N ALA D 73 23.31 16.09 -15.24
CA ALA D 73 21.91 16.38 -14.99
C ALA D 73 21.41 15.79 -13.66
N PHE D 74 21.88 14.60 -13.31
CA PHE D 74 21.46 13.98 -12.04
C PHE D 74 22.20 14.53 -10.82
N ASP D 75 23.51 14.71 -10.93
CA ASP D 75 24.33 15.19 -9.81
C ASP D 75 24.20 16.68 -9.50
N ALA D 76 24.15 17.49 -10.54
CA ALA D 76 24.17 18.95 -10.41
C ALA D 76 22.88 19.64 -10.86
N GLY D 77 22.13 18.98 -11.75
CA GLY D 77 20.96 19.61 -12.37
C GLY D 77 19.72 19.64 -11.49
N PRO D 78 18.74 20.47 -11.86
CA PRO D 78 17.51 20.63 -11.07
C PRO D 78 16.54 19.42 -11.04
N TRP D 79 16.64 18.50 -11.99
CA TRP D 79 15.54 17.54 -12.21
C TRP D 79 15.24 16.67 -10.99
N PRO D 80 16.26 16.00 -10.42
CA PRO D 80 15.94 15.24 -9.18
C PRO D 80 15.55 16.09 -7.98
N ARG D 81 15.99 17.35 -7.97
CA ARG D 81 15.69 18.30 -6.87
C ARG D 81 14.27 18.86 -6.92
N MSE D 82 13.65 18.84 -8.10
CA MSE D 82 12.30 19.39 -8.27
C MSE D 82 11.26 18.58 -7.49
O MSE D 82 11.50 17.42 -7.18
CB MSE D 82 11.92 19.33 -9.74
CG MSE D 82 12.51 20.42 -10.59
SE MSE D 82 12.18 20.04 -12.51
CE MSE D 82 10.29 19.87 -12.52
N SER D 83 10.13 19.17 -7.18
CA SER D 83 9.03 18.41 -6.61
C SER D 83 8.47 17.39 -7.62
N GLY D 84 7.76 16.39 -7.10
CA GLY D 84 7.06 15.47 -7.98
C GLY D 84 6.11 16.24 -8.87
N ALA D 85 5.43 17.26 -8.31
CA ALA D 85 4.46 18.03 -9.08
C ALA D 85 5.11 18.78 -10.28
N GLU D 86 6.32 19.30 -10.07
CA GLU D 86 7.00 20.06 -11.12
C GLU D 86 7.41 19.10 -12.23
N ARG D 87 7.89 17.92 -11.85
CA ARG D 87 8.26 16.91 -12.83
C ARG D 87 7.03 16.48 -13.62
N SER D 88 5.93 16.29 -12.89
CA SER D 88 4.65 15.89 -13.49
C SER D 88 4.15 16.85 -14.57
N ARG D 89 4.17 18.14 -14.29
CA ARG D 89 3.70 19.16 -15.24
C ARG D 89 4.47 19.15 -16.56
N LEU D 90 5.79 19.01 -16.47
CA LEU D 90 6.61 18.89 -17.69
C LEU D 90 6.27 17.62 -18.48
N MSE D 91 6.08 16.50 -17.79
CA MSE D 91 5.75 15.25 -18.50
C MSE D 91 4.35 15.29 -19.13
O MSE D 91 4.13 14.65 -20.18
CB MSE D 91 5.85 14.03 -17.57
CG MSE D 91 7.26 13.80 -17.03
SE MSE D 91 7.14 12.69 -15.39
CE MSE D 91 6.51 11.01 -16.22
N PHE D 92 3.41 15.99 -18.50
CA PHE D 92 2.10 16.21 -19.13
C PHE D 92 2.24 16.99 -20.42
N LYS D 93 3.15 17.96 -20.44
CA LYS D 93 3.39 18.72 -21.68
C LYS D 93 3.88 17.84 -22.81
N VAL D 94 4.72 16.85 -22.49
CA VAL D 94 5.18 15.87 -23.49
C VAL D 94 3.99 15.06 -24.01
N ALA D 95 3.14 14.56 -23.11
CA ALA D 95 1.93 13.82 -23.53
C ALA D 95 1.09 14.65 -24.51
N ASP D 96 0.95 15.95 -24.23
CA ASP D 96 0.18 16.87 -25.08
C ASP D 96 0.83 17.03 -26.46
N LEU D 97 2.15 17.13 -26.50
CA LEU D 97 2.89 17.28 -27.74
C LEU D 97 2.81 16.02 -28.56
N ILE D 98 2.78 14.86 -27.90
CA ILE D 98 2.65 13.60 -28.64
C ILE D 98 1.35 13.59 -29.43
N LEU D 99 0.24 13.99 -28.79
CA LEU D 99 -1.05 14.13 -29.49
C LEU D 99 -1.02 15.21 -30.54
N ALA D 100 -0.41 16.36 -30.22
CA ALA D 100 -0.31 17.42 -31.23
C ALA D 100 0.40 16.94 -32.52
N ARG D 101 1.26 15.92 -32.41
CA ARG D 101 2.05 15.44 -33.57
C ARG D 101 1.70 14.00 -33.97
N GLN D 102 0.49 13.57 -33.63
CA GLN D 102 0.16 12.19 -33.77
C GLN D 102 0.39 11.66 -35.18
N GLU D 103 -0.12 12.39 -36.18
CA GLU D 103 0.02 11.96 -37.59
C GLU D 103 1.46 11.86 -38.05
N GLU D 104 2.27 12.85 -37.71
CA GLU D 104 3.68 12.85 -38.07
C GLU D 104 4.37 11.65 -37.46
N LEU D 105 4.14 11.44 -36.16
CA LEU D 105 4.76 10.32 -35.42
C LEU D 105 4.31 8.93 -35.91
N ALA D 106 3.01 8.78 -36.16
CA ALA D 106 2.51 7.51 -36.67
C ALA D 106 3.15 7.16 -38.02
N LEU D 107 3.33 8.17 -38.87
CA LEU D 107 3.94 7.98 -40.19
C LEU D 107 5.38 7.48 -40.10
N ILE D 108 6.15 8.09 -39.21
CA ILE D 108 7.52 7.68 -38.96
C ILE D 108 7.56 6.19 -38.57
N GLU D 109 6.75 5.80 -37.59
CA GLU D 109 6.74 4.41 -37.08
C GLU D 109 6.39 3.44 -38.18
N SER D 110 5.32 3.76 -38.92
CA SER D 110 4.88 2.95 -40.04
C SER D 110 6.02 2.74 -41.06
N LEU D 111 6.67 3.82 -41.44
CA LEU D 111 7.71 3.79 -42.47
C LEU D 111 8.98 3.06 -42.01
N GLU D 112 9.43 3.32 -40.79
CA GLU D 112 10.63 2.66 -40.29
C GLU D 112 10.39 1.20 -39.89
N VAL D 113 9.23 0.92 -39.29
CA VAL D 113 8.98 -0.41 -38.74
C VAL D 113 8.29 -1.34 -39.73
N GLY D 114 7.53 -0.77 -40.68
CA GLY D 114 6.61 -1.56 -41.55
C GLY D 114 5.27 -1.85 -40.91
N LYS D 115 4.94 -1.05 -39.89
CA LYS D 115 3.72 -1.19 -39.08
C LYS D 115 2.54 -0.67 -39.89
N PRO D 116 1.40 -1.39 -39.92
CA PRO D 116 0.27 -0.74 -40.58
C PRO D 116 0.02 0.64 -39.95
N ILE D 117 -0.23 1.63 -40.79
CA ILE D 117 -0.43 3.00 -40.36
C ILE D 117 -1.58 3.18 -39.33
N ALA D 118 -2.66 2.44 -39.50
CA ALA D 118 -3.79 2.48 -38.55
C ALA D 118 -3.33 1.93 -37.20
N GLN D 119 -2.61 0.82 -37.22
CA GLN D 119 -2.02 0.34 -35.98
C GLN D 119 -1.03 1.35 -35.39
N ALA D 120 -0.15 1.94 -36.21
CA ALA D 120 0.81 2.94 -35.72
C ALA D 120 0.12 4.15 -35.06
N ARG D 121 -0.96 4.61 -35.68
CA ARG D 121 -1.75 5.74 -35.18
C ARG D 121 -2.32 5.47 -33.78
N GLY D 122 -2.94 4.30 -33.60
CA GLY D 122 -3.39 3.82 -32.30
C GLY D 122 -2.25 3.72 -31.28
N GLU D 123 -1.08 3.21 -31.69
CA GLU D 123 0.06 3.12 -30.76
C GLU D 123 0.54 4.48 -30.30
N ILE D 124 0.57 5.48 -31.19
CA ILE D 124 0.94 6.86 -30.80
C ILE D 124 0.00 7.40 -29.73
N GLY D 125 -1.30 7.25 -29.91
CA GLY D 125 -2.26 7.68 -28.88
C GLY D 125 -2.07 6.92 -27.54
N PHE D 126 -1.79 5.62 -27.61
CA PHE D 126 -1.53 4.83 -26.39
C PHE D 126 -0.26 5.35 -25.66
N CYS D 127 0.74 5.75 -26.43
CA CYS D 127 1.96 6.36 -25.86
C CYS D 127 1.70 7.68 -25.16
N ALA D 128 0.85 8.53 -25.72
CA ALA D 128 0.45 9.74 -25.03
C ALA D 128 -0.25 9.40 -23.71
N ASP D 129 -1.07 8.35 -23.70
CA ASP D 129 -1.71 7.90 -22.46
C ASP D 129 -0.70 7.34 -21.46
N LEU D 130 0.34 6.65 -21.94
CA LEU D 130 1.40 6.14 -21.02
C LEU D 130 2.08 7.29 -20.31
N TRP D 131 2.50 8.30 -21.10
CA TRP D 131 3.10 9.51 -20.52
C TRP D 131 2.16 10.18 -19.51
N SER D 132 0.88 10.29 -19.85
CA SER D 132 -0.10 10.87 -18.94
C SER D 132 -0.25 10.07 -17.67
N TYR D 133 -0.38 8.75 -17.79
CA TYR D 133 -0.51 7.92 -16.61
C TYR D 133 0.69 8.16 -15.69
N ALA D 134 1.87 8.08 -16.28
CA ALA D 134 3.10 8.17 -15.50
C ALA D 134 3.27 9.54 -14.89
N ALA D 135 2.91 10.57 -15.63
CA ALA D 135 2.92 11.93 -15.10
C ALA D 135 2.03 12.09 -13.87
N GLY D 136 0.84 11.49 -13.91
CA GLY D 136 -0.08 11.57 -12.78
C GLY D 136 0.44 10.83 -11.55
N GLN D 137 1.11 9.70 -11.76
CA GLN D 137 1.61 8.88 -10.65
C GLN D 137 2.93 9.40 -10.09
N ALA D 138 3.69 10.09 -10.91
CA ALA D 138 5.01 10.60 -10.52
C ALA D 138 4.96 11.50 -9.31
N ARG D 139 3.90 12.29 -9.17
CA ARG D 139 3.83 13.22 -8.05
C ARG D 139 3.34 12.57 -6.74
N ALA D 140 2.77 11.39 -6.83
CA ALA D 140 2.26 10.77 -5.62
C ALA D 140 3.17 9.67 -5.08
N LEU D 141 4.39 9.57 -5.61
CA LEU D 141 5.28 8.50 -5.16
C LEU D 141 5.67 8.67 -3.69
N GLU D 142 5.61 7.58 -2.93
CA GLU D 142 5.75 7.68 -1.49
C GLU D 142 6.73 6.62 -0.93
N GLY D 143 7.12 6.83 0.33
CA GLY D 143 7.76 5.80 1.15
C GLY D 143 6.87 5.60 2.37
N GLN D 144 7.46 5.11 3.46
CA GLN D 144 6.70 4.76 4.66
C GLN D 144 7.27 5.44 5.90
N THR D 145 6.40 5.70 6.87
CA THR D 145 6.79 6.00 8.24
C THR D 145 6.43 4.83 9.15
N HIS D 146 7.28 4.59 10.13
CA HIS D 146 7.01 3.61 11.16
C HIS D 146 7.05 4.36 12.47
N ASN D 147 5.86 4.63 13.02
CA ASN D 147 5.69 5.54 14.16
C ASN D 147 5.56 4.70 15.40
N ASN D 148 5.80 3.40 15.24
CA ASN D 148 5.59 2.44 16.31
C ASN D 148 6.81 1.55 16.58
N ILE D 149 8.02 2.09 16.38
CA ILE D 149 9.22 1.35 16.79
C ILE D 149 9.88 1.92 18.06
N GLY D 150 9.06 2.41 18.98
CA GLY D 150 9.60 2.87 20.28
C GLY D 150 9.42 4.37 20.38
N ASP D 151 9.04 4.86 21.57
CA ASP D 151 8.77 6.30 21.72
C ASP D 151 9.97 7.20 21.33
N ASP D 152 11.18 6.69 21.55
CA ASP D 152 12.42 7.45 21.27
C ASP D 152 12.93 7.39 19.83
N ARG D 153 12.20 6.69 18.96
CA ARG D 153 12.65 6.45 17.61
C ARG D 153 11.55 6.74 16.59
N LEU D 154 11.97 6.95 15.34
CA LEU D 154 11.04 7.09 14.24
C LEU D 154 11.68 6.41 13.05
N GLY D 155 10.94 5.53 12.39
CA GLY D 155 11.46 4.85 11.24
C GLY D 155 10.98 5.56 10.01
N LEU D 156 11.87 5.85 9.08
CA LEU D 156 11.50 6.43 7.79
C LEU D 156 12.03 5.51 6.69
N VAL D 157 11.23 5.29 5.66
CA VAL D 157 11.73 4.71 4.44
C VAL D 157 11.50 5.78 3.39
N LEU D 158 12.58 6.31 2.84
CA LEU D 158 12.51 7.36 1.83
C LEU D 158 12.71 6.79 0.44
N ARG D 159 11.89 7.21 -0.51
CA ARG D 159 12.07 6.85 -1.93
C ARG D 159 13.01 7.84 -2.61
N GLU D 160 13.98 7.35 -3.37
CA GLU D 160 14.91 8.23 -4.13
C GLU D 160 15.13 7.63 -5.53
N PRO D 161 15.61 8.42 -6.51
CA PRO D 161 15.89 7.90 -7.86
C PRO D 161 17.10 7.00 -7.85
N VAL D 162 17.08 5.95 -8.67
CA VAL D 162 18.28 5.13 -8.85
C VAL D 162 19.45 5.96 -9.42
N GLY D 163 19.18 6.94 -10.28
CA GLY D 163 20.26 7.75 -10.89
C GLY D 163 20.20 7.80 -12.40
N VAL D 164 21.28 7.36 -13.04
CA VAL D 164 21.44 7.39 -14.50
C VAL D 164 21.08 6.01 -15.06
N VAL D 165 20.04 6.01 -15.90
CA VAL D 165 19.53 4.78 -16.49
C VAL D 165 19.77 4.78 -17.99
N GLY D 166 20.43 3.73 -18.46
CA GLY D 166 20.56 3.51 -19.90
C GLY D 166 19.41 2.65 -20.34
N ILE D 167 18.65 3.13 -21.31
CA ILE D 167 17.48 2.41 -21.79
C ILE D 167 17.70 1.97 -23.23
N ILE D 168 17.68 0.66 -23.47
CA ILE D 168 17.86 0.15 -24.82
C ILE D 168 16.56 -0.49 -25.36
N THR D 169 16.09 -0.06 -26.53
CA THR D 169 14.77 -0.48 -27.01
C THR D 169 14.82 -1.18 -28.36
N PRO D 170 13.87 -2.10 -28.64
CA PRO D 170 13.95 -2.93 -29.82
C PRO D 170 13.24 -2.30 -31.03
N TRP D 171 13.39 -2.96 -32.18
CA TRP D 171 12.79 -2.44 -33.43
C TRP D 171 11.28 -2.71 -33.60
N ASN D 172 10.68 -3.57 -32.79
CA ASN D 172 9.27 -3.95 -33.07
C ASN D 172 8.19 -2.99 -32.57
N PHE D 173 8.47 -2.34 -31.45
CA PHE D 173 7.60 -1.32 -30.88
C PHE D 173 8.45 -0.20 -30.34
N PRO D 174 9.08 0.59 -31.23
CA PRO D 174 10.06 1.58 -30.74
C PRO D 174 9.49 2.64 -29.80
N PHE D 175 8.41 3.29 -30.24
CA PHE D 175 7.85 4.41 -29.50
C PHE D 175 7.19 3.91 -28.22
N ILE D 176 6.46 2.82 -28.33
CA ILE D 176 5.74 2.23 -27.21
C ILE D 176 6.74 1.86 -26.12
N ILE D 177 7.83 1.18 -26.49
CA ILE D 177 8.81 0.76 -25.47
C ILE D 177 9.51 1.94 -24.83
N ALA D 178 9.90 2.93 -25.62
CA ALA D 178 10.40 4.16 -25.00
C ALA D 178 9.34 4.75 -24.03
N SER D 179 8.08 4.74 -24.40
CA SER D 179 7.05 5.35 -23.56
C SER D 179 6.67 4.48 -22.35
N GLU D 180 7.09 3.22 -22.35
CA GLU D 180 6.85 2.32 -21.24
C GLU D 180 8.00 2.39 -20.25
N ARG D 181 9.08 3.09 -20.61
CA ARG D 181 10.30 3.06 -19.80
C ARG D 181 10.67 4.47 -19.35
N VAL D 182 10.88 5.36 -20.33
CA VAL D 182 11.36 6.72 -20.05
C VAL D 182 10.51 7.47 -19.02
N PRO D 183 9.15 7.47 -19.17
CA PRO D 183 8.38 8.26 -18.22
C PRO D 183 8.44 7.76 -16.79
N TRP D 184 8.53 6.45 -16.60
CA TRP D 184 8.67 5.91 -15.26
C TRP D 184 10.08 6.21 -14.69
N ALA D 185 11.09 6.17 -15.54
CA ALA D 185 12.45 6.47 -15.09
C ALA D 185 12.59 7.95 -14.70
N ILE D 186 12.28 8.87 -15.61
CA ILE D 186 12.45 10.29 -15.29
C ILE D 186 11.42 10.80 -14.28
N GLY D 187 10.26 10.15 -14.26
CA GLY D 187 9.24 10.49 -13.30
C GLY D 187 9.70 10.13 -11.90
N SER D 188 10.53 9.09 -11.80
CA SER D 188 11.16 8.69 -10.53
C SER D 188 12.29 9.63 -10.11
N GLY D 189 12.61 10.62 -10.97
CA GLY D 189 13.69 11.58 -10.74
C GLY D 189 15.01 11.18 -11.36
N CYS D 190 15.01 10.09 -12.12
CA CYS D 190 16.20 9.62 -12.82
C CYS D 190 16.51 10.49 -14.04
N THR D 191 17.73 10.31 -14.59
CA THR D 191 18.08 10.86 -15.88
C THR D 191 18.43 9.68 -16.76
N VAL D 192 18.33 9.90 -18.06
CA VAL D 192 18.24 8.81 -19.00
C VAL D 192 19.11 9.02 -20.27
N VAL D 193 19.74 7.93 -20.72
CA VAL D 193 20.20 7.81 -22.10
C VAL D 193 19.46 6.68 -22.81
N LEU D 194 18.73 7.05 -23.88
CA LEU D 194 17.93 6.13 -24.65
C LEU D 194 18.67 5.73 -25.89
N LYS D 195 18.74 4.44 -26.14
CA LYS D 195 19.33 3.91 -27.35
C LYS D 195 18.33 3.04 -28.12
N PRO D 196 17.72 3.60 -29.17
CA PRO D 196 16.77 2.82 -29.97
C PRO D 196 17.48 1.90 -30.96
N SER D 197 16.73 0.99 -31.58
CA SER D 197 17.28 0.11 -32.62
C SER D 197 17.81 0.92 -33.81
N GLU D 198 18.87 0.40 -34.42
CA GLU D 198 19.50 1.01 -35.58
C GLU D 198 18.48 1.10 -36.75
N PHE D 199 17.40 0.32 -36.68
CA PHE D 199 16.42 0.27 -37.76
C PHE D 199 15.32 1.32 -37.58
N THR D 200 15.14 1.79 -36.35
CA THR D 200 13.92 2.50 -35.98
C THR D 200 14.18 3.55 -34.94
N SER D 201 15.00 4.54 -35.25
CA SER D 201 15.38 5.55 -34.27
C SER D 201 14.56 6.86 -34.40
N GLY D 202 13.73 6.93 -35.43
CA GLY D 202 13.08 8.21 -35.76
C GLY D 202 12.17 8.77 -34.69
N THR D 203 11.22 7.95 -34.24
CA THR D 203 10.28 8.44 -33.22
C THR D 203 10.94 8.67 -31.87
N SER D 204 12.00 7.91 -31.55
CA SER D 204 12.70 8.11 -30.27
C SER D 204 13.47 9.43 -30.24
N ILE D 205 14.12 9.77 -31.35
CA ILE D 205 14.72 11.10 -31.48
C ILE D 205 13.61 12.17 -31.35
N ARG D 206 12.49 12.00 -32.07
CA ARG D 206 11.41 12.98 -31.98
C ARG D 206 10.91 13.08 -30.54
N LEU D 207 10.82 11.94 -29.85
CA LEU D 207 10.37 11.96 -28.44
C LEU D 207 11.29 12.79 -27.53
N ALA D 208 12.61 12.61 -27.67
CA ALA D 208 13.56 13.45 -26.92
C ALA D 208 13.43 14.91 -27.33
N GLU D 209 13.19 15.17 -28.61
CA GLU D 209 13.02 16.56 -29.06
C GLU D 209 11.74 17.18 -28.47
N LEU D 210 10.70 16.37 -28.28
CA LEU D 210 9.48 16.87 -27.65
C LEU D 210 9.67 17.19 -26.17
N ALA D 211 10.45 16.36 -25.49
CA ALA D 211 10.80 16.59 -24.08
C ALA D 211 11.58 17.90 -23.96
N ARG D 212 12.48 18.14 -24.92
CA ARG D 212 13.23 19.40 -24.97
C ARG D 212 12.28 20.56 -25.22
N GLU D 213 11.41 20.42 -26.21
CA GLU D 213 10.42 21.45 -26.48
C GLU D 213 9.50 21.70 -25.26
N ALA D 214 9.32 20.67 -24.42
CA ALA D 214 8.43 20.78 -23.23
C ALA D 214 8.68 21.72 -22.01
N GLY D 215 9.85 22.22 -21.63
CA GLY D 215 11.18 21.74 -21.87
C GLY D 215 11.70 21.18 -20.54
N ILE D 216 11.87 19.88 -20.55
CA ILE D 216 12.53 19.14 -19.50
C ILE D 216 14.00 19.55 -19.57
N PRO D 217 14.66 19.78 -18.42
CA PRO D 217 16.05 20.27 -18.41
C PRO D 217 17.05 19.47 -19.27
N ASP D 218 18.09 20.15 -19.75
CA ASP D 218 19.12 19.52 -20.55
C ASP D 218 19.75 18.32 -19.84
N GLY D 219 19.97 17.24 -20.60
CA GLY D 219 20.63 16.05 -20.09
C GLY D 219 19.75 15.08 -19.29
N VAL D 220 18.49 15.45 -19.04
CA VAL D 220 17.55 14.56 -18.35
C VAL D 220 17.18 13.40 -19.30
N PHE D 221 17.02 13.74 -20.58
CA PHE D 221 16.55 12.80 -21.58
C PHE D 221 17.42 12.96 -22.80
N ASN D 222 18.37 12.05 -22.97
CA ASN D 222 19.30 12.02 -24.11
C ASN D 222 19.00 10.83 -25.00
N VAL D 223 19.28 10.94 -26.30
CA VAL D 223 19.14 9.83 -27.22
C VAL D 223 20.37 9.70 -28.12
N VAL D 224 20.88 8.47 -28.23
CA VAL D 224 22.01 8.15 -29.09
C VAL D 224 21.60 7.09 -30.06
N THR D 225 22.23 7.04 -31.21
CA THR D 225 21.82 6.11 -32.23
C THR D 225 23.05 5.39 -32.77
N GLY D 226 22.83 4.24 -33.38
CA GLY D 226 23.97 3.44 -33.84
C GLY D 226 23.61 1.98 -33.85
N TYR D 227 24.63 1.14 -34.05
CA TYR D 227 24.40 -0.30 -34.03
C TYR D 227 24.38 -0.80 -32.59
N GLY D 228 24.06 -2.08 -32.41
CA GLY D 228 24.02 -2.69 -31.07
C GLY D 228 25.31 -2.53 -30.31
N ASP D 229 26.43 -2.90 -30.97
CA ASP D 229 27.74 -3.19 -30.33
C ASP D 229 28.41 -2.12 -29.49
N PRO D 230 28.68 -0.92 -30.07
CA PRO D 230 29.26 0.14 -29.25
C PRO D 230 28.34 0.53 -28.08
N ALA D 231 27.13 1.03 -28.40
CA ALA D 231 26.21 1.54 -27.38
C ALA D 231 25.88 0.53 -26.26
N GLY D 232 25.54 -0.69 -26.65
CA GLY D 232 25.19 -1.75 -25.69
C GLY D 232 26.28 -2.02 -24.66
N GLN D 233 27.47 -2.36 -25.15
CA GLN D 233 28.61 -2.54 -24.28
C GLN D 233 28.88 -1.30 -23.42
N VAL D 234 28.77 -0.11 -24.01
CA VAL D 234 29.13 1.11 -23.27
C VAL D 234 28.20 1.36 -22.08
N LEU D 235 26.89 1.28 -22.32
CA LEU D 235 25.94 1.53 -21.25
C LEU D 235 26.05 0.47 -20.14
N ALA D 236 26.40 -0.76 -20.50
CA ALA D 236 26.49 -1.86 -19.54
C ALA D 236 27.78 -1.81 -18.72
N GLU D 237 28.81 -1.18 -19.25
CA GLU D 237 30.04 -1.11 -18.47
C GLU D 237 30.46 0.25 -17.97
N ASP D 238 29.90 1.33 -18.52
CA ASP D 238 30.24 2.67 -18.05
C ASP D 238 29.99 2.82 -16.53
N PRO D 239 31.00 3.29 -15.78
CA PRO D 239 30.88 3.48 -14.32
C PRO D 239 29.79 4.50 -13.93
N ASN D 240 29.49 5.44 -14.83
CA ASN D 240 28.56 6.51 -14.48
C ASN D 240 27.09 6.16 -14.72
N VAL D 241 26.83 4.95 -15.20
CA VAL D 241 25.49 4.46 -15.42
C VAL D 241 25.09 3.58 -14.21
N ASP D 242 23.94 3.87 -13.62
CA ASP D 242 23.47 3.16 -12.42
C ASP D 242 22.58 1.96 -12.75
N MSE D 243 21.96 1.98 -13.93
CA MSE D 243 21.06 0.90 -14.34
C MSE D 243 20.95 0.77 -15.85
O MSE D 243 21.01 1.76 -16.55
CB MSE D 243 19.67 1.16 -13.74
CG MSE D 243 18.68 0.07 -14.00
SE MSE D 243 16.99 0.55 -13.10
CE MSE D 243 15.90 -0.92 -13.86
N VAL D 244 20.80 -0.46 -16.33
CA VAL D 244 20.49 -0.71 -17.74
C VAL D 244 19.10 -1.34 -17.80
N ALA D 245 18.20 -0.75 -18.57
CA ALA D 245 16.86 -1.29 -18.82
C ALA D 245 16.87 -1.73 -20.26
N PHE D 246 16.92 -3.03 -20.49
CA PHE D 246 16.99 -3.57 -21.84
C PHE D 246 15.70 -4.27 -22.22
N THR D 247 15.27 -4.04 -23.45
CA THR D 247 14.17 -4.79 -24.06
C THR D 247 14.64 -5.33 -25.41
N GLY D 248 14.51 -6.66 -25.59
CA GLY D 248 14.84 -7.34 -26.85
C GLY D 248 14.98 -8.83 -26.65
N SER D 249 15.93 -9.45 -27.36
CA SER D 249 16.05 -10.91 -27.30
C SER D 249 16.72 -11.43 -26.02
N VAL D 250 16.40 -12.67 -25.67
CA VAL D 250 17.12 -13.34 -24.59
C VAL D 250 18.63 -13.33 -24.83
N ARG D 251 19.07 -13.68 -26.04
CA ARG D 251 20.52 -13.71 -26.35
C ARG D 251 21.21 -12.40 -26.00
N VAL D 252 20.64 -11.27 -26.43
CA VAL D 252 21.29 -9.99 -26.16
C VAL D 252 21.12 -9.57 -24.70
N GLY D 253 19.93 -9.80 -24.16
CA GLY D 253 19.65 -9.51 -22.75
C GLY D 253 20.62 -10.15 -21.77
N THR D 254 20.84 -11.45 -21.90
CA THR D 254 21.75 -12.18 -21.01
C THR D 254 23.20 -11.68 -21.11
N LYS D 255 23.65 -11.34 -22.32
CA LYS D 255 24.99 -10.79 -22.53
C LYS D 255 25.18 -9.45 -21.81
N LEU D 256 24.27 -8.51 -22.02
CA LEU D 256 24.31 -7.22 -21.31
C LEU D 256 24.17 -7.42 -19.81
N GLY D 257 23.32 -8.38 -19.40
CA GLY D 257 23.15 -8.74 -17.98
C GLY D 257 24.46 -9.22 -17.36
N GLU D 258 25.18 -10.10 -18.06
CA GLU D 258 26.47 -10.60 -17.55
C GLU D 258 27.46 -9.47 -17.44
N ILE D 259 27.48 -8.59 -18.46
CA ILE D 259 28.38 -7.43 -18.44
C ILE D 259 28.06 -6.48 -17.29
N ALA D 260 26.77 -6.19 -17.09
CA ALA D 260 26.36 -5.26 -16.05
C ALA D 260 26.64 -5.79 -14.64
N ALA D 261 26.57 -7.11 -14.46
CA ALA D 261 26.84 -7.75 -13.18
C ALA D 261 28.30 -7.56 -12.70
N ARG D 262 29.22 -7.42 -13.66
CA ARG D 262 30.65 -7.18 -13.37
C ARG D 262 30.85 -6.00 -12.43
N THR D 263 29.98 -4.99 -12.52
CA THR D 263 30.03 -3.80 -11.66
C THR D 263 28.80 -3.56 -10.76
N VAL D 264 28.00 -4.60 -10.53
CA VAL D 264 26.81 -4.53 -9.64
C VAL D 264 25.81 -3.46 -10.11
N LYS D 265 25.64 -3.36 -11.43
CA LYS D 265 24.73 -2.39 -12.03
C LYS D 265 23.33 -3.01 -11.96
N ARG D 266 22.35 -2.24 -11.52
CA ARG D 266 20.96 -2.71 -11.57
C ARG D 266 20.58 -3.02 -13.04
N VAL D 267 19.77 -4.05 -13.25
CA VAL D 267 19.41 -4.49 -14.60
C VAL D 267 17.90 -4.73 -14.67
N GLY D 268 17.23 -4.14 -15.66
CA GLY D 268 15.82 -4.47 -15.93
C GLY D 268 15.77 -5.11 -17.32
N LEU D 269 15.15 -6.29 -17.45
CA LEU D 269 15.11 -6.97 -18.74
C LEU D 269 13.68 -7.38 -19.12
N GLU D 270 13.27 -7.01 -20.32
CA GLU D 270 12.03 -7.48 -20.91
C GLU D 270 12.42 -8.17 -22.19
N LEU D 271 12.24 -9.48 -22.21
CA LEU D 271 12.83 -10.31 -23.22
C LEU D 271 11.76 -11.05 -24.04
N GLY D 272 12.17 -12.10 -24.74
CA GLY D 272 11.26 -12.81 -25.61
C GLY D 272 10.39 -13.84 -24.90
N GLY D 273 9.46 -14.43 -25.64
CA GLY D 273 8.63 -15.45 -25.07
C GLY D 273 8.16 -16.43 -26.10
N LYS D 274 7.41 -17.43 -25.65
CA LYS D 274 6.71 -18.36 -26.52
C LYS D 274 5.30 -18.52 -25.92
N GLY D 275 4.52 -17.42 -25.98
CA GLY D 275 3.22 -17.34 -25.32
C GLY D 275 2.17 -18.32 -25.85
N PRO D 276 1.52 -19.09 -24.95
CA PRO D 276 0.39 -19.90 -25.36
C PRO D 276 -0.94 -19.18 -25.23
N GLN D 277 -1.89 -19.49 -26.11
CA GLN D 277 -3.28 -19.23 -25.82
C GLN D 277 -3.96 -20.59 -25.64
N ILE D 278 -4.63 -20.77 -24.51
CA ILE D 278 -5.28 -22.02 -24.20
C ILE D 278 -6.76 -21.85 -24.49
N VAL D 279 -7.28 -22.66 -25.40
CA VAL D 279 -8.70 -22.54 -25.71
C VAL D 279 -9.40 -23.81 -25.25
N PHE D 280 -10.23 -23.63 -24.22
CA PHE D 280 -11.09 -24.71 -23.72
C PHE D 280 -12.36 -24.88 -24.56
N ALA D 281 -12.94 -26.07 -24.47
CA ALA D 281 -14.13 -26.45 -25.24
C ALA D 281 -15.37 -25.61 -24.96
N ASP D 282 -15.43 -24.99 -23.77
CA ASP D 282 -16.57 -24.16 -23.41
C ASP D 282 -16.32 -22.65 -23.70
N ALA D 283 -15.24 -22.32 -24.45
CA ALA D 283 -14.98 -20.92 -24.78
C ALA D 283 -16.02 -20.36 -25.77
N ASP D 284 -16.12 -19.03 -25.86
CA ASP D 284 -16.84 -18.38 -26.95
C ASP D 284 -16.02 -18.57 -28.21
N LEU D 285 -16.51 -19.42 -29.09
CA LEU D 285 -15.66 -19.92 -30.14
C LEU D 285 -15.28 -18.83 -31.13
N ASP D 286 -16.24 -17.98 -31.49
CA ASP D 286 -15.99 -16.88 -32.43
C ASP D 286 -15.03 -15.84 -31.85
N ALA D 287 -15.23 -15.48 -30.59
CA ALA D 287 -14.30 -14.57 -29.91
C ALA D 287 -12.90 -15.17 -29.82
N ALA D 288 -12.80 -16.46 -29.48
CA ALA D 288 -11.50 -17.12 -29.36
C ALA D 288 -10.75 -17.22 -30.69
N ALA D 289 -11.46 -17.62 -31.74
CA ALA D 289 -10.86 -17.70 -33.08
C ALA D 289 -10.25 -16.38 -33.50
N ASP D 290 -11.01 -15.30 -33.32
CA ASP D 290 -10.54 -13.96 -33.63
C ASP D 290 -9.34 -13.57 -32.76
N GLY D 291 -9.38 -13.96 -31.48
CA GLY D 291 -8.28 -13.70 -30.57
C GLY D 291 -7.05 -14.50 -30.96
N ILE D 292 -7.23 -15.72 -31.45
CA ILE D 292 -6.06 -16.51 -31.86
C ILE D 292 -5.37 -15.80 -33.03
N ALA D 293 -6.14 -15.37 -34.03
CA ALA D 293 -5.60 -14.67 -35.17
C ALA D 293 -4.91 -13.37 -34.70
N TYR D 294 -5.60 -12.60 -33.85
CA TYR D 294 -5.01 -11.38 -33.33
C TYR D 294 -3.68 -11.67 -32.62
N GLY D 295 -3.68 -12.69 -31.77
CA GLY D 295 -2.50 -13.01 -30.93
C GLY D 295 -1.24 -13.32 -31.75
N VAL D 296 -1.42 -13.96 -32.91
CA VAL D 296 -0.27 -14.42 -33.68
C VAL D 296 0.13 -13.43 -34.79
N TYR D 297 -0.87 -12.71 -35.33
CA TYR D 297 -0.65 -11.82 -36.48
C TYR D 297 -0.34 -10.36 -36.12
N HIS D 298 -0.71 -9.97 -34.89
CA HIS D 298 -0.44 -8.62 -34.44
C HIS D 298 1.03 -8.31 -34.64
N ASN D 299 1.30 -7.15 -35.23
CA ASN D 299 2.63 -6.71 -35.59
C ASN D 299 3.39 -7.75 -36.45
N ALA D 300 2.65 -8.47 -37.29
CA ALA D 300 3.20 -9.59 -38.09
C ALA D 300 3.88 -10.67 -37.24
N GLY D 301 3.39 -10.84 -36.00
CA GLY D 301 3.98 -11.81 -35.07
C GLY D 301 5.30 -11.40 -34.48
N GLN D 302 5.72 -10.14 -34.71
CA GLN D 302 7.02 -9.67 -34.24
C GLN D 302 6.75 -9.01 -32.91
N CYS D 303 6.44 -9.85 -31.93
CA CYS D 303 5.89 -9.35 -30.68
C CYS D 303 6.24 -10.37 -29.62
N CYS D 304 6.75 -9.89 -28.49
CA CYS D 304 7.19 -10.75 -27.41
C CYS D 304 6.02 -11.43 -26.71
N ILE D 305 4.88 -10.75 -26.66
CA ILE D 305 3.65 -11.29 -26.07
C ILE D 305 2.73 -11.91 -27.12
N SER D 306 3.28 -12.21 -28.29
CA SER D 306 2.56 -12.94 -29.32
C SER D 306 1.98 -14.22 -28.73
N GLY D 307 0.78 -14.56 -29.19
CA GLY D 307 0.24 -15.87 -28.93
C GLY D 307 0.79 -16.83 -29.99
N SER D 308 2.01 -17.32 -29.77
CA SER D 308 2.67 -18.15 -30.78
C SER D 308 2.32 -19.66 -30.74
N ARG D 309 1.80 -20.12 -29.60
CA ARG D 309 1.32 -21.50 -29.49
C ARG D 309 -0.17 -21.43 -29.24
N LEU D 310 -0.94 -22.21 -30.01
CA LEU D 310 -2.33 -22.40 -29.71
C LEU D 310 -2.51 -23.80 -29.08
N LEU D 311 -2.95 -23.84 -27.83
CA LEU D 311 -3.24 -25.09 -27.14
C LEU D 311 -4.76 -25.23 -27.10
N VAL D 312 -5.30 -26.24 -27.80
CA VAL D 312 -6.76 -26.32 -28.02
C VAL D 312 -7.29 -27.60 -27.47
N GLN D 313 -8.40 -27.54 -26.75
CA GLN D 313 -9.00 -28.74 -26.19
C GLN D 313 -9.56 -29.59 -27.34
N GLU D 314 -9.35 -30.90 -27.26
CA GLU D 314 -9.67 -31.84 -28.37
C GLU D 314 -11.00 -31.62 -29.04
N GLY D 315 -12.04 -31.43 -28.23
CA GLY D 315 -13.42 -31.30 -28.72
C GLY D 315 -13.78 -30.11 -29.59
N ILE D 316 -12.97 -29.06 -29.57
CA ILE D 316 -13.27 -27.87 -30.37
C ILE D 316 -12.19 -27.55 -31.40
N ARG D 317 -11.18 -28.40 -31.50
CA ARG D 317 -10.05 -28.16 -32.39
C ARG D 317 -10.52 -27.92 -33.83
N ASP D 318 -11.38 -28.80 -34.35
CA ASP D 318 -11.88 -28.66 -35.72
C ASP D 318 -12.70 -27.37 -35.91
N ALA D 319 -13.66 -27.12 -35.04
CA ALA D 319 -14.49 -25.93 -35.17
C ALA D 319 -13.66 -24.65 -35.03
N LEU D 320 -12.63 -24.70 -34.19
CA LEU D 320 -11.79 -23.53 -33.98
C LEU D 320 -10.86 -23.33 -35.19
N MSE D 321 -10.27 -24.42 -35.67
CA MSE D 321 -9.37 -24.35 -36.82
C MSE D 321 -10.08 -23.79 -38.05
O MSE D 321 -9.53 -22.95 -38.78
CB MSE D 321 -8.78 -25.73 -37.13
CG MSE D 321 -7.65 -25.69 -38.17
SE MSE D 321 -6.20 -24.47 -37.62
CE MSE D 321 -5.19 -25.70 -36.47
N GLU D 322 -11.31 -24.22 -38.27
CA GLU D 322 -12.10 -23.76 -39.40
C GLU D 322 -12.32 -22.24 -39.39
N ARG D 323 -12.65 -21.70 -38.21
CA ARG D 323 -12.88 -20.26 -38.09
C ARG D 323 -11.58 -19.50 -38.24
N LEU D 324 -10.52 -20.06 -37.65
CA LEU D 324 -9.20 -19.44 -37.68
C LEU D 324 -8.63 -19.34 -39.11
N LEU D 325 -8.73 -20.42 -39.87
CA LEU D 325 -8.24 -20.42 -41.25
C LEU D 325 -8.99 -19.40 -42.11
N ASP D 326 -10.29 -19.32 -41.88
CA ASP D 326 -11.14 -18.40 -42.60
C ASP D 326 -10.73 -16.94 -42.36
N ILE D 327 -10.60 -16.54 -41.10
CA ILE D 327 -10.02 -15.23 -40.80
C ILE D 327 -8.66 -15.06 -41.47
N SER D 328 -7.80 -16.06 -41.34
CA SER D 328 -6.43 -15.98 -41.81
C SER D 328 -6.36 -15.78 -43.33
N ARG D 329 -7.35 -16.31 -44.04
CA ARG D 329 -7.38 -16.21 -45.51
C ARG D 329 -7.89 -14.85 -46.00
N LYS D 330 -8.63 -14.15 -45.14
CA LYS D 330 -9.32 -12.91 -45.50
C LYS D 330 -8.68 -11.63 -44.94
N VAL D 331 -7.89 -11.77 -43.87
CA VAL D 331 -7.29 -10.61 -43.19
C VAL D 331 -6.29 -9.84 -44.07
N ALA D 332 -6.48 -8.53 -44.18
CA ALA D 332 -5.65 -7.69 -45.04
C ALA D 332 -4.21 -7.56 -44.55
N PHE D 333 -3.29 -7.89 -45.44
CA PHE D 333 -1.88 -7.75 -45.12
C PHE D 333 -1.09 -7.17 -46.31
N GLY D 334 0.05 -6.54 -46.03
CA GLY D 334 0.80 -5.86 -47.06
C GLY D 334 1.04 -4.40 -46.75
N ASP D 335 0.80 -3.55 -47.74
CA ASP D 335 1.14 -2.13 -47.70
C ASP D 335 0.90 -1.48 -46.33
N PRO D 336 1.97 -1.09 -45.61
CA PRO D 336 1.81 -0.43 -44.31
C PRO D 336 1.08 0.92 -44.41
N LEU D 337 1.14 1.57 -45.57
CA LEU D 337 0.51 2.87 -45.77
C LEU D 337 -0.97 2.80 -46.11
N ASN D 338 -1.47 1.61 -46.41
CA ASN D 338 -2.90 1.49 -46.68
C ASN D 338 -3.71 1.38 -45.38
N GLU D 339 -4.72 2.25 -45.24
CA GLU D 339 -5.52 2.31 -44.01
C GLU D 339 -6.24 1.01 -43.73
N ARG D 340 -6.40 0.18 -44.76
CA ARG D 340 -7.08 -1.12 -44.60
C ARG D 340 -6.17 -2.24 -44.06
N THR D 341 -4.87 -2.04 -44.12
CA THR D 341 -3.93 -3.10 -43.76
C THR D 341 -3.99 -3.43 -42.26
N LYS D 342 -3.99 -4.72 -41.94
CA LYS D 342 -4.05 -5.20 -40.55
C LYS D 342 -2.71 -5.75 -40.14
N ILE D 343 -1.95 -6.26 -41.12
CA ILE D 343 -0.66 -6.91 -40.91
C ILE D 343 0.31 -6.38 -41.96
N GLY D 344 1.45 -5.85 -41.50
CA GLY D 344 2.41 -5.17 -42.35
C GLY D 344 3.64 -5.99 -42.71
N ALA D 345 4.78 -5.33 -42.68
CA ALA D 345 6.01 -5.89 -43.23
C ALA D 345 6.92 -6.53 -42.17
N MSE D 346 7.77 -7.46 -42.62
CA MSE D 346 8.88 -7.98 -41.81
C MSE D 346 9.93 -6.90 -41.73
O MSE D 346 10.16 -6.18 -42.69
CB MSE D 346 9.53 -9.19 -42.48
CG MSE D 346 8.69 -10.45 -42.58
SE MSE D 346 8.28 -11.33 -40.86
CE MSE D 346 6.53 -10.51 -40.73
N ILE D 347 10.63 -6.83 -40.60
CA ILE D 347 11.55 -5.72 -40.34
C ILE D 347 12.79 -5.67 -41.23
N SER D 348 13.32 -6.83 -41.63
CA SER D 348 14.54 -6.92 -42.45
C SER D 348 14.58 -8.23 -43.17
N GLU D 349 15.44 -8.31 -44.17
CA GLU D 349 15.65 -9.54 -44.90
C GLU D 349 16.15 -10.64 -43.96
N ALA D 350 17.12 -10.33 -43.10
CA ALA D 350 17.70 -11.36 -42.20
C ALA D 350 16.63 -11.89 -41.25
N HIS D 351 15.76 -11.00 -40.78
CA HIS D 351 14.68 -11.46 -39.94
C HIS D 351 13.67 -12.28 -40.68
N ALA D 352 13.24 -11.85 -41.87
CA ALA D 352 12.32 -12.68 -42.65
C ALA D 352 12.94 -14.07 -42.89
N GLU D 353 14.27 -14.09 -43.06
CA GLU D 353 14.96 -15.35 -43.37
C GLU D 353 14.85 -16.28 -42.16
N LYS D 354 15.09 -15.71 -40.98
CA LYS D 354 14.97 -16.42 -39.71
C LYS D 354 13.59 -17.06 -39.58
N VAL D 355 12.55 -16.28 -39.87
CA VAL D 355 11.16 -16.78 -39.80
C VAL D 355 10.92 -17.95 -40.76
N HIS D 356 11.37 -17.79 -41.99
CA HIS D 356 11.21 -18.86 -42.96
C HIS D 356 11.96 -20.11 -42.54
N SER D 357 13.14 -19.94 -41.96
CA SER D 357 13.91 -21.11 -41.56
C SER D 357 13.20 -21.94 -40.49
N TYR D 358 12.41 -21.28 -39.62
CA TYR D 358 11.56 -22.01 -38.67
C TYR D 358 10.39 -22.68 -39.37
N VAL D 359 9.81 -22.03 -40.35
CA VAL D 359 8.77 -22.67 -41.14
C VAL D 359 9.33 -23.93 -41.85
N THR D 360 10.58 -23.86 -42.34
CA THR D 360 11.21 -25.03 -42.96
C THR D 360 11.42 -26.16 -41.94
N ALA D 361 11.99 -25.82 -40.78
CA ALA D 361 12.15 -26.80 -39.69
C ALA D 361 10.81 -27.45 -39.26
N GLY D 362 9.74 -26.65 -39.23
CA GLY D 362 8.40 -27.16 -38.95
C GLY D 362 8.02 -28.27 -39.91
N ILE D 363 8.15 -28.02 -41.20
CA ILE D 363 7.82 -28.99 -42.23
C ILE D 363 8.65 -30.26 -42.11
N THR D 364 9.96 -30.09 -41.89
CA THR D 364 10.84 -31.26 -41.76
C THR D 364 10.57 -32.06 -40.47
N SER D 365 10.00 -31.39 -39.45
CA SER D 365 9.61 -32.06 -38.20
C SER D 365 8.38 -32.94 -38.36
N GLY D 366 7.57 -32.67 -39.37
CA GLY D 366 6.40 -33.50 -39.65
C GLY D 366 5.10 -32.80 -39.32
N ALA D 367 5.21 -31.56 -38.87
CA ALA D 367 4.06 -30.69 -38.62
C ALA D 367 3.36 -30.36 -39.94
N GLU D 368 2.04 -30.25 -39.90
CA GLU D 368 1.19 -30.09 -41.08
C GLU D 368 0.91 -28.61 -41.40
N LEU D 369 1.51 -28.12 -42.49
CA LEU D 369 1.31 -26.75 -42.96
C LEU D 369 -0.12 -26.60 -43.46
N LEU D 370 -0.90 -25.75 -42.81
CA LEU D 370 -2.26 -25.54 -43.27
C LEU D 370 -2.40 -24.31 -44.15
N LEU D 371 -1.49 -23.35 -44.00
CA LEU D 371 -1.64 -22.07 -44.67
C LEU D 371 -0.31 -21.35 -44.65
N GLY D 372 -0.01 -20.62 -45.74
CA GLY D 372 1.15 -19.74 -45.78
C GLY D 372 2.47 -20.45 -45.91
N GLY D 373 3.46 -19.99 -45.15
CA GLY D 373 4.80 -20.56 -45.22
C GLY D 373 5.64 -20.10 -46.40
N GLU D 374 5.35 -18.91 -46.93
CA GLU D 374 6.18 -18.33 -48.01
C GLU D 374 6.18 -16.79 -47.95
N ARG D 375 7.23 -16.19 -48.50
CA ARG D 375 7.28 -14.75 -48.77
C ARG D 375 6.28 -14.34 -49.83
N ILE D 376 5.76 -13.12 -49.71
CA ILE D 376 4.75 -12.59 -50.63
C ILE D 376 5.21 -11.22 -51.16
N GLY D 377 4.86 -10.91 -52.41
CA GLY D 377 5.19 -9.63 -53.03
C GLY D 377 6.66 -9.33 -52.85
N ARG D 378 7.49 -10.33 -53.16
CA ARG D 378 8.94 -10.28 -52.93
C ARG D 378 9.59 -9.06 -53.60
N GLU D 379 9.14 -8.71 -54.79
CA GLU D 379 9.69 -7.56 -55.51
C GLU D 379 9.37 -6.21 -54.82
N ALA D 380 8.19 -6.09 -54.21
CA ALA D 380 7.70 -4.82 -53.66
C ALA D 380 8.24 -4.48 -52.24
N GLY D 381 8.51 -5.50 -51.43
CA GLY D 381 9.02 -5.28 -50.06
C GLY D 381 9.09 -6.57 -49.25
N LEU D 382 9.19 -6.45 -47.93
CA LEU D 382 9.35 -7.62 -47.07
C LEU D 382 8.03 -8.09 -46.47
N TYR D 383 7.46 -9.15 -47.03
CA TYR D 383 6.15 -9.65 -46.55
C TYR D 383 6.13 -11.14 -46.39
N TYR D 384 5.65 -11.60 -45.23
CA TYR D 384 5.53 -13.03 -45.02
C TYR D 384 4.07 -13.38 -44.80
N ALA D 385 3.61 -14.43 -45.49
CA ALA D 385 2.22 -14.88 -45.44
C ALA D 385 1.79 -15.31 -44.01
N PRO D 386 0.52 -15.05 -43.64
CA PRO D 386 -0.03 -15.66 -42.41
C PRO D 386 0.13 -17.18 -42.47
N THR D 387 0.77 -17.76 -41.46
CA THR D 387 1.13 -19.19 -41.50
C THR D 387 0.61 -19.96 -40.27
N VAL D 388 -0.03 -21.10 -40.54
CA VAL D 388 -0.60 -21.95 -39.50
C VAL D 388 -0.11 -23.39 -39.66
N PHE D 389 0.50 -23.92 -38.60
CA PHE D 389 0.81 -25.36 -38.49
C PHE D 389 -0.20 -26.05 -37.57
N ALA D 390 -0.61 -27.25 -37.96
CA ALA D 390 -1.32 -28.18 -37.08
C ALA D 390 -0.42 -29.39 -36.80
N GLY D 391 -0.82 -30.25 -35.85
CA GLY D 391 -0.10 -31.49 -35.59
C GLY D 391 1.24 -31.27 -34.94
N VAL D 392 1.37 -30.17 -34.21
CA VAL D 392 2.64 -29.81 -33.59
C VAL D 392 2.78 -30.60 -32.29
N THR D 393 3.99 -31.06 -32.00
CA THR D 393 4.27 -31.72 -30.73
C THR D 393 5.32 -30.92 -29.95
N PRO D 394 5.33 -31.06 -28.60
CA PRO D 394 6.11 -30.21 -27.69
C PRO D 394 7.61 -30.23 -27.92
N ASP D 395 8.14 -31.34 -28.46
CA ASP D 395 9.58 -31.48 -28.69
C ASP D 395 10.11 -30.67 -29.89
N MSE D 396 9.23 -30.38 -30.86
CA MSE D 396 9.58 -29.68 -32.11
C MSE D 396 10.11 -28.29 -31.86
O MSE D 396 9.64 -27.59 -30.97
CB MSE D 396 8.37 -29.58 -33.04
CG MSE D 396 7.87 -30.89 -33.58
SE MSE D 396 6.36 -30.59 -34.76
CE MSE D 396 5.78 -32.44 -35.14
N SER D 397 11.10 -27.87 -32.66
CA SER D 397 11.75 -26.58 -32.48
C SER D 397 10.75 -25.43 -32.67
N ILE D 398 9.73 -25.64 -33.50
CA ILE D 398 8.67 -24.63 -33.66
C ILE D 398 7.70 -24.51 -32.48
N ALA D 399 7.66 -25.52 -31.61
CA ALA D 399 6.85 -25.43 -30.38
C ALA D 399 7.59 -24.78 -29.24
N ARG D 400 8.92 -24.65 -29.35
CA ARG D 400 9.78 -24.24 -28.25
C ARG D 400 10.49 -22.93 -28.43
N GLU D 401 10.93 -22.62 -29.65
CA GLU D 401 11.75 -21.44 -29.91
C GLU D 401 10.92 -20.29 -30.48
N GLU D 402 11.32 -19.06 -30.14
CA GLU D 402 10.57 -17.88 -30.51
C GLU D 402 10.81 -17.58 -31.98
N ILE D 403 9.76 -17.68 -32.79
CA ILE D 403 9.88 -17.46 -34.23
C ILE D 403 9.83 -15.96 -34.59
N PHE D 404 8.95 -15.21 -33.90
CA PHE D 404 8.87 -13.76 -34.11
C PHE D 404 8.37 -13.40 -35.53
N GLY D 405 7.57 -14.29 -36.11
CA GLY D 405 6.87 -14.05 -37.36
C GLY D 405 5.43 -14.50 -37.27
N PRO D 406 4.64 -14.27 -38.34
CA PRO D 406 3.25 -14.58 -38.21
C PRO D 406 3.01 -16.08 -38.39
N VAL D 407 3.55 -16.90 -37.46
CA VAL D 407 3.56 -18.35 -37.62
C VAL D 407 2.98 -19.00 -36.36
N LEU D 408 1.82 -19.66 -36.49
CA LEU D 408 1.15 -20.25 -35.34
C LEU D 408 1.40 -21.74 -35.26
N SER D 409 1.80 -22.22 -34.09
CA SER D 409 1.94 -23.65 -33.85
C SER D 409 0.77 -24.19 -33.01
N THR D 410 0.04 -25.17 -33.54
CA THR D 410 -1.13 -25.74 -32.86
C THR D 410 -0.89 -27.13 -32.23
N LEU D 411 -1.20 -27.22 -30.94
CA LEU D 411 -1.09 -28.45 -30.15
C LEU D 411 -2.44 -28.70 -29.46
N THR D 412 -2.82 -29.96 -29.28
CA THR D 412 -4.10 -30.25 -28.64
C THR D 412 -3.89 -30.80 -27.22
N PHE D 413 -4.95 -30.76 -26.42
CA PHE D 413 -4.94 -31.37 -25.10
C PHE D 413 -6.33 -31.88 -24.77
N LYS D 414 -6.44 -32.73 -23.76
CA LYS D 414 -7.73 -33.22 -23.29
C LYS D 414 -8.20 -32.55 -22.01
N THR D 415 -7.29 -32.36 -21.03
CA THR D 415 -7.67 -31.88 -19.70
C THR D 415 -6.97 -30.55 -19.34
N ALA D 416 -7.56 -29.81 -18.41
CA ALA D 416 -6.96 -28.57 -17.90
C ALA D 416 -5.56 -28.81 -17.36
N ASP D 417 -5.35 -29.93 -16.65
CA ASP D 417 -4.04 -30.28 -16.12
C ASP D 417 -2.99 -30.47 -17.20
N GLU D 418 -3.37 -31.13 -18.31
CA GLU D 418 -2.47 -31.21 -19.47
C GLU D 418 -2.15 -29.86 -20.08
N ALA D 419 -3.16 -29.01 -20.21
CA ALA D 419 -2.94 -27.69 -20.80
C ALA D 419 -1.95 -26.82 -19.99
N VAL D 420 -2.10 -26.82 -18.66
CA VAL D 420 -1.13 -26.14 -17.79
C VAL D 420 0.27 -26.70 -17.99
N ALA D 421 0.40 -28.03 -18.00
CA ALA D 421 1.71 -28.70 -18.20
C ALA D 421 2.34 -28.28 -19.54
N LEU D 422 1.55 -28.29 -20.62
CA LEU D 422 2.07 -27.82 -21.94
C LEU D 422 2.45 -26.34 -21.93
N ALA D 423 1.57 -25.51 -21.38
CA ALA D 423 1.80 -24.06 -21.36
C ALA D 423 3.12 -23.78 -20.64
N ASN D 424 3.37 -24.50 -19.55
CA ASN D 424 4.57 -24.30 -18.76
C ASN D 424 5.85 -25.01 -19.27
N ALA D 425 5.73 -25.86 -20.29
CA ALA D 425 6.89 -26.66 -20.76
C ALA D 425 7.72 -25.85 -21.74
N THR D 426 8.28 -24.75 -21.23
CA THR D 426 8.97 -23.73 -21.99
C THR D 426 9.98 -23.13 -21.03
N GLU D 427 11.10 -22.62 -21.55
CA GLU D 427 12.02 -21.83 -20.71
C GLU D 427 11.51 -20.39 -20.59
N PHE D 428 10.48 -20.04 -21.35
CA PHE D 428 9.96 -18.65 -21.33
C PHE D 428 8.82 -18.52 -20.31
N GLY D 429 8.38 -17.29 -20.06
CA GLY D 429 7.28 -17.06 -19.15
C GLY D 429 6.80 -15.63 -19.22
N LEU D 430 6.63 -15.11 -20.43
CA LEU D 430 6.24 -13.70 -20.56
C LEU D 430 4.72 -13.54 -20.52
N SER D 431 3.99 -14.23 -21.40
CA SER D 431 2.55 -14.03 -21.53
C SER D 431 1.81 -15.36 -21.70
N ALA D 432 0.49 -15.32 -21.48
CA ALA D 432 -0.42 -16.45 -21.73
C ALA D 432 -1.83 -15.95 -21.72
N SER D 433 -2.70 -16.55 -22.54
CA SER D 433 -4.15 -16.28 -22.49
C SER D 433 -4.87 -17.58 -22.24
N VAL D 434 -5.99 -17.49 -21.54
CA VAL D 434 -6.92 -18.61 -21.35
C VAL D 434 -8.28 -18.15 -21.82
N TRP D 435 -8.91 -18.95 -22.70
CA TRP D 435 -10.26 -18.72 -23.16
C TRP D 435 -11.17 -19.82 -22.60
N SER D 436 -12.19 -19.41 -21.82
CA SER D 436 -13.14 -20.34 -21.19
C SER D 436 -14.27 -19.54 -20.58
N THR D 437 -15.48 -20.07 -20.60
CA THR D 437 -16.59 -19.39 -19.89
C THR D 437 -16.77 -19.92 -18.44
N ASN D 438 -15.90 -20.82 -18.02
CA ASN D 438 -16.01 -21.52 -16.75
C ASN D 438 -15.11 -20.79 -15.71
N LEU D 439 -15.73 -20.38 -14.60
CA LEU D 439 -15.03 -19.64 -13.53
C LEU D 439 -13.77 -20.37 -13.03
N GLU D 440 -13.94 -21.63 -12.67
CA GLU D 440 -12.83 -22.42 -12.11
C GLU D 440 -11.74 -22.70 -13.15
N THR D 441 -12.15 -23.16 -14.33
CA THR D 441 -11.18 -23.43 -15.39
C THR D 441 -10.35 -22.19 -15.74
N ALA D 442 -11.00 -21.05 -15.94
CA ALA D 442 -10.27 -19.84 -16.35
C ALA D 442 -9.29 -19.37 -15.27
N LEU D 443 -9.80 -19.23 -14.04
CA LEU D 443 -8.98 -18.71 -12.94
C LEU D 443 -7.89 -19.67 -12.47
N GLN D 444 -8.25 -20.92 -12.21
CA GLN D 444 -7.23 -21.89 -11.82
C GLN D 444 -6.18 -22.08 -12.91
N THR D 445 -6.58 -22.11 -14.18
CA THR D 445 -5.57 -22.27 -15.24
C THR D 445 -4.63 -21.07 -15.24
N ILE D 446 -5.17 -19.85 -15.19
CA ILE D 446 -4.32 -18.67 -15.22
C ILE D 446 -3.42 -18.58 -13.96
N ARG D 447 -3.92 -19.06 -12.82
CA ARG D 447 -3.15 -19.03 -11.57
C ARG D 447 -1.97 -19.99 -11.61
N ARG D 448 -2.11 -21.04 -12.43
CA ARG D 448 -1.10 -22.14 -12.48
C ARG D 448 -0.07 -22.02 -13.63
N ILE D 449 -0.31 -21.10 -14.55
CA ILE D 449 0.66 -20.81 -15.60
C ILE D 449 1.72 -19.80 -15.11
N ARG D 450 2.98 -20.16 -15.29
CA ARG D 450 4.09 -19.35 -14.84
C ARG D 450 4.43 -18.29 -15.89
N ALA D 451 3.65 -17.23 -15.93
CA ALA D 451 3.82 -16.19 -16.93
C ALA D 451 3.41 -14.88 -16.27
N GLY D 452 4.13 -13.80 -16.56
CA GLY D 452 3.91 -12.53 -15.88
C GLY D 452 2.79 -11.66 -16.42
N ARG D 453 2.45 -11.85 -17.70
CA ARG D 453 1.48 -11.02 -18.39
C ARG D 453 0.37 -11.92 -18.89
N CYS D 454 -0.75 -11.95 -18.19
CA CYS D 454 -1.79 -12.94 -18.52
C CYS D 454 -3.07 -12.28 -18.92
N TRP D 455 -3.90 -13.03 -19.64
CA TRP D 455 -5.17 -12.54 -20.13
C TRP D 455 -6.21 -13.66 -19.97
N ILE D 456 -7.46 -13.28 -19.70
CA ILE D 456 -8.56 -14.24 -19.81
C ILE D 456 -9.52 -13.70 -20.84
N ASN D 457 -9.93 -14.56 -21.76
CA ASN D 457 -10.86 -14.19 -22.85
C ASN D 457 -10.40 -12.93 -23.58
N SER D 458 -9.10 -12.84 -23.80
CA SER D 458 -8.53 -11.68 -24.48
C SER D 458 -7.06 -11.95 -24.76
N VAL D 459 -6.40 -11.03 -25.48
CA VAL D 459 -4.97 -11.16 -25.82
C VAL D 459 -4.41 -9.78 -26.21
N ILE D 460 -3.10 -9.59 -26.05
CA ILE D 460 -2.39 -8.39 -26.51
C ILE D 460 -2.71 -7.07 -25.76
N ASP D 461 -4.00 -6.72 -25.69
CA ASP D 461 -4.40 -5.38 -25.24
C ASP D 461 -4.34 -5.23 -23.70
N GLY D 462 -3.59 -4.23 -23.25
CA GLY D 462 -3.36 -4.00 -21.82
C GLY D 462 -3.58 -2.55 -21.46
N THR D 463 -3.16 -2.17 -20.25
CA THR D 463 -3.44 -0.85 -19.67
C THR D 463 -2.19 -0.34 -18.99
N PRO D 464 -1.99 1.00 -18.94
CA PRO D 464 -0.84 1.52 -18.22
C PRO D 464 -0.95 1.21 -16.73
N GLU D 465 -2.15 0.87 -16.25
CA GLU D 465 -2.41 0.74 -14.81
C GLU D 465 -1.83 -0.53 -14.18
N LEU D 466 -1.67 -1.56 -15.01
CA LEU D 466 -1.21 -2.86 -14.53
C LEU D 466 0.25 -3.09 -14.89
N PRO D 467 1.02 -3.76 -14.00
CA PRO D 467 2.45 -4.06 -14.24
C PRO D 467 2.66 -5.10 -15.34
N ILE D 468 3.78 -5.00 -16.04
CA ILE D 468 4.16 -5.98 -17.05
C ILE D 468 5.58 -6.48 -16.75
N GLY D 469 5.82 -7.76 -17.04
CA GLY D 469 7.17 -8.35 -16.97
C GLY D 469 7.08 -9.87 -17.06
N GLY D 470 8.22 -10.55 -17.11
CA GLY D 470 8.21 -12.00 -17.31
C GLY D 470 8.58 -12.85 -16.11
N TYR D 471 8.21 -14.12 -16.15
CA TYR D 471 8.85 -15.16 -15.30
C TYR D 471 9.98 -15.81 -16.08
N LYS D 472 10.79 -16.62 -15.39
CA LYS D 472 11.74 -17.53 -16.02
C LYS D 472 12.71 -16.72 -16.91
N LYS D 473 12.95 -17.16 -18.15
CA LYS D 473 13.94 -16.46 -19.00
C LYS D 473 13.37 -15.25 -19.80
N SER D 474 12.11 -14.90 -19.56
CA SER D 474 11.50 -13.78 -20.28
C SER D 474 11.74 -12.40 -19.67
N GLY D 475 12.42 -12.33 -18.53
CA GLY D 475 12.75 -11.02 -17.98
C GLY D 475 13.11 -10.94 -16.52
N LEU D 476 13.53 -9.74 -16.11
CA LEU D 476 13.78 -9.43 -14.71
C LEU D 476 13.18 -8.08 -14.41
N GLY D 477 12.41 -8.00 -13.32
CA GLY D 477 11.78 -6.75 -12.92
C GLY D 477 10.37 -6.62 -13.47
N ARG D 478 9.73 -5.48 -13.17
CA ARG D 478 8.36 -5.19 -13.55
C ARG D 478 8.25 -3.72 -13.92
N GLU D 479 7.61 -3.47 -15.04
CA GLU D 479 7.42 -2.14 -15.59
C GLU D 479 5.94 -1.76 -15.48
N LEU D 480 5.66 -0.47 -15.65
CA LEU D 480 4.29 0.09 -15.73
C LEU D 480 3.60 0.09 -14.39
N GLY D 481 2.38 0.60 -14.39
CA GLY D 481 1.57 0.68 -13.17
C GLY D 481 2.32 1.47 -12.13
N ARG D 482 2.15 1.09 -10.87
CA ARG D 482 2.98 1.61 -9.80
C ARG D 482 4.35 0.89 -9.69
N TYR D 483 4.44 -0.32 -10.23
CA TYR D 483 5.64 -1.15 -10.14
C TYR D 483 6.87 -0.55 -10.82
N GLY D 484 6.65 0.08 -11.98
CA GLY D 484 7.76 0.64 -12.76
C GLY D 484 8.53 1.68 -11.99
N PHE D 485 7.83 2.43 -11.15
CA PHE D 485 8.53 3.45 -10.34
C PHE D 485 9.46 2.83 -9.32
N ASP D 486 9.09 1.65 -8.82
CA ASP D 486 9.96 0.90 -7.93
C ASP D 486 11.25 0.40 -8.65
N GLU D 487 11.11 -0.02 -9.90
CA GLU D 487 12.24 -0.35 -10.76
C GLU D 487 13.28 0.76 -10.88
N TYR D 488 12.83 2.02 -10.89
CA TYR D 488 13.77 3.16 -11.08
C TYR D 488 14.05 3.95 -9.80
N SER D 489 13.69 3.36 -8.66
CA SER D 489 13.85 4.00 -7.34
C SER D 489 14.80 3.19 -6.45
N GLN D 490 15.50 3.87 -5.55
CA GLN D 490 16.22 3.24 -4.45
C GLN D 490 15.42 3.57 -3.21
N PHE D 491 15.41 2.66 -2.25
CA PHE D 491 14.70 2.89 -1.00
C PHE D 491 15.72 2.99 0.16
N LYS D 492 15.58 4.02 0.97
CA LYS D 492 16.53 4.26 2.04
C LYS D 492 15.79 4.08 3.37
N GLY D 493 16.19 3.07 4.14
CA GLY D 493 15.65 2.85 5.49
C GLY D 493 16.41 3.68 6.53
N VAL D 494 15.69 4.50 7.30
CA VAL D 494 16.33 5.37 8.24
C VAL D 494 15.80 5.09 9.64
N HIS D 495 16.70 4.69 10.55
CA HIS D 495 16.32 4.57 11.95
C HIS D 495 16.73 5.86 12.66
N VAL D 496 15.73 6.66 13.03
CA VAL D 496 15.97 8.00 13.62
C VAL D 496 15.79 7.92 15.12
N THR D 497 16.87 8.18 15.86
CA THR D 497 16.76 8.25 17.30
C THR D 497 16.63 9.72 17.67
N LEU D 498 15.59 10.02 18.43
CA LEU D 498 15.32 11.38 18.89
C LEU D 498 15.89 11.46 20.31
N GLY D 499 16.94 12.25 20.45
CA GLY D 499 17.71 12.29 21.69
C GLY D 499 18.91 11.36 21.55
N ARG D 500 19.11 10.51 22.54
CA ARG D 500 20.23 9.57 22.48
C ARG D 500 19.83 8.11 22.66
N PRO D 501 20.56 7.21 21.99
CA PRO D 501 20.31 5.80 22.26
C PRO D 501 20.87 5.38 23.63
N ALA D 502 20.47 4.20 24.11
CA ALA D 502 21.11 3.55 25.26
C ALA D 502 22.56 3.25 24.88
N PRO D 503 23.51 3.51 25.80
CA PRO D 503 24.91 3.32 25.40
C PRO D 503 25.29 1.86 25.28
N TRP D 504 26.19 1.54 24.35
CA TRP D 504 26.76 0.20 24.21
C TRP D 504 27.79 -0.08 25.31
N PHE D 505 28.69 0.87 25.52
CA PHE D 505 29.67 0.68 26.56
C PHE D 505 29.12 1.12 27.91
N THR D 506 28.97 0.15 28.80
CA THR D 506 28.63 0.38 30.20
C THR D 506 29.77 -0.17 31.09
CA CA E . -27.62 -26.00 37.16
#